data_1C25
# 
_entry.id   1C25 
# 
_audit_conform.dict_name       mmcif_pdbx.dic 
_audit_conform.dict_version    5.385 
_audit_conform.dict_location   http://mmcif.pdb.org/dictionaries/ascii/mmcif_pdbx.dic 
# 
loop_
_database_2.database_id 
_database_2.database_code 
_database_2.pdbx_database_accession 
_database_2.pdbx_DOI 
PDB   1C25         pdb_00001c25 10.2210/pdb1c25/pdb 
WWPDB D_1000172164 ?            ?                   
# 
loop_
_pdbx_audit_revision_history.ordinal 
_pdbx_audit_revision_history.data_content_type 
_pdbx_audit_revision_history.major_revision 
_pdbx_audit_revision_history.minor_revision 
_pdbx_audit_revision_history.revision_date 
1 'Structure model' 1 0 1998-08-19 
2 'Structure model' 1 1 2008-03-24 
3 'Structure model' 1 2 2011-07-13 
4 'Structure model' 1 3 2024-02-07 
# 
_pdbx_audit_revision_details.ordinal             1 
_pdbx_audit_revision_details.revision_ordinal    1 
_pdbx_audit_revision_details.data_content_type   'Structure model' 
_pdbx_audit_revision_details.provider            repository 
_pdbx_audit_revision_details.type                'Initial release' 
_pdbx_audit_revision_details.description         ? 
_pdbx_audit_revision_details.details             ? 
# 
loop_
_pdbx_audit_revision_group.ordinal 
_pdbx_audit_revision_group.revision_ordinal 
_pdbx_audit_revision_group.data_content_type 
_pdbx_audit_revision_group.group 
1 2 'Structure model' 'Version format compliance' 
2 3 'Structure model' 'Version format compliance' 
3 4 'Structure model' 'Data collection'           
4 4 'Structure model' 'Database references'       
5 4 'Structure model' Other                       
# 
loop_
_pdbx_audit_revision_category.ordinal 
_pdbx_audit_revision_category.revision_ordinal 
_pdbx_audit_revision_category.data_content_type 
_pdbx_audit_revision_category.category 
1 4 'Structure model' chem_comp_atom       
2 4 'Structure model' chem_comp_bond       
3 4 'Structure model' database_2           
4 4 'Structure model' pdbx_database_status 
# 
loop_
_pdbx_audit_revision_item.ordinal 
_pdbx_audit_revision_item.revision_ordinal 
_pdbx_audit_revision_item.data_content_type 
_pdbx_audit_revision_item.item 
1 4 'Structure model' '_database_2.pdbx_DOI'                
2 4 'Structure model' '_database_2.pdbx_database_accession' 
3 4 'Structure model' '_pdbx_database_status.process_site'  
# 
_pdbx_database_status.status_code                     REL 
_pdbx_database_status.entry_id                        1C25 
_pdbx_database_status.recvd_initial_deposition_date   1998-04-17 
_pdbx_database_status.deposit_site                    ? 
_pdbx_database_status.process_site                    BNL 
_pdbx_database_status.SG_entry                        . 
_pdbx_database_status.pdb_format_compatible           Y 
_pdbx_database_status.status_code_mr                  ? 
_pdbx_database_status.status_code_sf                  ? 
_pdbx_database_status.status_code_cs                  ? 
_pdbx_database_status.status_code_nmr_data            ? 
_pdbx_database_status.methods_development_category    ? 
# 
loop_
_audit_author.name 
_audit_author.pdbx_ordinal 
'Fauman, E.B.'      1 
'Cogswell, J.P.'    2 
'Lovejoy, B.'       3 
'Rocque, W.J.'      4 
'Holmes, W.'        5 
'Montana, V.G.'     6 
'Piwnica-Worms, H.' 7 
'Rink, M.J.'        8 
'Saper, M.A.'       9 
# 
_citation.id                        primary 
_citation.title                     
'Crystal structure of the catalytic domain of the human cell cycle control phosphatase, Cdc25A.' 
_citation.journal_abbrev            'Cell(Cambridge,Mass.)' 
_citation.journal_volume            93 
_citation.page_first                617 
_citation.page_last                 625 
_citation.year                      1998 
_citation.journal_id_ASTM           CELLB5 
_citation.country                   US 
_citation.journal_id_ISSN           0092-8674 
_citation.journal_id_CSD            0998 
_citation.book_publisher            ? 
_citation.pdbx_database_id_PubMed   9604936 
_citation.pdbx_database_id_DOI      '10.1016/S0092-8674(00)81190-3' 
# 
loop_
_citation_author.citation_id 
_citation_author.name 
_citation_author.ordinal 
_citation_author.identifier_ORCID 
primary 'Fauman, E.B.'      1 ? 
primary 'Cogswell, J.P.'    2 ? 
primary 'Lovejoy, B.'       3 ? 
primary 'Rocque, W.J.'      4 ? 
primary 'Holmes, W.'        5 ? 
primary 'Montana, V.G.'     6 ? 
primary 'Piwnica-Worms, H.' 7 ? 
primary 'Rink, M.J.'        8 ? 
primary 'Saper, M.A.'       9 ? 
# 
loop_
_entity.id 
_entity.type 
_entity.src_method 
_entity.pdbx_description 
_entity.formula_weight 
_entity.pdbx_number_of_molecules 
_entity.pdbx_ec 
_entity.pdbx_mutation 
_entity.pdbx_fragment 
_entity.details 
1 polymer man CDC25A 19010.982 1  3.1.3.48 'INS(M335)' 'CATALYTIC DOMAIN' ? 
2 water   nat water  18.015    82 ?        ?           ?                  ? 
# 
_entity_name_com.entity_id   1 
_entity_name_com.name        'M-PHASE INDUCER PHOSPHATASE 1' 
# 
_entity_poly.entity_id                      1 
_entity_poly.type                           'polypeptide(L)' 
_entity_poly.nstd_linkage                   no 
_entity_poly.nstd_monomer                   no 
_entity_poly.pdbx_seq_one_letter_code       
;MLIGDFSKGYLFHTVAGKHQDLKYISPEIMASVLNGKFANLIKEFVIIDCRYPYEYEGGHIKGAVNLHMEEEVEDFLLKK
PIVPTDGKRVIVVFHCEFSSERGPRMCRYVRERDRLGNEYPKLHYPELYVLKGGYKEFFMKCQSYCEPPSYRPMHHEDFK
E
;
_entity_poly.pdbx_seq_one_letter_code_can   
;MLIGDFSKGYLFHTVAGKHQDLKYISPEIMASVLNGKFANLIKEFVIIDCRYPYEYEGGHIKGAVNLHMEEEVEDFLLKK
PIVPTDGKRVIVVFHCEFSSERGPRMCRYVRERDRLGNEYPKLHYPELYVLKGGYKEFFMKCQSYCEPPSYRPMHHEDFK
E
;
_entity_poly.pdbx_strand_id                 A 
_entity_poly.pdbx_target_identifier         ? 
# 
_pdbx_entity_nonpoly.entity_id   2 
_pdbx_entity_nonpoly.name        water 
_pdbx_entity_nonpoly.comp_id     HOH 
# 
loop_
_entity_poly_seq.entity_id 
_entity_poly_seq.num 
_entity_poly_seq.mon_id 
_entity_poly_seq.hetero 
1 1   MET n 
1 2   LEU n 
1 3   ILE n 
1 4   GLY n 
1 5   ASP n 
1 6   PHE n 
1 7   SER n 
1 8   LYS n 
1 9   GLY n 
1 10  TYR n 
1 11  LEU n 
1 12  PHE n 
1 13  HIS n 
1 14  THR n 
1 15  VAL n 
1 16  ALA n 
1 17  GLY n 
1 18  LYS n 
1 19  HIS n 
1 20  GLN n 
1 21  ASP n 
1 22  LEU n 
1 23  LYS n 
1 24  TYR n 
1 25  ILE n 
1 26  SER n 
1 27  PRO n 
1 28  GLU n 
1 29  ILE n 
1 30  MET n 
1 31  ALA n 
1 32  SER n 
1 33  VAL n 
1 34  LEU n 
1 35  ASN n 
1 36  GLY n 
1 37  LYS n 
1 38  PHE n 
1 39  ALA n 
1 40  ASN n 
1 41  LEU n 
1 42  ILE n 
1 43  LYS n 
1 44  GLU n 
1 45  PHE n 
1 46  VAL n 
1 47  ILE n 
1 48  ILE n 
1 49  ASP n 
1 50  CYS n 
1 51  ARG n 
1 52  TYR n 
1 53  PRO n 
1 54  TYR n 
1 55  GLU n 
1 56  TYR n 
1 57  GLU n 
1 58  GLY n 
1 59  GLY n 
1 60  HIS n 
1 61  ILE n 
1 62  LYS n 
1 63  GLY n 
1 64  ALA n 
1 65  VAL n 
1 66  ASN n 
1 67  LEU n 
1 68  HIS n 
1 69  MET n 
1 70  GLU n 
1 71  GLU n 
1 72  GLU n 
1 73  VAL n 
1 74  GLU n 
1 75  ASP n 
1 76  PHE n 
1 77  LEU n 
1 78  LEU n 
1 79  LYS n 
1 80  LYS n 
1 81  PRO n 
1 82  ILE n 
1 83  VAL n 
1 84  PRO n 
1 85  THR n 
1 86  ASP n 
1 87  GLY n 
1 88  LYS n 
1 89  ARG n 
1 90  VAL n 
1 91  ILE n 
1 92  VAL n 
1 93  VAL n 
1 94  PHE n 
1 95  HIS n 
1 96  CYS n 
1 97  GLU n 
1 98  PHE n 
1 99  SER n 
1 100 SER n 
1 101 GLU n 
1 102 ARG n 
1 103 GLY n 
1 104 PRO n 
1 105 ARG n 
1 106 MET n 
1 107 CYS n 
1 108 ARG n 
1 109 TYR n 
1 110 VAL n 
1 111 ARG n 
1 112 GLU n 
1 113 ARG n 
1 114 ASP n 
1 115 ARG n 
1 116 LEU n 
1 117 GLY n 
1 118 ASN n 
1 119 GLU n 
1 120 TYR n 
1 121 PRO n 
1 122 LYS n 
1 123 LEU n 
1 124 HIS n 
1 125 TYR n 
1 126 PRO n 
1 127 GLU n 
1 128 LEU n 
1 129 TYR n 
1 130 VAL n 
1 131 LEU n 
1 132 LYS n 
1 133 GLY n 
1 134 GLY n 
1 135 TYR n 
1 136 LYS n 
1 137 GLU n 
1 138 PHE n 
1 139 PHE n 
1 140 MET n 
1 141 LYS n 
1 142 CYS n 
1 143 GLN n 
1 144 SER n 
1 145 TYR n 
1 146 CYS n 
1 147 GLU n 
1 148 PRO n 
1 149 PRO n 
1 150 SER n 
1 151 TYR n 
1 152 ARG n 
1 153 PRO n 
1 154 MET n 
1 155 HIS n 
1 156 HIS n 
1 157 GLU n 
1 158 ASP n 
1 159 PHE n 
1 160 LYS n 
1 161 GLU n 
# 
_entity_src_gen.entity_id                          1 
_entity_src_gen.pdbx_src_id                        1 
_entity_src_gen.pdbx_alt_source_flag               sample 
_entity_src_gen.pdbx_seq_type                      ? 
_entity_src_gen.pdbx_beg_seq_num                   ? 
_entity_src_gen.pdbx_end_seq_num                   ? 
_entity_src_gen.gene_src_common_name               human 
_entity_src_gen.gene_src_genus                     Homo 
_entity_src_gen.pdbx_gene_src_gene                 CDC25A 
_entity_src_gen.gene_src_species                   ? 
_entity_src_gen.gene_src_strain                    ? 
_entity_src_gen.gene_src_tissue                    ? 
_entity_src_gen.gene_src_tissue_fraction           ? 
_entity_src_gen.gene_src_details                   ? 
_entity_src_gen.pdbx_gene_src_fragment             ? 
_entity_src_gen.pdbx_gene_src_scientific_name      'Homo sapiens' 
_entity_src_gen.pdbx_gene_src_ncbi_taxonomy_id     9606 
_entity_src_gen.pdbx_gene_src_variant              ? 
_entity_src_gen.pdbx_gene_src_cell_line            BL21 
_entity_src_gen.pdbx_gene_src_atcc                 ? 
_entity_src_gen.pdbx_gene_src_organ                ? 
_entity_src_gen.pdbx_gene_src_organelle            ? 
_entity_src_gen.pdbx_gene_src_cell                 ? 
_entity_src_gen.pdbx_gene_src_cellular_location    CYTOPLASM 
_entity_src_gen.host_org_common_name               ? 
_entity_src_gen.pdbx_host_org_scientific_name      'Escherichia coli BL21(DE3)' 
_entity_src_gen.pdbx_host_org_ncbi_taxonomy_id     469008 
_entity_src_gen.host_org_genus                     Escherichia 
_entity_src_gen.pdbx_host_org_gene                 ? 
_entity_src_gen.pdbx_host_org_organ                ? 
_entity_src_gen.host_org_species                   'Escherichia coli' 
_entity_src_gen.pdbx_host_org_tissue               ? 
_entity_src_gen.pdbx_host_org_tissue_fraction      ? 
_entity_src_gen.pdbx_host_org_strain               'BL21 (DE3)' 
_entity_src_gen.pdbx_host_org_variant              ? 
_entity_src_gen.pdbx_host_org_cell_line            ? 
_entity_src_gen.pdbx_host_org_atcc                 ? 
_entity_src_gen.pdbx_host_org_culture_collection   ? 
_entity_src_gen.pdbx_host_org_cell                 ? 
_entity_src_gen.pdbx_host_org_organelle            ? 
_entity_src_gen.pdbx_host_org_cellular_location    ? 
_entity_src_gen.pdbx_host_org_vector_type          ? 
_entity_src_gen.pdbx_host_org_vector               PET21A 
_entity_src_gen.host_org_details                   ? 
_entity_src_gen.expression_system_id               ? 
_entity_src_gen.plasmid_name                       BL21 
_entity_src_gen.plasmid_details                    ? 
_entity_src_gen.pdbx_description                   ? 
# 
loop_
_chem_comp.id 
_chem_comp.type 
_chem_comp.mon_nstd_flag 
_chem_comp.name 
_chem_comp.pdbx_synonyms 
_chem_comp.formula 
_chem_comp.formula_weight 
ALA 'L-peptide linking' y ALANINE         ? 'C3 H7 N O2'     89.093  
ARG 'L-peptide linking' y ARGININE        ? 'C6 H15 N4 O2 1' 175.209 
ASN 'L-peptide linking' y ASPARAGINE      ? 'C4 H8 N2 O3'    132.118 
ASP 'L-peptide linking' y 'ASPARTIC ACID' ? 'C4 H7 N O4'     133.103 
CYS 'L-peptide linking' y CYSTEINE        ? 'C3 H7 N O2 S'   121.158 
GLN 'L-peptide linking' y GLUTAMINE       ? 'C5 H10 N2 O3'   146.144 
GLU 'L-peptide linking' y 'GLUTAMIC ACID' ? 'C5 H9 N O4'     147.129 
GLY 'peptide linking'   y GLYCINE         ? 'C2 H5 N O2'     75.067  
HIS 'L-peptide linking' y HISTIDINE       ? 'C6 H10 N3 O2 1' 156.162 
HOH non-polymer         . WATER           ? 'H2 O'           18.015  
ILE 'L-peptide linking' y ISOLEUCINE      ? 'C6 H13 N O2'    131.173 
LEU 'L-peptide linking' y LEUCINE         ? 'C6 H13 N O2'    131.173 
LYS 'L-peptide linking' y LYSINE          ? 'C6 H15 N2 O2 1' 147.195 
MET 'L-peptide linking' y METHIONINE      ? 'C5 H11 N O2 S'  149.211 
PHE 'L-peptide linking' y PHENYLALANINE   ? 'C9 H11 N O2'    165.189 
PRO 'L-peptide linking' y PROLINE         ? 'C5 H9 N O2'     115.130 
SER 'L-peptide linking' y SERINE          ? 'C3 H7 N O3'     105.093 
THR 'L-peptide linking' y THREONINE       ? 'C4 H9 N O3'     119.119 
TYR 'L-peptide linking' y TYROSINE        ? 'C9 H11 N O3'    181.189 
VAL 'L-peptide linking' y VALINE          ? 'C5 H11 N O2'    117.146 
# 
loop_
_pdbx_poly_seq_scheme.asym_id 
_pdbx_poly_seq_scheme.entity_id 
_pdbx_poly_seq_scheme.seq_id 
_pdbx_poly_seq_scheme.mon_id 
_pdbx_poly_seq_scheme.ndb_seq_num 
_pdbx_poly_seq_scheme.pdb_seq_num 
_pdbx_poly_seq_scheme.auth_seq_num 
_pdbx_poly_seq_scheme.pdb_mon_id 
_pdbx_poly_seq_scheme.auth_mon_id 
_pdbx_poly_seq_scheme.pdb_strand_id 
_pdbx_poly_seq_scheme.pdb_ins_code 
_pdbx_poly_seq_scheme.hetero 
A 1 1   MET 1   335 335 MET MET A . n 
A 1 2   LEU 2   336 336 LEU LEU A . n 
A 1 3   ILE 3   337 337 ILE ILE A . n 
A 1 4   GLY 4   338 338 GLY GLY A . n 
A 1 5   ASP 5   339 339 ASP ASP A . n 
A 1 6   PHE 6   340 340 PHE PHE A . n 
A 1 7   SER 7   341 341 SER SER A . n 
A 1 8   LYS 8   342 342 LYS LYS A . n 
A 1 9   GLY 9   343 343 GLY GLY A . n 
A 1 10  TYR 10  344 344 TYR TYR A . n 
A 1 11  LEU 11  345 345 LEU LEU A . n 
A 1 12  PHE 12  346 346 PHE PHE A . n 
A 1 13  HIS 13  347 347 HIS HIS A . n 
A 1 14  THR 14  348 348 THR THR A . n 
A 1 15  VAL 15  349 349 VAL VAL A . n 
A 1 16  ALA 16  350 350 ALA ALA A . n 
A 1 17  GLY 17  351 351 GLY GLY A . n 
A 1 18  LYS 18  352 352 LYS LYS A . n 
A 1 19  HIS 19  353 353 HIS HIS A . n 
A 1 20  GLN 20  354 354 GLN GLN A . n 
A 1 21  ASP 21  355 355 ASP ASP A . n 
A 1 22  LEU 22  356 356 LEU LEU A . n 
A 1 23  LYS 23  357 357 LYS LYS A . n 
A 1 24  TYR 24  358 358 TYR TYR A . n 
A 1 25  ILE 25  359 359 ILE ILE A . n 
A 1 26  SER 26  360 360 SER SER A . n 
A 1 27  PRO 27  361 361 PRO PRO A . n 
A 1 28  GLU 28  362 362 GLU GLU A . n 
A 1 29  ILE 29  363 363 ILE ILE A . n 
A 1 30  MET 30  364 364 MET MET A . n 
A 1 31  ALA 31  365 365 ALA ALA A . n 
A 1 32  SER 32  366 366 SER SER A . n 
A 1 33  VAL 33  367 367 VAL VAL A . n 
A 1 34  LEU 34  368 368 LEU LEU A . n 
A 1 35  ASN 35  369 369 ASN ASN A . n 
A 1 36  GLY 36  370 370 GLY GLY A . n 
A 1 37  LYS 37  371 371 LYS LYS A . n 
A 1 38  PHE 38  372 372 PHE PHE A . n 
A 1 39  ALA 39  373 373 ALA ALA A . n 
A 1 40  ASN 40  374 374 ASN ASN A . n 
A 1 41  LEU 41  375 375 LEU LEU A . n 
A 1 42  ILE 42  376 376 ILE ILE A . n 
A 1 43  LYS 43  377 377 LYS LYS A . n 
A 1 44  GLU 44  378 378 GLU GLU A . n 
A 1 45  PHE 45  379 379 PHE PHE A . n 
A 1 46  VAL 46  380 380 VAL VAL A . n 
A 1 47  ILE 47  381 381 ILE ILE A . n 
A 1 48  ILE 48  382 382 ILE ILE A . n 
A 1 49  ASP 49  383 383 ASP ASP A . n 
A 1 50  CYS 50  384 384 CYS CYS A . n 
A 1 51  ARG 51  385 385 ARG ARG A . n 
A 1 52  TYR 52  386 386 TYR TYR A . n 
A 1 53  PRO 53  387 387 PRO PRO A . n 
A 1 54  TYR 54  388 388 TYR TYR A . n 
A 1 55  GLU 55  389 389 GLU GLU A . n 
A 1 56  TYR 56  390 390 TYR TYR A . n 
A 1 57  GLU 57  391 391 GLU GLU A . n 
A 1 58  GLY 58  392 392 GLY GLY A . n 
A 1 59  GLY 59  393 393 GLY GLY A . n 
A 1 60  HIS 60  394 394 HIS HIS A . n 
A 1 61  ILE 61  395 395 ILE ILE A . n 
A 1 62  LYS 62  396 396 LYS LYS A . n 
A 1 63  GLY 63  397 397 GLY GLY A . n 
A 1 64  ALA 64  398 398 ALA ALA A . n 
A 1 65  VAL 65  399 399 VAL VAL A . n 
A 1 66  ASN 66  400 400 ASN ASN A . n 
A 1 67  LEU 67  401 401 LEU LEU A . n 
A 1 68  HIS 68  402 402 HIS HIS A . n 
A 1 69  MET 69  403 403 MET MET A . n 
A 1 70  GLU 70  404 404 GLU GLU A . n 
A 1 71  GLU 71  405 405 GLU GLU A . n 
A 1 72  GLU 72  406 406 GLU GLU A . n 
A 1 73  VAL 73  407 407 VAL VAL A . n 
A 1 74  GLU 74  408 408 GLU GLU A . n 
A 1 75  ASP 75  409 409 ASP ASP A . n 
A 1 76  PHE 76  410 410 PHE PHE A . n 
A 1 77  LEU 77  411 411 LEU LEU A . n 
A 1 78  LEU 78  412 412 LEU LEU A . n 
A 1 79  LYS 79  413 413 LYS LYS A . n 
A 1 80  LYS 80  414 414 LYS LYS A . n 
A 1 81  PRO 81  415 415 PRO PRO A . n 
A 1 82  ILE 82  416 416 ILE ILE A . n 
A 1 83  VAL 83  417 417 VAL VAL A . n 
A 1 84  PRO 84  418 418 PRO PRO A . n 
A 1 85  THR 85  419 419 THR THR A . n 
A 1 86  ASP 86  420 420 ASP ASP A . n 
A 1 87  GLY 87  421 421 GLY GLY A . n 
A 1 88  LYS 88  422 422 LYS LYS A . n 
A 1 89  ARG 89  423 423 ARG ARG A . n 
A 1 90  VAL 90  424 424 VAL VAL A . n 
A 1 91  ILE 91  425 425 ILE ILE A . n 
A 1 92  VAL 92  426 426 VAL VAL A . n 
A 1 93  VAL 93  427 427 VAL VAL A . n 
A 1 94  PHE 94  428 428 PHE PHE A . n 
A 1 95  HIS 95  429 429 HIS HIS A . n 
A 1 96  CYS 96  430 430 CYS CYS A . n 
A 1 97  GLU 97  431 431 GLU GLU A . n 
A 1 98  PHE 98  432 432 PHE PHE A . n 
A 1 99  SER 99  433 433 SER SER A . n 
A 1 100 SER 100 434 434 SER SER A . n 
A 1 101 GLU 101 435 435 GLU GLU A . n 
A 1 102 ARG 102 436 436 ARG ARG A . n 
A 1 103 GLY 103 437 437 GLY GLY A . n 
A 1 104 PRO 104 438 438 PRO PRO A . n 
A 1 105 ARG 105 439 439 ARG ARG A . n 
A 1 106 MET 106 440 440 MET MET A . n 
A 1 107 CYS 107 441 441 CYS CYS A . n 
A 1 108 ARG 108 442 442 ARG ARG A . n 
A 1 109 TYR 109 443 443 TYR TYR A . n 
A 1 110 VAL 110 444 444 VAL VAL A . n 
A 1 111 ARG 111 445 445 ARG ARG A . n 
A 1 112 GLU 112 446 446 GLU GLU A . n 
A 1 113 ARG 113 447 447 ARG ARG A . n 
A 1 114 ASP 114 448 448 ASP ASP A . n 
A 1 115 ARG 115 449 449 ARG ARG A . n 
A 1 116 LEU 116 450 450 LEU LEU A . n 
A 1 117 GLY 117 451 451 GLY GLY A . n 
A 1 118 ASN 118 452 452 ASN ASN A . n 
A 1 119 GLU 119 453 453 GLU GLU A . n 
A 1 120 TYR 120 454 454 TYR TYR A . n 
A 1 121 PRO 121 455 455 PRO PRO A . n 
A 1 122 LYS 122 456 456 LYS LYS A . n 
A 1 123 LEU 123 457 457 LEU LEU A . n 
A 1 124 HIS 124 458 458 HIS HIS A . n 
A 1 125 TYR 125 459 459 TYR TYR A . n 
A 1 126 PRO 126 460 460 PRO PRO A . n 
A 1 127 GLU 127 461 461 GLU GLU A . n 
A 1 128 LEU 128 462 462 LEU LEU A . n 
A 1 129 TYR 129 463 463 TYR TYR A . n 
A 1 130 VAL 130 464 464 VAL VAL A . n 
A 1 131 LEU 131 465 465 LEU LEU A . n 
A 1 132 LYS 132 466 466 LYS LYS A . n 
A 1 133 GLY 133 467 467 GLY GLY A . n 
A 1 134 GLY 134 468 468 GLY GLY A . n 
A 1 135 TYR 135 469 469 TYR TYR A . n 
A 1 136 LYS 136 470 470 LYS LYS A . n 
A 1 137 GLU 137 471 471 GLU GLU A . n 
A 1 138 PHE 138 472 472 PHE PHE A . n 
A 1 139 PHE 139 473 473 PHE PHE A . n 
A 1 140 MET 140 474 474 MET MET A . n 
A 1 141 LYS 141 475 475 LYS LYS A . n 
A 1 142 CYS 142 476 476 CYS CYS A . n 
A 1 143 GLN 143 477 477 GLN GLN A . n 
A 1 144 SER 144 478 478 SER SER A . n 
A 1 145 TYR 145 479 479 TYR TYR A . n 
A 1 146 CYS 146 480 480 CYS CYS A . n 
A 1 147 GLU 147 481 481 GLU GLU A . n 
A 1 148 PRO 148 482 482 PRO PRO A . n 
A 1 149 PRO 149 483 483 PRO PRO A . n 
A 1 150 SER 150 484 484 SER SER A . n 
A 1 151 TYR 151 485 485 TYR TYR A . n 
A 1 152 ARG 152 486 486 ARG ARG A . n 
A 1 153 PRO 153 487 487 PRO PRO A . n 
A 1 154 MET 154 488 488 MET MET A . n 
A 1 155 HIS 155 489 489 HIS HIS A . n 
A 1 156 HIS 156 490 490 HIS HIS A . n 
A 1 157 GLU 157 491 491 GLU GLU A . n 
A 1 158 ASP 158 492 492 ASP ASP A . n 
A 1 159 PHE 159 493 493 PHE PHE A . n 
A 1 160 LYS 160 494 494 LYS LYS A . n 
A 1 161 GLU 161 495 495 GLU GLU A . n 
# 
loop_
_pdbx_nonpoly_scheme.asym_id 
_pdbx_nonpoly_scheme.entity_id 
_pdbx_nonpoly_scheme.mon_id 
_pdbx_nonpoly_scheme.ndb_seq_num 
_pdbx_nonpoly_scheme.pdb_seq_num 
_pdbx_nonpoly_scheme.auth_seq_num 
_pdbx_nonpoly_scheme.pdb_mon_id 
_pdbx_nonpoly_scheme.auth_mon_id 
_pdbx_nonpoly_scheme.pdb_strand_id 
_pdbx_nonpoly_scheme.pdb_ins_code 
B 2 HOH 1  4   4   HOH HOH A . 
B 2 HOH 2  5   5   HOH HOH A . 
B 2 HOH 3  6   6   HOH HOH A . 
B 2 HOH 4  7   7   HOH HOH A . 
B 2 HOH 5  8   8   HOH HOH A . 
B 2 HOH 6  9   9   HOH HOH A . 
B 2 HOH 7  10  10  HOH HOH A . 
B 2 HOH 8  11  11  HOH HOH A . 
B 2 HOH 9  12  12  HOH HOH A . 
B 2 HOH 10 13  13  HOH HOH A . 
B 2 HOH 11 14  14  HOH HOH A . 
B 2 HOH 12 15  15  HOH HOH A . 
B 2 HOH 13 17  17  HOH HOH A . 
B 2 HOH 14 18  18  HOH HOH A . 
B 2 HOH 15 19  19  HOH HOH A . 
B 2 HOH 16 20  20  HOH HOH A . 
B 2 HOH 17 21  21  HOH HOH A . 
B 2 HOH 18 22  22  HOH HOH A . 
B 2 HOH 19 23  23  HOH HOH A . 
B 2 HOH 20 24  24  HOH HOH A . 
B 2 HOH 21 26  26  HOH HOH A . 
B 2 HOH 22 28  28  HOH HOH A . 
B 2 HOH 23 29  29  HOH HOH A . 
B 2 HOH 24 30  30  HOH HOH A . 
B 2 HOH 25 32  32  HOH HOH A . 
B 2 HOH 26 33  33  HOH HOH A . 
B 2 HOH 27 34  34  HOH HOH A . 
B 2 HOH 28 35  35  HOH HOH A . 
B 2 HOH 29 36  36  HOH HOH A . 
B 2 HOH 30 37  37  HOH HOH A . 
B 2 HOH 31 38  38  HOH HOH A . 
B 2 HOH 32 39  39  HOH HOH A . 
B 2 HOH 33 40  40  HOH HOH A . 
B 2 HOH 34 43  43  HOH HOH A . 
B 2 HOH 35 45  45  HOH HOH A . 
B 2 HOH 36 47  47  HOH HOH A . 
B 2 HOH 37 49  49  HOH HOH A . 
B 2 HOH 38 50  50  HOH HOH A . 
B 2 HOH 39 51  51  HOH HOH A . 
B 2 HOH 40 52  52  HOH HOH A . 
B 2 HOH 41 53  53  HOH HOH A . 
B 2 HOH 42 55  55  HOH HOH A . 
B 2 HOH 43 56  56  HOH HOH A . 
B 2 HOH 44 57  57  HOH HOH A . 
B 2 HOH 45 60  60  HOH HOH A . 
B 2 HOH 46 65  65  HOH HOH A . 
B 2 HOH 47 66  66  HOH HOH A . 
B 2 HOH 48 67  67  HOH HOH A . 
B 2 HOH 49 71  71  HOH HOH A . 
B 2 HOH 50 73  73  HOH HOH A . 
B 2 HOH 51 78  78  HOH HOH A . 
B 2 HOH 52 80  80  HOH HOH A . 
B 2 HOH 53 81  81  HOH HOH A . 
B 2 HOH 54 82  82  HOH HOH A . 
B 2 HOH 55 84  84  HOH HOH A . 
B 2 HOH 56 85  85  HOH HOH A . 
B 2 HOH 57 87  87  HOH HOH A . 
B 2 HOH 58 96  96  HOH HOH A . 
B 2 HOH 59 102 102 HOH HOH A . 
B 2 HOH 60 103 103 HOH HOH A . 
B 2 HOH 61 104 104 HOH HOH A . 
B 2 HOH 62 105 105 HOH HOH A . 
B 2 HOH 63 106 106 HOH HOH A . 
B 2 HOH 64 107 107 HOH HOH A . 
B 2 HOH 65 113 113 HOH HOH A . 
B 2 HOH 66 114 114 HOH HOH A . 
B 2 HOH 67 115 115 HOH HOH A . 
B 2 HOH 68 116 116 HOH HOH A . 
B 2 HOH 69 117 117 HOH HOH A . 
B 2 HOH 70 901 901 HOH HOH A . 
B 2 HOH 71 902 902 HOH HOH A . 
B 2 HOH 72 905 905 HOH HOH A . 
B 2 HOH 73 906 906 HOH HOH A . 
B 2 HOH 74 907 907 HOH HOH A . 
B 2 HOH 75 908 908 HOH HOH A . 
B 2 HOH 76 909 909 HOH HOH A . 
B 2 HOH 77 910 910 HOH HOH A . 
B 2 HOH 78 911 911 HOH HOH A . 
B 2 HOH 79 913 913 HOH HOH A . 
B 2 HOH 80 915 915 HOH HOH A . 
B 2 HOH 81 916 916 HOH HOH A . 
B 2 HOH 82 917 917 HOH HOH A . 
# 
loop_
_pdbx_unobs_or_zero_occ_atoms.id 
_pdbx_unobs_or_zero_occ_atoms.PDB_model_num 
_pdbx_unobs_or_zero_occ_atoms.polymer_flag 
_pdbx_unobs_or_zero_occ_atoms.occupancy_flag 
_pdbx_unobs_or_zero_occ_atoms.auth_asym_id 
_pdbx_unobs_or_zero_occ_atoms.auth_comp_id 
_pdbx_unobs_or_zero_occ_atoms.auth_seq_id 
_pdbx_unobs_or_zero_occ_atoms.PDB_ins_code 
_pdbx_unobs_or_zero_occ_atoms.auth_atom_id 
_pdbx_unobs_or_zero_occ_atoms.label_alt_id 
_pdbx_unobs_or_zero_occ_atoms.label_asym_id 
_pdbx_unobs_or_zero_occ_atoms.label_comp_id 
_pdbx_unobs_or_zero_occ_atoms.label_seq_id 
_pdbx_unobs_or_zero_occ_atoms.label_atom_id 
1  1 Y 0 A LYS 377 ? CG ? A LYS 43  CG 
2  1 Y 0 A LYS 377 ? CD ? A LYS 43  CD 
3  1 Y 0 A LYS 377 ? CE ? A LYS 43  CE 
4  1 Y 0 A LYS 377 ? NZ ? A LYS 43  NZ 
5  1 Y 0 A LYS 396 ? CG ? A LYS 62  CG 
6  1 Y 0 A LYS 396 ? CD ? A LYS 62  CD 
7  1 Y 0 A LYS 396 ? CE ? A LYS 62  CE 
8  1 Y 0 A LYS 396 ? NZ ? A LYS 62  NZ 
9  1 Y 0 A LYS 456 ? CG ? A LYS 122 CG 
10 1 Y 0 A LYS 456 ? CD ? A LYS 122 CD 
11 1 Y 0 A LYS 456 ? CE ? A LYS 122 CE 
12 1 Y 0 A LYS 456 ? NZ ? A LYS 122 NZ 
13 1 Y 0 A LYS 470 ? CG ? A LYS 136 CG 
14 1 Y 0 A LYS 470 ? CD ? A LYS 136 CD 
15 1 Y 0 A LYS 470 ? CE ? A LYS 136 CE 
16 1 Y 0 A LYS 470 ? NZ ? A LYS 136 NZ 
# 
loop_
_software.name 
_software.classification 
_software.version 
_software.citation_id 
_software.pdbx_ordinal 
X-PLOR    'model building' 3.851 ? 1 
X-PLOR    refinement       3.851 ? 2 
DENZO     'data reduction' .     ? 3 
SCALEPACK 'data scaling'   .     ? 4 
X-PLOR    phasing          3.851 ? 5 
# 
_cell.entry_id           1C25 
_cell.length_a           43.507 
_cell.length_b           43.507 
_cell.length_c           117.096 
_cell.angle_alpha        90.00 
_cell.angle_beta         90.00 
_cell.angle_gamma        90.00 
_cell.Z_PDB              4 
_cell.pdbx_unique_axis   ? 
# 
_symmetry.entry_id                         1C25 
_symmetry.space_group_name_H-M             'P 41' 
_symmetry.pdbx_full_space_group_name_H-M   ? 
_symmetry.cell_setting                     ? 
_symmetry.Int_Tables_number                76 
# 
_exptl.entry_id          1C25 
_exptl.method            'X-RAY DIFFRACTION' 
_exptl.crystals_number   1 
# 
_exptl_crystal.id                    1 
_exptl_crystal.density_meas          ? 
_exptl_crystal.density_Matthews      2.91 
_exptl_crystal.density_percent_sol   40 
_exptl_crystal.description           ? 
# 
_exptl_crystal_grow.crystal_id      1 
_exptl_crystal_grow.method          ? 
_exptl_crystal_grow.temp            ? 
_exptl_crystal_grow.temp_details    ? 
_exptl_crystal_grow.pH              5.8 
_exptl_crystal_grow.pdbx_pH_range   5.8-7.4 
_exptl_crystal_grow.pdbx_details    
;4 MICROLITERS PROTEIN (10 MG/ML IN 200 MM NACL, 1 MM DTT, 20 MM HEPES, PH 7.4) MIXED WITH 4 MICROLITERS WELL BUFFER (18-20% PEG 3350, 0.025% BETA-OCTYLGLUCOSIDE, 0.11 M SODIUM CITRATE, PH 5.8)
;
# 
_diffrn.id                     1 
_diffrn.ambient_temp           120 
_diffrn.ambient_temp_details   ? 
_diffrn.crystal_id             1 
# 
_diffrn_detector.diffrn_id              1 
_diffrn_detector.detector               'IMAGE PLATE' 
_diffrn_detector.type                   'RIGAKU RAXIS IV' 
_diffrn_detector.pdbx_collection_date   1997-08 
_diffrn_detector.details                MIRRORS 
# 
_diffrn_radiation.diffrn_id                        1 
_diffrn_radiation.wavelength_id                    1 
_diffrn_radiation.pdbx_monochromatic_or_laue_m_l   M 
_diffrn_radiation.monochromator                    'NI FILTER' 
_diffrn_radiation.pdbx_diffrn_protocol             ? 
_diffrn_radiation.pdbx_scattering_type             x-ray 
# 
_diffrn_radiation_wavelength.id           1 
_diffrn_radiation_wavelength.wavelength   1.5418 
_diffrn_radiation_wavelength.wt           1.0 
# 
_diffrn_source.diffrn_id                   1 
_diffrn_source.source                      'ROTATING ANODE' 
_diffrn_source.type                        'RIGAKU RUH3R' 
_diffrn_source.pdbx_synchrotron_site       ? 
_diffrn_source.pdbx_synchrotron_beamline   ? 
_diffrn_source.pdbx_wavelength             1.5418 
_diffrn_source.pdbx_wavelength_list        ? 
# 
_reflns.entry_id                     1C25 
_reflns.observed_criterion_sigma_I   ? 
_reflns.observed_criterion_sigma_F   ? 
_reflns.d_resolution_low             ? 
_reflns.d_resolution_high            2.1 
_reflns.number_obs                   12551 
_reflns.number_all                   ? 
_reflns.percent_possible_obs         98.3 
_reflns.pdbx_Rmerge_I_obs            0.0670000 
_reflns.pdbx_Rsym_value              0.0670000 
_reflns.pdbx_netI_over_sigmaI        18 
_reflns.B_iso_Wilson_estimate        34.0 
_reflns.pdbx_redundancy              3.0 
_reflns.pdbx_diffrn_id               1 
_reflns.pdbx_ordinal                 1 
# 
_reflns_shell.d_res_high             2.10 
_reflns_shell.d_res_low              2.18 
_reflns_shell.percent_possible_all   100 
_reflns_shell.Rmerge_I_obs           0.3720000 
_reflns_shell.pdbx_Rsym_value        0.3720000 
_reflns_shell.meanI_over_sigI_obs    3 
_reflns_shell.pdbx_redundancy        3 
_reflns_shell.pdbx_diffrn_id         ? 
_reflns_shell.pdbx_ordinal           1 
# 
_refine.entry_id                                 1C25 
_refine.ls_number_reflns_obs                     9429 
_refine.ls_number_reflns_all                     ? 
_refine.pdbx_ls_sigma_I                          ? 
_refine.pdbx_ls_sigma_F                          0 
_refine.pdbx_data_cutoff_high_absF               10000 
_refine.pdbx_data_cutoff_low_absF                0 
_refine.pdbx_data_cutoff_high_rms_absF           ? 
_refine.ls_d_res_low                             99.0 
_refine.ls_d_res_high                            2.3 
_refine.ls_percent_reflns_obs                    97.8 
_refine.ls_R_factor_obs                          0.2270000 
_refine.ls_R_factor_all                          ? 
_refine.ls_R_factor_R_work                       0.2270000 
_refine.ls_R_factor_R_free                       0.2960000 
_refine.ls_R_factor_R_free_error                 0.014 
_refine.ls_R_factor_R_free_error_details         ? 
_refine.ls_percent_reflns_R_free                 5.0 
_refine.ls_number_reflns_R_free                  467 
_refine.ls_number_parameters                     ? 
_refine.ls_number_restraints                     ? 
_refine.occupancy_min                            ? 
_refine.occupancy_max                            ? 
_refine.B_iso_mean                               36.0 
_refine.aniso_B[1][1]                            ? 
_refine.aniso_B[2][2]                            ? 
_refine.aniso_B[3][3]                            ? 
_refine.aniso_B[1][2]                            ? 
_refine.aniso_B[1][3]                            ? 
_refine.aniso_B[2][3]                            ? 
_refine.solvent_model_details                    ? 
_refine.solvent_model_param_ksol                 ? 
_refine.solvent_model_param_bsol                 ? 
_refine.pdbx_ls_cross_valid_method               THROUGHOUT 
_refine.details                                  ? 
_refine.pdbx_starting_model                      ? 
_refine.pdbx_method_to_determine_struct          MIR 
_refine.pdbx_isotropic_thermal_model             RESTRAINED 
_refine.pdbx_stereochemistry_target_values       ? 
_refine.pdbx_stereochem_target_val_spec_case     ? 
_refine.pdbx_R_Free_selection_details            RANDOM 
_refine.pdbx_overall_ESU_R                       ? 
_refine.pdbx_overall_ESU_R_Free                  ? 
_refine.overall_SU_ML                            ? 
_refine.overall_SU_B                             ? 
_refine.pdbx_refine_id                           'X-RAY DIFFRACTION' 
_refine.pdbx_diffrn_id                           1 
_refine.pdbx_TLS_residual_ADP_flag               ? 
_refine.correlation_coeff_Fo_to_Fc               ? 
_refine.correlation_coeff_Fo_to_Fc_free          ? 
_refine.pdbx_solvent_vdw_probe_radii             ? 
_refine.pdbx_solvent_ion_probe_radii             ? 
_refine.pdbx_solvent_shrinkage_radii             ? 
_refine.pdbx_overall_phase_error                 ? 
_refine.overall_SU_R_Cruickshank_DPI             ? 
_refine.pdbx_overall_SU_R_free_Cruickshank_DPI   ? 
_refine.pdbx_overall_SU_R_Blow_DPI               ? 
_refine.pdbx_overall_SU_R_free_Blow_DPI          ? 
# 
_refine_hist.pdbx_refine_id                   'X-RAY DIFFRACTION' 
_refine_hist.cycle_id                         LAST 
_refine_hist.pdbx_number_atoms_protein        1329 
_refine_hist.pdbx_number_atoms_nucleic_acid   0 
_refine_hist.pdbx_number_atoms_ligand         0 
_refine_hist.number_atoms_solvent             82 
_refine_hist.number_atoms_total               1411 
_refine_hist.d_res_high                       2.3 
_refine_hist.d_res_low                        99.0 
# 
loop_
_refine_ls_restr.type 
_refine_ls_restr.dev_ideal 
_refine_ls_restr.dev_ideal_target 
_refine_ls_restr.weight 
_refine_ls_restr.number 
_refine_ls_restr.pdbx_refine_id 
_refine_ls_restr.pdbx_restraint_function 
x_bond_d                0.013 ?   ? ? 'X-RAY DIFFRACTION' ? 
x_bond_d_na             ?     ?   ? ? 'X-RAY DIFFRACTION' ? 
x_bond_d_prot           ?     ?   ? ? 'X-RAY DIFFRACTION' ? 
x_angle_d               ?     ?   ? ? 'X-RAY DIFFRACTION' ? 
x_angle_d_na            ?     ?   ? ? 'X-RAY DIFFRACTION' ? 
x_angle_d_prot          ?     ?   ? ? 'X-RAY DIFFRACTION' ? 
x_angle_deg             1.59  ?   ? ? 'X-RAY DIFFRACTION' ? 
x_angle_deg_na          ?     ?   ? ? 'X-RAY DIFFRACTION' ? 
x_angle_deg_prot        ?     ?   ? ? 'X-RAY DIFFRACTION' ? 
x_dihedral_angle_d      24.9  ?   ? ? 'X-RAY DIFFRACTION' ? 
x_dihedral_angle_d_na   ?     ?   ? ? 'X-RAY DIFFRACTION' ? 
x_dihedral_angle_d_prot ?     ?   ? ? 'X-RAY DIFFRACTION' ? 
x_improper_angle_d      1.54  ?   ? ? 'X-RAY DIFFRACTION' ? 
x_improper_angle_d_na   ?     ?   ? ? 'X-RAY DIFFRACTION' ? 
x_improper_angle_d_prot ?     ?   ? ? 'X-RAY DIFFRACTION' ? 
x_mcbond_it             1.0   1.5 ? ? 'X-RAY DIFFRACTION' ? 
x_mcangle_it            1.9   2.0 ? ? 'X-RAY DIFFRACTION' ? 
x_scbond_it             1.0   1.5 ? ? 'X-RAY DIFFRACTION' ? 
x_scangle_it            1.9   2.0 ? ? 'X-RAY DIFFRACTION' ? 
# 
_refine_ls_shell.pdbx_total_number_of_bins_used   30 
_refine_ls_shell.d_res_high                       2.30 
_refine_ls_shell.d_res_low                        2.33 
_refine_ls_shell.number_reflns_R_work             290 
_refine_ls_shell.R_factor_R_work                  0.3390000 
_refine_ls_shell.percent_reflns_obs               99.7 
_refine_ls_shell.R_factor_R_free                  0.4290000 
_refine_ls_shell.R_factor_R_free_error            0.107 
_refine_ls_shell.percent_reflns_R_free            5.0 
_refine_ls_shell.number_reflns_R_free             16 
_refine_ls_shell.pdbx_refine_id                   'X-RAY DIFFRACTION' 
_refine_ls_shell.number_reflns_all                ? 
_refine_ls_shell.R_factor_all                     ? 
# 
loop_
_pdbx_xplor_file.serial_no 
_pdbx_xplor_file.param_file 
_pdbx_xplor_file.topol_file 
_pdbx_xplor_file.pdbx_refine_id 
1 PARHCSDX.PRO TOPHCSDX.PRO 'X-RAY DIFFRACTION' 
2 PARAM11.WAT  PARAM11.WAT  'X-RAY DIFFRACTION' 
# 
_struct.entry_id                  1C25 
_struct.title                     'HUMAN CDC25A CATALYTIC DOMAIN' 
_struct.pdbx_model_details        ? 
_struct.pdbx_CASP_flag            ? 
_struct.pdbx_model_type_details   ? 
# 
_struct_keywords.entry_id        1C25 
_struct_keywords.pdbx_keywords   HYDROLASE 
_struct_keywords.text            'HYDROLASE, CELL CYCLE PHOSPHATASE, DUAL SPECIFICITY PROTEIN PHOSPHATASE, CDK2' 
# 
loop_
_struct_asym.id 
_struct_asym.pdbx_blank_PDB_chainid_flag 
_struct_asym.pdbx_modified 
_struct_asym.entity_id 
_struct_asym.details 
A N N 1 ? 
B N N 2 ? 
# 
_struct_ref.id                         1 
_struct_ref.db_name                    UNP 
_struct_ref.db_code                    MPIP1_HUMAN 
_struct_ref.entity_id                  1 
_struct_ref.pdbx_db_accession          P30304 
_struct_ref.pdbx_align_begin           1 
_struct_ref.pdbx_seq_one_letter_code   
;MELGPSPAPRRLLFACSPPPASQPVVKALFGASAAGGLSPVTNLTVTMDQLQGLGSDYEQPLEVKNNSNLQRMGSSESTD
SGFCLDSPGPLDSKENLENPMRRIHSLPQKLLGCSPALKRSHSDSLDHDIFQLIDPDENKENEAFEFKKPVRPVSRGCLH
SHGLQEGKDLFTQRQNSAQLGMLSSNERDSSEPGNFIPLFTPQSPVTATLSDEDDGFVDLLDGENLKNEEETPSCMASLW
TAPLVMRTTNLDNRCKLFDSPSLCSSSTRSVLKRPERSQEESPPGSTKRRKSMSGASPKESTNPEKAHETLHQSLSLASS
PKGTIENILDNDPRDLIGDFSKGYLFHTVAGKHQDLKYISPEIMASVLNGKFANLIKEFVIIDCRYPYEYEGGHIKGAVN
LHMEEEVEDFLLKKPIVPTDGKRVIVVFHCEFSSERGPRMCRYVRERDRLGNEYPKLHYPELYVLKGGYKEFFMKCQSYC
EPPSYRPMHHEDFKEDLKKFRTKSRTWAGEKSKREMYSRLKKL
;
_struct_ref.pdbx_db_isoform            ? 
# 
_struct_ref_seq.align_id                      1 
_struct_ref_seq.ref_id                        1 
_struct_ref_seq.pdbx_PDB_id_code              1C25 
_struct_ref_seq.pdbx_strand_id                A 
_struct_ref_seq.seq_align_beg                 2 
_struct_ref_seq.pdbx_seq_align_beg_ins_code   ? 
_struct_ref_seq.seq_align_end                 161 
_struct_ref_seq.pdbx_seq_align_end_ins_code   ? 
_struct_ref_seq.pdbx_db_accession             P30304 
_struct_ref_seq.db_align_beg                  336 
_struct_ref_seq.pdbx_db_align_beg_ins_code    ? 
_struct_ref_seq.db_align_end                  495 
_struct_ref_seq.pdbx_db_align_end_ins_code    ? 
_struct_ref_seq.pdbx_auth_seq_align_beg       336 
_struct_ref_seq.pdbx_auth_seq_align_end       495 
# 
_pdbx_struct_assembly.id                   1 
_pdbx_struct_assembly.details              author_defined_assembly 
_pdbx_struct_assembly.method_details       ? 
_pdbx_struct_assembly.oligomeric_details   monomeric 
_pdbx_struct_assembly.oligomeric_count     1 
# 
_pdbx_struct_assembly_gen.assembly_id       1 
_pdbx_struct_assembly_gen.oper_expression   1 
_pdbx_struct_assembly_gen.asym_id_list      A,B 
# 
_pdbx_struct_oper_list.id                   1 
_pdbx_struct_oper_list.type                 'identity operation' 
_pdbx_struct_oper_list.name                 1_555 
_pdbx_struct_oper_list.symmetry_operation   x,y,z 
_pdbx_struct_oper_list.matrix[1][1]         1.0000000000 
_pdbx_struct_oper_list.matrix[1][2]         0.0000000000 
_pdbx_struct_oper_list.matrix[1][3]         0.0000000000 
_pdbx_struct_oper_list.vector[1]            0.0000000000 
_pdbx_struct_oper_list.matrix[2][1]         0.0000000000 
_pdbx_struct_oper_list.matrix[2][2]         1.0000000000 
_pdbx_struct_oper_list.matrix[2][3]         0.0000000000 
_pdbx_struct_oper_list.vector[2]            0.0000000000 
_pdbx_struct_oper_list.matrix[3][1]         0.0000000000 
_pdbx_struct_oper_list.matrix[3][2]         0.0000000000 
_pdbx_struct_oper_list.matrix[3][3]         1.0000000000 
_pdbx_struct_oper_list.vector[3]            0.0000000000 
# 
_struct_biol.id   1 
# 
loop_
_struct_conf.conf_type_id 
_struct_conf.id 
_struct_conf.pdbx_PDB_helix_id 
_struct_conf.beg_label_comp_id 
_struct_conf.beg_label_asym_id 
_struct_conf.beg_label_seq_id 
_struct_conf.pdbx_beg_PDB_ins_code 
_struct_conf.end_label_comp_id 
_struct_conf.end_label_asym_id 
_struct_conf.end_label_seq_id 
_struct_conf.pdbx_end_PDB_ins_code 
_struct_conf.beg_auth_comp_id 
_struct_conf.beg_auth_asym_id 
_struct_conf.beg_auth_seq_id 
_struct_conf.end_auth_comp_id 
_struct_conf.end_auth_asym_id 
_struct_conf.end_auth_seq_id 
_struct_conf.pdbx_PDB_helix_class 
_struct_conf.details 
_struct_conf.pdbx_PDB_helix_length 
HELX_P HELX_P1 1 PRO A 27  ? LEU A 34  ? PRO A 361 LEU A 368 1 ? 8  
HELX_P HELX_P2 2 PRO A 53  ? GLY A 58  ? PRO A 387 GLY A 392 1 ? 6  
HELX_P HELX_P3 3 GLU A 70  ? PHE A 76  ? GLU A 404 PHE A 410 1 ? 7  
HELX_P HELX_P4 4 ARG A 102 ? LEU A 116 ? ARG A 436 LEU A 450 1 ? 15 
HELX_P HELX_P5 5 GLY A 134 ? LYS A 141 ? GLY A 468 LYS A 475 1 ? 8  
HELX_P HELX_P6 6 GLN A 143 ? TYR A 145 ? GLN A 477 TYR A 479 5 ? 3  
# 
_struct_conf_type.id          HELX_P 
_struct_conf_type.criteria    ? 
_struct_conf_type.reference   ? 
# 
loop_
_struct_mon_prot_cis.pdbx_id 
_struct_mon_prot_cis.label_comp_id 
_struct_mon_prot_cis.label_seq_id 
_struct_mon_prot_cis.label_asym_id 
_struct_mon_prot_cis.label_alt_id 
_struct_mon_prot_cis.pdbx_PDB_ins_code 
_struct_mon_prot_cis.auth_comp_id 
_struct_mon_prot_cis.auth_seq_id 
_struct_mon_prot_cis.auth_asym_id 
_struct_mon_prot_cis.pdbx_label_comp_id_2 
_struct_mon_prot_cis.pdbx_label_seq_id_2 
_struct_mon_prot_cis.pdbx_label_asym_id_2 
_struct_mon_prot_cis.pdbx_PDB_ins_code_2 
_struct_mon_prot_cis.pdbx_auth_comp_id_2 
_struct_mon_prot_cis.pdbx_auth_seq_id_2 
_struct_mon_prot_cis.pdbx_auth_asym_id_2 
_struct_mon_prot_cis.pdbx_PDB_model_num 
_struct_mon_prot_cis.pdbx_omega_angle 
1 TYR 120 A . ? TYR 454 A PRO 121 A ? PRO 455 A 1 0.58  
2 GLU 147 A . ? GLU 481 A PRO 148 A ? PRO 482 A 1 -0.70 
# 
_struct_sheet.id               A 
_struct_sheet.type             ? 
_struct_sheet.number_strands   3 
_struct_sheet.details          ? 
# 
loop_
_struct_sheet_order.sheet_id 
_struct_sheet_order.range_id_1 
_struct_sheet_order.range_id_2 
_struct_sheet_order.offset 
_struct_sheet_order.sense 
A 1 2 ? parallel 
A 2 3 ? parallel 
# 
loop_
_struct_sheet_range.sheet_id 
_struct_sheet_range.id 
_struct_sheet_range.beg_label_comp_id 
_struct_sheet_range.beg_label_asym_id 
_struct_sheet_range.beg_label_seq_id 
_struct_sheet_range.pdbx_beg_PDB_ins_code 
_struct_sheet_range.end_label_comp_id 
_struct_sheet_range.end_label_asym_id 
_struct_sheet_range.end_label_seq_id 
_struct_sheet_range.pdbx_end_PDB_ins_code 
_struct_sheet_range.beg_auth_comp_id 
_struct_sheet_range.beg_auth_asym_id 
_struct_sheet_range.beg_auth_seq_id 
_struct_sheet_range.end_auth_comp_id 
_struct_sheet_range.end_auth_asym_id 
_struct_sheet_range.end_auth_seq_id 
A 1 LEU A 128 ? VAL A 130 ? LEU A 462 VAL A 464 
A 2 ARG A 89  ? HIS A 95  ? ARG A 423 HIS A 429 
A 3 ILE A 42  ? ASP A 49  ? ILE A 376 ASP A 383 
# 
loop_
_pdbx_struct_sheet_hbond.sheet_id 
_pdbx_struct_sheet_hbond.range_id_1 
_pdbx_struct_sheet_hbond.range_id_2 
_pdbx_struct_sheet_hbond.range_1_label_atom_id 
_pdbx_struct_sheet_hbond.range_1_label_comp_id 
_pdbx_struct_sheet_hbond.range_1_label_asym_id 
_pdbx_struct_sheet_hbond.range_1_label_seq_id 
_pdbx_struct_sheet_hbond.range_1_PDB_ins_code 
_pdbx_struct_sheet_hbond.range_1_auth_atom_id 
_pdbx_struct_sheet_hbond.range_1_auth_comp_id 
_pdbx_struct_sheet_hbond.range_1_auth_asym_id 
_pdbx_struct_sheet_hbond.range_1_auth_seq_id 
_pdbx_struct_sheet_hbond.range_2_label_atom_id 
_pdbx_struct_sheet_hbond.range_2_label_comp_id 
_pdbx_struct_sheet_hbond.range_2_label_asym_id 
_pdbx_struct_sheet_hbond.range_2_label_seq_id 
_pdbx_struct_sheet_hbond.range_2_PDB_ins_code 
_pdbx_struct_sheet_hbond.range_2_auth_atom_id 
_pdbx_struct_sheet_hbond.range_2_auth_comp_id 
_pdbx_struct_sheet_hbond.range_2_auth_asym_id 
_pdbx_struct_sheet_hbond.range_2_auth_seq_id 
A 1 2 O TYR A 129 ? O TYR A 463 N VAL A 92 ? N VAL A 426 
A 2 3 O ARG A 89  ? O ARG A 423 N LYS A 43 ? N LYS A 377 
# 
loop_
_struct_site.id 
_struct_site.pdbx_evidence_code 
_struct_site.pdbx_auth_asym_id 
_struct_site.pdbx_auth_comp_id 
_struct_site.pdbx_auth_seq_id 
_struct_site.pdbx_auth_ins_code 
_struct_site.pdbx_num_residues 
_struct_site.details 
DSU Unknown ? ? ? ? 2 'CYS A 384 AND CYS A 340 MAY FORM DISULFIDE BOND UNDER CERTAIN CONDITIONS. SEE REFERENCE 1.' 
POP Unknown ? ? ? ? 7 'PUTATIVE PHOSPHATE BINDING LOOP, CYS-X(5)-ARG SIGNATURE MOTIF.'                             
# 
loop_
_struct_site_gen.id 
_struct_site_gen.site_id 
_struct_site_gen.pdbx_num_res 
_struct_site_gen.label_comp_id 
_struct_site_gen.label_asym_id 
_struct_site_gen.label_seq_id 
_struct_site_gen.pdbx_auth_ins_code 
_struct_site_gen.auth_comp_id 
_struct_site_gen.auth_asym_id 
_struct_site_gen.auth_seq_id 
_struct_site_gen.label_atom_id 
_struct_site_gen.label_alt_id 
_struct_site_gen.symmetry 
_struct_site_gen.details 
1 DSU 2 CYS A 96  ? CYS A 430 . ? 1_555 ? 
2 DSU 2 CYS A 50  ? CYS A 384 . ? 1_555 ? 
3 POP 7 CYS A 96  ? CYS A 430 . ? 1_555 ? 
4 POP 7 GLU A 97  ? GLU A 431 . ? 1_555 ? 
5 POP 7 PHE A 98  ? PHE A 432 . ? 1_555 ? 
6 POP 7 SER A 99  ? SER A 433 . ? 1_555 ? 
7 POP 7 SER A 100 ? SER A 434 . ? 1_555 ? 
8 POP 7 GLU A 101 ? GLU A 435 . ? 1_555 ? 
9 POP 7 ARG A 102 ? ARG A 436 . ? 1_555 ? 
# 
_pdbx_validate_close_contact.id               1 
_pdbx_validate_close_contact.PDB_model_num    1 
_pdbx_validate_close_contact.auth_atom_id_1   O 
_pdbx_validate_close_contact.auth_asym_id_1   A 
_pdbx_validate_close_contact.auth_comp_id_1   HOH 
_pdbx_validate_close_contact.auth_seq_id_1    907 
_pdbx_validate_close_contact.PDB_ins_code_1   ? 
_pdbx_validate_close_contact.label_alt_id_1   ? 
_pdbx_validate_close_contact.auth_atom_id_2   O 
_pdbx_validate_close_contact.auth_asym_id_2   A 
_pdbx_validate_close_contact.auth_comp_id_2   HOH 
_pdbx_validate_close_contact.auth_seq_id_2    917 
_pdbx_validate_close_contact.PDB_ins_code_2   ? 
_pdbx_validate_close_contact.label_alt_id_2   ? 
_pdbx_validate_close_contact.dist             2.06 
# 
loop_
_pdbx_validate_torsion.id 
_pdbx_validate_torsion.PDB_model_num 
_pdbx_validate_torsion.auth_comp_id 
_pdbx_validate_torsion.auth_asym_id 
_pdbx_validate_torsion.auth_seq_id 
_pdbx_validate_torsion.PDB_ins_code 
_pdbx_validate_torsion.label_alt_id 
_pdbx_validate_torsion.phi 
_pdbx_validate_torsion.psi 
1 1 PRO A 415 ? ? -110.26 -159.82 
2 1 ILE A 416 ? ? 66.54   -92.10  
3 1 VAL A 417 ? ? 57.70   172.76  
4 1 PRO A 418 ? ? -67.40  91.38   
5 1 ASP A 420 ? ? 35.22   12.37   
6 1 CYS A 430 ? ? -134.39 -128.56 
7 1 GLU A 435 ? ? 82.91   -70.96  
8 1 LYS A 494 ? ? -170.48 33.16   
# 
loop_
_chem_comp_atom.comp_id 
_chem_comp_atom.atom_id 
_chem_comp_atom.type_symbol 
_chem_comp_atom.pdbx_aromatic_flag 
_chem_comp_atom.pdbx_stereo_config 
_chem_comp_atom.pdbx_ordinal 
ALA N    N N N 1   
ALA CA   C N S 2   
ALA C    C N N 3   
ALA O    O N N 4   
ALA CB   C N N 5   
ALA OXT  O N N 6   
ALA H    H N N 7   
ALA H2   H N N 8   
ALA HA   H N N 9   
ALA HB1  H N N 10  
ALA HB2  H N N 11  
ALA HB3  H N N 12  
ALA HXT  H N N 13  
ARG N    N N N 14  
ARG CA   C N S 15  
ARG C    C N N 16  
ARG O    O N N 17  
ARG CB   C N N 18  
ARG CG   C N N 19  
ARG CD   C N N 20  
ARG NE   N N N 21  
ARG CZ   C N N 22  
ARG NH1  N N N 23  
ARG NH2  N N N 24  
ARG OXT  O N N 25  
ARG H    H N N 26  
ARG H2   H N N 27  
ARG HA   H N N 28  
ARG HB2  H N N 29  
ARG HB3  H N N 30  
ARG HG2  H N N 31  
ARG HG3  H N N 32  
ARG HD2  H N N 33  
ARG HD3  H N N 34  
ARG HE   H N N 35  
ARG HH11 H N N 36  
ARG HH12 H N N 37  
ARG HH21 H N N 38  
ARG HH22 H N N 39  
ARG HXT  H N N 40  
ASN N    N N N 41  
ASN CA   C N S 42  
ASN C    C N N 43  
ASN O    O N N 44  
ASN CB   C N N 45  
ASN CG   C N N 46  
ASN OD1  O N N 47  
ASN ND2  N N N 48  
ASN OXT  O N N 49  
ASN H    H N N 50  
ASN H2   H N N 51  
ASN HA   H N N 52  
ASN HB2  H N N 53  
ASN HB3  H N N 54  
ASN HD21 H N N 55  
ASN HD22 H N N 56  
ASN HXT  H N N 57  
ASP N    N N N 58  
ASP CA   C N S 59  
ASP C    C N N 60  
ASP O    O N N 61  
ASP CB   C N N 62  
ASP CG   C N N 63  
ASP OD1  O N N 64  
ASP OD2  O N N 65  
ASP OXT  O N N 66  
ASP H    H N N 67  
ASP H2   H N N 68  
ASP HA   H N N 69  
ASP HB2  H N N 70  
ASP HB3  H N N 71  
ASP HD2  H N N 72  
ASP HXT  H N N 73  
CYS N    N N N 74  
CYS CA   C N R 75  
CYS C    C N N 76  
CYS O    O N N 77  
CYS CB   C N N 78  
CYS SG   S N N 79  
CYS OXT  O N N 80  
CYS H    H N N 81  
CYS H2   H N N 82  
CYS HA   H N N 83  
CYS HB2  H N N 84  
CYS HB3  H N N 85  
CYS HG   H N N 86  
CYS HXT  H N N 87  
GLN N    N N N 88  
GLN CA   C N S 89  
GLN C    C N N 90  
GLN O    O N N 91  
GLN CB   C N N 92  
GLN CG   C N N 93  
GLN CD   C N N 94  
GLN OE1  O N N 95  
GLN NE2  N N N 96  
GLN OXT  O N N 97  
GLN H    H N N 98  
GLN H2   H N N 99  
GLN HA   H N N 100 
GLN HB2  H N N 101 
GLN HB3  H N N 102 
GLN HG2  H N N 103 
GLN HG3  H N N 104 
GLN HE21 H N N 105 
GLN HE22 H N N 106 
GLN HXT  H N N 107 
GLU N    N N N 108 
GLU CA   C N S 109 
GLU C    C N N 110 
GLU O    O N N 111 
GLU CB   C N N 112 
GLU CG   C N N 113 
GLU CD   C N N 114 
GLU OE1  O N N 115 
GLU OE2  O N N 116 
GLU OXT  O N N 117 
GLU H    H N N 118 
GLU H2   H N N 119 
GLU HA   H N N 120 
GLU HB2  H N N 121 
GLU HB3  H N N 122 
GLU HG2  H N N 123 
GLU HG3  H N N 124 
GLU HE2  H N N 125 
GLU HXT  H N N 126 
GLY N    N N N 127 
GLY CA   C N N 128 
GLY C    C N N 129 
GLY O    O N N 130 
GLY OXT  O N N 131 
GLY H    H N N 132 
GLY H2   H N N 133 
GLY HA2  H N N 134 
GLY HA3  H N N 135 
GLY HXT  H N N 136 
HIS N    N N N 137 
HIS CA   C N S 138 
HIS C    C N N 139 
HIS O    O N N 140 
HIS CB   C N N 141 
HIS CG   C Y N 142 
HIS ND1  N Y N 143 
HIS CD2  C Y N 144 
HIS CE1  C Y N 145 
HIS NE2  N Y N 146 
HIS OXT  O N N 147 
HIS H    H N N 148 
HIS H2   H N N 149 
HIS HA   H N N 150 
HIS HB2  H N N 151 
HIS HB3  H N N 152 
HIS HD1  H N N 153 
HIS HD2  H N N 154 
HIS HE1  H N N 155 
HIS HE2  H N N 156 
HIS HXT  H N N 157 
HOH O    O N N 158 
HOH H1   H N N 159 
HOH H2   H N N 160 
ILE N    N N N 161 
ILE CA   C N S 162 
ILE C    C N N 163 
ILE O    O N N 164 
ILE CB   C N S 165 
ILE CG1  C N N 166 
ILE CG2  C N N 167 
ILE CD1  C N N 168 
ILE OXT  O N N 169 
ILE H    H N N 170 
ILE H2   H N N 171 
ILE HA   H N N 172 
ILE HB   H N N 173 
ILE HG12 H N N 174 
ILE HG13 H N N 175 
ILE HG21 H N N 176 
ILE HG22 H N N 177 
ILE HG23 H N N 178 
ILE HD11 H N N 179 
ILE HD12 H N N 180 
ILE HD13 H N N 181 
ILE HXT  H N N 182 
LEU N    N N N 183 
LEU CA   C N S 184 
LEU C    C N N 185 
LEU O    O N N 186 
LEU CB   C N N 187 
LEU CG   C N N 188 
LEU CD1  C N N 189 
LEU CD2  C N N 190 
LEU OXT  O N N 191 
LEU H    H N N 192 
LEU H2   H N N 193 
LEU HA   H N N 194 
LEU HB2  H N N 195 
LEU HB3  H N N 196 
LEU HG   H N N 197 
LEU HD11 H N N 198 
LEU HD12 H N N 199 
LEU HD13 H N N 200 
LEU HD21 H N N 201 
LEU HD22 H N N 202 
LEU HD23 H N N 203 
LEU HXT  H N N 204 
LYS N    N N N 205 
LYS CA   C N S 206 
LYS C    C N N 207 
LYS O    O N N 208 
LYS CB   C N N 209 
LYS CG   C N N 210 
LYS CD   C N N 211 
LYS CE   C N N 212 
LYS NZ   N N N 213 
LYS OXT  O N N 214 
LYS H    H N N 215 
LYS H2   H N N 216 
LYS HA   H N N 217 
LYS HB2  H N N 218 
LYS HB3  H N N 219 
LYS HG2  H N N 220 
LYS HG3  H N N 221 
LYS HD2  H N N 222 
LYS HD3  H N N 223 
LYS HE2  H N N 224 
LYS HE3  H N N 225 
LYS HZ1  H N N 226 
LYS HZ2  H N N 227 
LYS HZ3  H N N 228 
LYS HXT  H N N 229 
MET N    N N N 230 
MET CA   C N S 231 
MET C    C N N 232 
MET O    O N N 233 
MET CB   C N N 234 
MET CG   C N N 235 
MET SD   S N N 236 
MET CE   C N N 237 
MET OXT  O N N 238 
MET H    H N N 239 
MET H2   H N N 240 
MET HA   H N N 241 
MET HB2  H N N 242 
MET HB3  H N N 243 
MET HG2  H N N 244 
MET HG3  H N N 245 
MET HE1  H N N 246 
MET HE2  H N N 247 
MET HE3  H N N 248 
MET HXT  H N N 249 
PHE N    N N N 250 
PHE CA   C N S 251 
PHE C    C N N 252 
PHE O    O N N 253 
PHE CB   C N N 254 
PHE CG   C Y N 255 
PHE CD1  C Y N 256 
PHE CD2  C Y N 257 
PHE CE1  C Y N 258 
PHE CE2  C Y N 259 
PHE CZ   C Y N 260 
PHE OXT  O N N 261 
PHE H    H N N 262 
PHE H2   H N N 263 
PHE HA   H N N 264 
PHE HB2  H N N 265 
PHE HB3  H N N 266 
PHE HD1  H N N 267 
PHE HD2  H N N 268 
PHE HE1  H N N 269 
PHE HE2  H N N 270 
PHE HZ   H N N 271 
PHE HXT  H N N 272 
PRO N    N N N 273 
PRO CA   C N S 274 
PRO C    C N N 275 
PRO O    O N N 276 
PRO CB   C N N 277 
PRO CG   C N N 278 
PRO CD   C N N 279 
PRO OXT  O N N 280 
PRO H    H N N 281 
PRO HA   H N N 282 
PRO HB2  H N N 283 
PRO HB3  H N N 284 
PRO HG2  H N N 285 
PRO HG3  H N N 286 
PRO HD2  H N N 287 
PRO HD3  H N N 288 
PRO HXT  H N N 289 
SER N    N N N 290 
SER CA   C N S 291 
SER C    C N N 292 
SER O    O N N 293 
SER CB   C N N 294 
SER OG   O N N 295 
SER OXT  O N N 296 
SER H    H N N 297 
SER H2   H N N 298 
SER HA   H N N 299 
SER HB2  H N N 300 
SER HB3  H N N 301 
SER HG   H N N 302 
SER HXT  H N N 303 
THR N    N N N 304 
THR CA   C N S 305 
THR C    C N N 306 
THR O    O N N 307 
THR CB   C N R 308 
THR OG1  O N N 309 
THR CG2  C N N 310 
THR OXT  O N N 311 
THR H    H N N 312 
THR H2   H N N 313 
THR HA   H N N 314 
THR HB   H N N 315 
THR HG1  H N N 316 
THR HG21 H N N 317 
THR HG22 H N N 318 
THR HG23 H N N 319 
THR HXT  H N N 320 
TYR N    N N N 321 
TYR CA   C N S 322 
TYR C    C N N 323 
TYR O    O N N 324 
TYR CB   C N N 325 
TYR CG   C Y N 326 
TYR CD1  C Y N 327 
TYR CD2  C Y N 328 
TYR CE1  C Y N 329 
TYR CE2  C Y N 330 
TYR CZ   C Y N 331 
TYR OH   O N N 332 
TYR OXT  O N N 333 
TYR H    H N N 334 
TYR H2   H N N 335 
TYR HA   H N N 336 
TYR HB2  H N N 337 
TYR HB3  H N N 338 
TYR HD1  H N N 339 
TYR HD2  H N N 340 
TYR HE1  H N N 341 
TYR HE2  H N N 342 
TYR HH   H N N 343 
TYR HXT  H N N 344 
VAL N    N N N 345 
VAL CA   C N S 346 
VAL C    C N N 347 
VAL O    O N N 348 
VAL CB   C N N 349 
VAL CG1  C N N 350 
VAL CG2  C N N 351 
VAL OXT  O N N 352 
VAL H    H N N 353 
VAL H2   H N N 354 
VAL HA   H N N 355 
VAL HB   H N N 356 
VAL HG11 H N N 357 
VAL HG12 H N N 358 
VAL HG13 H N N 359 
VAL HG21 H N N 360 
VAL HG22 H N N 361 
VAL HG23 H N N 362 
VAL HXT  H N N 363 
# 
loop_
_chem_comp_bond.comp_id 
_chem_comp_bond.atom_id_1 
_chem_comp_bond.atom_id_2 
_chem_comp_bond.value_order 
_chem_comp_bond.pdbx_aromatic_flag 
_chem_comp_bond.pdbx_stereo_config 
_chem_comp_bond.pdbx_ordinal 
ALA N   CA   sing N N 1   
ALA N   H    sing N N 2   
ALA N   H2   sing N N 3   
ALA CA  C    sing N N 4   
ALA CA  CB   sing N N 5   
ALA CA  HA   sing N N 6   
ALA C   O    doub N N 7   
ALA C   OXT  sing N N 8   
ALA CB  HB1  sing N N 9   
ALA CB  HB2  sing N N 10  
ALA CB  HB3  sing N N 11  
ALA OXT HXT  sing N N 12  
ARG N   CA   sing N N 13  
ARG N   H    sing N N 14  
ARG N   H2   sing N N 15  
ARG CA  C    sing N N 16  
ARG CA  CB   sing N N 17  
ARG CA  HA   sing N N 18  
ARG C   O    doub N N 19  
ARG C   OXT  sing N N 20  
ARG CB  CG   sing N N 21  
ARG CB  HB2  sing N N 22  
ARG CB  HB3  sing N N 23  
ARG CG  CD   sing N N 24  
ARG CG  HG2  sing N N 25  
ARG CG  HG3  sing N N 26  
ARG CD  NE   sing N N 27  
ARG CD  HD2  sing N N 28  
ARG CD  HD3  sing N N 29  
ARG NE  CZ   sing N N 30  
ARG NE  HE   sing N N 31  
ARG CZ  NH1  sing N N 32  
ARG CZ  NH2  doub N N 33  
ARG NH1 HH11 sing N N 34  
ARG NH1 HH12 sing N N 35  
ARG NH2 HH21 sing N N 36  
ARG NH2 HH22 sing N N 37  
ARG OXT HXT  sing N N 38  
ASN N   CA   sing N N 39  
ASN N   H    sing N N 40  
ASN N   H2   sing N N 41  
ASN CA  C    sing N N 42  
ASN CA  CB   sing N N 43  
ASN CA  HA   sing N N 44  
ASN C   O    doub N N 45  
ASN C   OXT  sing N N 46  
ASN CB  CG   sing N N 47  
ASN CB  HB2  sing N N 48  
ASN CB  HB3  sing N N 49  
ASN CG  OD1  doub N N 50  
ASN CG  ND2  sing N N 51  
ASN ND2 HD21 sing N N 52  
ASN ND2 HD22 sing N N 53  
ASN OXT HXT  sing N N 54  
ASP N   CA   sing N N 55  
ASP N   H    sing N N 56  
ASP N   H2   sing N N 57  
ASP CA  C    sing N N 58  
ASP CA  CB   sing N N 59  
ASP CA  HA   sing N N 60  
ASP C   O    doub N N 61  
ASP C   OXT  sing N N 62  
ASP CB  CG   sing N N 63  
ASP CB  HB2  sing N N 64  
ASP CB  HB3  sing N N 65  
ASP CG  OD1  doub N N 66  
ASP CG  OD2  sing N N 67  
ASP OD2 HD2  sing N N 68  
ASP OXT HXT  sing N N 69  
CYS N   CA   sing N N 70  
CYS N   H    sing N N 71  
CYS N   H2   sing N N 72  
CYS CA  C    sing N N 73  
CYS CA  CB   sing N N 74  
CYS CA  HA   sing N N 75  
CYS C   O    doub N N 76  
CYS C   OXT  sing N N 77  
CYS CB  SG   sing N N 78  
CYS CB  HB2  sing N N 79  
CYS CB  HB3  sing N N 80  
CYS SG  HG   sing N N 81  
CYS OXT HXT  sing N N 82  
GLN N   CA   sing N N 83  
GLN N   H    sing N N 84  
GLN N   H2   sing N N 85  
GLN CA  C    sing N N 86  
GLN CA  CB   sing N N 87  
GLN CA  HA   sing N N 88  
GLN C   O    doub N N 89  
GLN C   OXT  sing N N 90  
GLN CB  CG   sing N N 91  
GLN CB  HB2  sing N N 92  
GLN CB  HB3  sing N N 93  
GLN CG  CD   sing N N 94  
GLN CG  HG2  sing N N 95  
GLN CG  HG3  sing N N 96  
GLN CD  OE1  doub N N 97  
GLN CD  NE2  sing N N 98  
GLN NE2 HE21 sing N N 99  
GLN NE2 HE22 sing N N 100 
GLN OXT HXT  sing N N 101 
GLU N   CA   sing N N 102 
GLU N   H    sing N N 103 
GLU N   H2   sing N N 104 
GLU CA  C    sing N N 105 
GLU CA  CB   sing N N 106 
GLU CA  HA   sing N N 107 
GLU C   O    doub N N 108 
GLU C   OXT  sing N N 109 
GLU CB  CG   sing N N 110 
GLU CB  HB2  sing N N 111 
GLU CB  HB3  sing N N 112 
GLU CG  CD   sing N N 113 
GLU CG  HG2  sing N N 114 
GLU CG  HG3  sing N N 115 
GLU CD  OE1  doub N N 116 
GLU CD  OE2  sing N N 117 
GLU OE2 HE2  sing N N 118 
GLU OXT HXT  sing N N 119 
GLY N   CA   sing N N 120 
GLY N   H    sing N N 121 
GLY N   H2   sing N N 122 
GLY CA  C    sing N N 123 
GLY CA  HA2  sing N N 124 
GLY CA  HA3  sing N N 125 
GLY C   O    doub N N 126 
GLY C   OXT  sing N N 127 
GLY OXT HXT  sing N N 128 
HIS N   CA   sing N N 129 
HIS N   H    sing N N 130 
HIS N   H2   sing N N 131 
HIS CA  C    sing N N 132 
HIS CA  CB   sing N N 133 
HIS CA  HA   sing N N 134 
HIS C   O    doub N N 135 
HIS C   OXT  sing N N 136 
HIS CB  CG   sing N N 137 
HIS CB  HB2  sing N N 138 
HIS CB  HB3  sing N N 139 
HIS CG  ND1  sing Y N 140 
HIS CG  CD2  doub Y N 141 
HIS ND1 CE1  doub Y N 142 
HIS ND1 HD1  sing N N 143 
HIS CD2 NE2  sing Y N 144 
HIS CD2 HD2  sing N N 145 
HIS CE1 NE2  sing Y N 146 
HIS CE1 HE1  sing N N 147 
HIS NE2 HE2  sing N N 148 
HIS OXT HXT  sing N N 149 
HOH O   H1   sing N N 150 
HOH O   H2   sing N N 151 
ILE N   CA   sing N N 152 
ILE N   H    sing N N 153 
ILE N   H2   sing N N 154 
ILE CA  C    sing N N 155 
ILE CA  CB   sing N N 156 
ILE CA  HA   sing N N 157 
ILE C   O    doub N N 158 
ILE C   OXT  sing N N 159 
ILE CB  CG1  sing N N 160 
ILE CB  CG2  sing N N 161 
ILE CB  HB   sing N N 162 
ILE CG1 CD1  sing N N 163 
ILE CG1 HG12 sing N N 164 
ILE CG1 HG13 sing N N 165 
ILE CG2 HG21 sing N N 166 
ILE CG2 HG22 sing N N 167 
ILE CG2 HG23 sing N N 168 
ILE CD1 HD11 sing N N 169 
ILE CD1 HD12 sing N N 170 
ILE CD1 HD13 sing N N 171 
ILE OXT HXT  sing N N 172 
LEU N   CA   sing N N 173 
LEU N   H    sing N N 174 
LEU N   H2   sing N N 175 
LEU CA  C    sing N N 176 
LEU CA  CB   sing N N 177 
LEU CA  HA   sing N N 178 
LEU C   O    doub N N 179 
LEU C   OXT  sing N N 180 
LEU CB  CG   sing N N 181 
LEU CB  HB2  sing N N 182 
LEU CB  HB3  sing N N 183 
LEU CG  CD1  sing N N 184 
LEU CG  CD2  sing N N 185 
LEU CG  HG   sing N N 186 
LEU CD1 HD11 sing N N 187 
LEU CD1 HD12 sing N N 188 
LEU CD1 HD13 sing N N 189 
LEU CD2 HD21 sing N N 190 
LEU CD2 HD22 sing N N 191 
LEU CD2 HD23 sing N N 192 
LEU OXT HXT  sing N N 193 
LYS N   CA   sing N N 194 
LYS N   H    sing N N 195 
LYS N   H2   sing N N 196 
LYS CA  C    sing N N 197 
LYS CA  CB   sing N N 198 
LYS CA  HA   sing N N 199 
LYS C   O    doub N N 200 
LYS C   OXT  sing N N 201 
LYS CB  CG   sing N N 202 
LYS CB  HB2  sing N N 203 
LYS CB  HB3  sing N N 204 
LYS CG  CD   sing N N 205 
LYS CG  HG2  sing N N 206 
LYS CG  HG3  sing N N 207 
LYS CD  CE   sing N N 208 
LYS CD  HD2  sing N N 209 
LYS CD  HD3  sing N N 210 
LYS CE  NZ   sing N N 211 
LYS CE  HE2  sing N N 212 
LYS CE  HE3  sing N N 213 
LYS NZ  HZ1  sing N N 214 
LYS NZ  HZ2  sing N N 215 
LYS NZ  HZ3  sing N N 216 
LYS OXT HXT  sing N N 217 
MET N   CA   sing N N 218 
MET N   H    sing N N 219 
MET N   H2   sing N N 220 
MET CA  C    sing N N 221 
MET CA  CB   sing N N 222 
MET CA  HA   sing N N 223 
MET C   O    doub N N 224 
MET C   OXT  sing N N 225 
MET CB  CG   sing N N 226 
MET CB  HB2  sing N N 227 
MET CB  HB3  sing N N 228 
MET CG  SD   sing N N 229 
MET CG  HG2  sing N N 230 
MET CG  HG3  sing N N 231 
MET SD  CE   sing N N 232 
MET CE  HE1  sing N N 233 
MET CE  HE2  sing N N 234 
MET CE  HE3  sing N N 235 
MET OXT HXT  sing N N 236 
PHE N   CA   sing N N 237 
PHE N   H    sing N N 238 
PHE N   H2   sing N N 239 
PHE CA  C    sing N N 240 
PHE CA  CB   sing N N 241 
PHE CA  HA   sing N N 242 
PHE C   O    doub N N 243 
PHE C   OXT  sing N N 244 
PHE CB  CG   sing N N 245 
PHE CB  HB2  sing N N 246 
PHE CB  HB3  sing N N 247 
PHE CG  CD1  doub Y N 248 
PHE CG  CD2  sing Y N 249 
PHE CD1 CE1  sing Y N 250 
PHE CD1 HD1  sing N N 251 
PHE CD2 CE2  doub Y N 252 
PHE CD2 HD2  sing N N 253 
PHE CE1 CZ   doub Y N 254 
PHE CE1 HE1  sing N N 255 
PHE CE2 CZ   sing Y N 256 
PHE CE2 HE2  sing N N 257 
PHE CZ  HZ   sing N N 258 
PHE OXT HXT  sing N N 259 
PRO N   CA   sing N N 260 
PRO N   CD   sing N N 261 
PRO N   H    sing N N 262 
PRO CA  C    sing N N 263 
PRO CA  CB   sing N N 264 
PRO CA  HA   sing N N 265 
PRO C   O    doub N N 266 
PRO C   OXT  sing N N 267 
PRO CB  CG   sing N N 268 
PRO CB  HB2  sing N N 269 
PRO CB  HB3  sing N N 270 
PRO CG  CD   sing N N 271 
PRO CG  HG2  sing N N 272 
PRO CG  HG3  sing N N 273 
PRO CD  HD2  sing N N 274 
PRO CD  HD3  sing N N 275 
PRO OXT HXT  sing N N 276 
SER N   CA   sing N N 277 
SER N   H    sing N N 278 
SER N   H2   sing N N 279 
SER CA  C    sing N N 280 
SER CA  CB   sing N N 281 
SER CA  HA   sing N N 282 
SER C   O    doub N N 283 
SER C   OXT  sing N N 284 
SER CB  OG   sing N N 285 
SER CB  HB2  sing N N 286 
SER CB  HB3  sing N N 287 
SER OG  HG   sing N N 288 
SER OXT HXT  sing N N 289 
THR N   CA   sing N N 290 
THR N   H    sing N N 291 
THR N   H2   sing N N 292 
THR CA  C    sing N N 293 
THR CA  CB   sing N N 294 
THR CA  HA   sing N N 295 
THR C   O    doub N N 296 
THR C   OXT  sing N N 297 
THR CB  OG1  sing N N 298 
THR CB  CG2  sing N N 299 
THR CB  HB   sing N N 300 
THR OG1 HG1  sing N N 301 
THR CG2 HG21 sing N N 302 
THR CG2 HG22 sing N N 303 
THR CG2 HG23 sing N N 304 
THR OXT HXT  sing N N 305 
TYR N   CA   sing N N 306 
TYR N   H    sing N N 307 
TYR N   H2   sing N N 308 
TYR CA  C    sing N N 309 
TYR CA  CB   sing N N 310 
TYR CA  HA   sing N N 311 
TYR C   O    doub N N 312 
TYR C   OXT  sing N N 313 
TYR CB  CG   sing N N 314 
TYR CB  HB2  sing N N 315 
TYR CB  HB3  sing N N 316 
TYR CG  CD1  doub Y N 317 
TYR CG  CD2  sing Y N 318 
TYR CD1 CE1  sing Y N 319 
TYR CD1 HD1  sing N N 320 
TYR CD2 CE2  doub Y N 321 
TYR CD2 HD2  sing N N 322 
TYR CE1 CZ   doub Y N 323 
TYR CE1 HE1  sing N N 324 
TYR CE2 CZ   sing Y N 325 
TYR CE2 HE2  sing N N 326 
TYR CZ  OH   sing N N 327 
TYR OH  HH   sing N N 328 
TYR OXT HXT  sing N N 329 
VAL N   CA   sing N N 330 
VAL N   H    sing N N 331 
VAL N   H2   sing N N 332 
VAL CA  C    sing N N 333 
VAL CA  CB   sing N N 334 
VAL CA  HA   sing N N 335 
VAL C   O    doub N N 336 
VAL C   OXT  sing N N 337 
VAL CB  CG1  sing N N 338 
VAL CB  CG2  sing N N 339 
VAL CB  HB   sing N N 340 
VAL CG1 HG11 sing N N 341 
VAL CG1 HG12 sing N N 342 
VAL CG1 HG13 sing N N 343 
VAL CG2 HG21 sing N N 344 
VAL CG2 HG22 sing N N 345 
VAL CG2 HG23 sing N N 346 
VAL OXT HXT  sing N N 347 
# 
_atom_sites.entry_id                    1C25 
_atom_sites.fract_transf_matrix[1][1]   0.01778131 
_atom_sites.fract_transf_matrix[1][2]   0.00938842 
_atom_sites.fract_transf_matrix[1][3]   0.01113521 
_atom_sites.fract_transf_matrix[2][1]   0.00468952 
_atom_sites.fract_transf_matrix[2][2]   -0.02032723 
_atom_sites.fract_transf_matrix[2][3]   0.00964999 
_atom_sites.fract_transf_matrix[3][1]   0.00512335 
_atom_sites.fract_transf_matrix[3][2]   -0.00192960 
_atom_sites.fract_transf_matrix[3][3]   -0.00655435 
_atom_sites.fract_transf_vector[1]      0.142060 
_atom_sites.fract_transf_vector[2]      0.727485 
_atom_sites.fract_transf_vector[3]      0.627261 
# 
loop_
_atom_type.symbol 
C 
N 
O 
S 
# 
loop_
_atom_site.group_PDB 
_atom_site.id 
_atom_site.type_symbol 
_atom_site.label_atom_id 
_atom_site.label_alt_id 
_atom_site.label_comp_id 
_atom_site.label_asym_id 
_atom_site.label_entity_id 
_atom_site.label_seq_id 
_atom_site.pdbx_PDB_ins_code 
_atom_site.Cartn_x 
_atom_site.Cartn_y 
_atom_site.Cartn_z 
_atom_site.occupancy 
_atom_site.B_iso_or_equiv 
_atom_site.pdbx_formal_charge 
_atom_site.auth_seq_id 
_atom_site.auth_comp_id 
_atom_site.auth_asym_id 
_atom_site.auth_atom_id 
_atom_site.pdbx_PDB_model_num 
ATOM   1    N N   . MET A 1 1   ? -5.518  -12.623 -12.603 1.00 58.17 ? 335 MET A N   1 
ATOM   2    C CA  . MET A 1 1   ? -6.882  -12.185 -13.018 1.00 57.56 ? 335 MET A CA  1 
ATOM   3    C C   . MET A 1 1   ? -6.923  -10.662 -13.260 1.00 53.72 ? 335 MET A C   1 
ATOM   4    O O   . MET A 1 1   ? -5.882  -10.022 -13.449 1.00 53.35 ? 335 MET A O   1 
ATOM   5    C CB  . MET A 1 1   ? -7.931  -12.600 -11.963 1.00 62.11 ? 335 MET A CB  1 
ATOM   6    C CG  . MET A 1 1   ? -7.785  -11.905 -10.584 1.00 65.86 ? 335 MET A CG  1 
ATOM   7    S SD  . MET A 1 1   ? -9.392  -11.524 -9.771  1.00 70.65 ? 335 MET A SD  1 
ATOM   8    C CE  . MET A 1 1   ? -8.803  -10.743 -8.165  1.00 68.80 ? 335 MET A CE  1 
ATOM   9    N N   . LEU A 1 2   ? -8.126  -10.099 -13.248 1.00 48.52 ? 336 LEU A N   1 
ATOM   10   C CA  . LEU A 1 2   ? -8.351  -8.676  -13.472 1.00 42.68 ? 336 LEU A CA  1 
ATOM   11   C C   . LEU A 1 2   ? -8.409  -7.892  -12.163 1.00 39.07 ? 336 LEU A C   1 
ATOM   12   O O   . LEU A 1 2   ? -8.483  -8.476  -11.078 1.00 37.64 ? 336 LEU A O   1 
ATOM   13   C CB  . LEU A 1 2   ? -9.674  -8.495  -14.203 1.00 43.02 ? 336 LEU A CB  1 
ATOM   14   C CG  . LEU A 1 2   ? -9.829  -9.302  -15.488 1.00 41.85 ? 336 LEU A CG  1 
ATOM   15   C CD1 . LEU A 1 2   ? -11.296 -9.492  -15.811 1.00 42.66 ? 336 LEU A CD1 1 
ATOM   16   C CD2 . LEU A 1 2   ? -9.091  -8.598  -16.600 1.00 41.42 ? 336 LEU A CD2 1 
ATOM   17   N N   . ILE A 1 3   ? -8.376  -6.570  -12.274 1.00 33.89 ? 337 ILE A N   1 
ATOM   18   C CA  . ILE A 1 3   ? -8.442  -5.710  -11.107 1.00 28.34 ? 337 ILE A CA  1 
ATOM   19   C C   . ILE A 1 3   ? -9.901  -5.623  -10.610 1.00 29.31 ? 337 ILE A C   1 
ATOM   20   O O   . ILE A 1 3   ? -10.818 -6.135  -11.270 1.00 29.10 ? 337 ILE A O   1 
ATOM   21   C CB  . ILE A 1 3   ? -7.820  -4.304  -11.378 1.00 24.48 ? 337 ILE A CB  1 
ATOM   22   C CG1 . ILE A 1 3   ? -8.580  -3.542  -12.449 1.00 20.41 ? 337 ILE A CG1 1 
ATOM   23   C CG2 . ILE A 1 3   ? -6.354  -4.434  -11.795 1.00 22.77 ? 337 ILE A CG2 1 
ATOM   24   C CD1 . ILE A 1 3   ? -8.193  -2.118  -12.497 1.00 14.71 ? 337 ILE A CD1 1 
ATOM   25   N N   . GLY A 1 4   ? -10.084 -4.989  -9.450  1.00 29.69 ? 338 GLY A N   1 
ATOM   26   C CA  . GLY A 1 4   ? -11.378 -4.838  -8.781  1.00 30.03 ? 338 GLY A CA  1 
ATOM   27   C C   . GLY A 1 4   ? -12.639 -4.492  -9.550  1.00 30.67 ? 338 GLY A C   1 
ATOM   28   O O   . GLY A 1 4   ? -13.739 -4.905  -9.166  1.00 28.88 ? 338 GLY A O   1 
ATOM   29   N N   . ASP A 1 5   ? -12.486 -3.699  -10.605 1.00 29.98 ? 339 ASP A N   1 
ATOM   30   C CA  . ASP A 1 5   ? -13.617 -3.321  -11.422 1.00 30.06 ? 339 ASP A CA  1 
ATOM   31   C C   . ASP A 1 5   ? -13.656 -4.117  -12.718 1.00 30.71 ? 339 ASP A C   1 
ATOM   32   O O   . ASP A 1 5   ? -14.380 -3.754  -13.646 1.00 31.27 ? 339 ASP A O   1 
ATOM   33   C CB  . ASP A 1 5   ? -13.612 -1.816  -11.708 1.00 30.29 ? 339 ASP A CB  1 
ATOM   34   C CG  . ASP A 1 5   ? -12.361 -1.342  -12.419 1.00 29.80 ? 339 ASP A CG  1 
ATOM   35   O OD1 . ASP A 1 5   ? -11.445 -2.143  -12.653 1.00 31.05 ? 339 ASP A OD1 1 
ATOM   36   O OD2 . ASP A 1 5   ? -12.296 -0.146  -12.744 1.00 28.24 ? 339 ASP A OD2 1 
ATOM   37   N N   . PHE A 1 6   ? -12.833 -5.164  -12.782 1.00 31.43 ? 340 PHE A N   1 
ATOM   38   C CA  . PHE A 1 6   ? -12.719 -6.076  -13.938 1.00 31.30 ? 340 PHE A CA  1 
ATOM   39   C C   . PHE A 1 6   ? -12.470 -5.401  -15.268 1.00 30.40 ? 340 PHE A C   1 
ATOM   40   O O   . PHE A 1 6   ? -12.750 -6.000  -16.290 1.00 32.47 ? 340 PHE A O   1 
ATOM   41   C CB  . PHE A 1 6   ? -13.982 -6.947  -14.076 1.00 30.15 ? 340 PHE A CB  1 
ATOM   42   C CG  . PHE A 1 6   ? -14.365 -7.659  -12.814 1.00 30.41 ? 340 PHE A CG  1 
ATOM   43   C CD1 . PHE A 1 6   ? -13.710 -8.820  -12.436 1.00 30.71 ? 340 PHE A CD1 1 
ATOM   44   C CD2 . PHE A 1 6   ? -15.315 -7.114  -11.953 1.00 29.35 ? 340 PHE A CD2 1 
ATOM   45   C CE1 . PHE A 1 6   ? -13.994 -9.429  -11.211 1.00 30.83 ? 340 PHE A CE1 1 
ATOM   46   C CE2 . PHE A 1 6   ? -15.605 -7.709  -10.737 1.00 29.60 ? 340 PHE A CE2 1 
ATOM   47   C CZ  . PHE A 1 6   ? -14.941 -8.860  -10.360 1.00 30.67 ? 340 PHE A CZ  1 
ATOM   48   N N   . SER A 1 7   ? -11.948 -4.178  -15.271 1.00 29.74 ? 341 SER A N   1 
ATOM   49   C CA  . SER A 1 7   ? -11.732 -3.456  -16.519 1.00 29.78 ? 341 SER A CA  1 
ATOM   50   C C   . SER A 1 7   ? -10.397 -3.734  -17.172 1.00 31.85 ? 341 SER A C   1 
ATOM   51   O O   . SER A 1 7   ? -10.171 -3.349  -18.316 1.00 33.39 ? 341 SER A O   1 
ATOM   52   C CB  . SER A 1 7   ? -11.829 -1.964  -16.284 1.00 29.86 ? 341 SER A CB  1 
ATOM   53   O OG  . SER A 1 7   ? -10.801 -1.557  -15.400 1.00 31.22 ? 341 SER A OG  1 
ATOM   54   N N   . LYS A 1 8   ? -9.476  -4.312  -16.417 1.00 31.96 ? 342 LYS A N   1 
ATOM   55   C CA  . LYS A 1 8   ? -8.155  -4.612  -16.945 1.00 30.52 ? 342 LYS A CA  1 
ATOM   56   C C   . LYS A 1 8   ? -7.446  -5.455  -15.916 1.00 31.02 ? 342 LYS A C   1 
ATOM   57   O O   . LYS A 1 8   ? -8.036  -5.774  -14.880 1.00 32.32 ? 342 LYS A O   1 
ATOM   58   C CB  . LYS A 1 8   ? -7.384  -3.317  -17.255 1.00 29.71 ? 342 LYS A CB  1 
ATOM   59   C CG  . LYS A 1 8   ? -7.136  -2.418  -16.066 1.00 28.88 ? 342 LYS A CG  1 
ATOM   60   C CD  . LYS A 1 8   ? -6.682  -1.040  -16.484 1.00 26.07 ? 342 LYS A CD  1 
ATOM   61   C CE  . LYS A 1 8   ? -7.807  -0.064  -16.342 1.00 26.42 ? 342 LYS A CE  1 
ATOM   62   N NZ  . LYS A 1 8   ? -7.314  1.341   -16.359 1.00 28.80 ? 342 LYS A NZ  1 
ATOM   63   N N   . GLY A 1 9   ? -6.231  -5.892  -16.239 1.00 29.95 ? 343 GLY A N   1 
ATOM   64   C CA  . GLY A 1 9   ? -5.463  -6.711  -15.323 1.00 27.30 ? 343 GLY A CA  1 
ATOM   65   C C   . GLY A 1 9   ? -4.520  -5.882  -14.483 1.00 26.10 ? 343 GLY A C   1 
ATOM   66   O O   . GLY A 1 9   ? -4.360  -4.683  -14.684 1.00 24.63 ? 343 GLY A O   1 
ATOM   67   N N   . TYR A 1 10  ? -3.900  -6.523  -13.514 1.00 28.16 ? 344 TYR A N   1 
ATOM   68   C CA  . TYR A 1 10  ? -2.962  -5.823  -12.654 1.00 30.06 ? 344 TYR A CA  1 
ATOM   69   C C   . TYR A 1 10  ? -1.740  -5.361  -13.424 1.00 31.58 ? 344 TYR A C   1 
ATOM   70   O O   . TYR A 1 10  ? -1.225  -6.097  -14.267 1.00 34.46 ? 344 TYR A O   1 
ATOM   71   C CB  . TYR A 1 10  ? -2.546  -6.720  -11.499 1.00 30.25 ? 344 TYR A CB  1 
ATOM   72   C CG  . TYR A 1 10  ? -3.627  -6.836  -10.461 1.00 31.32 ? 344 TYR A CG  1 
ATOM   73   C CD1 . TYR A 1 10  ? -3.750  -5.889  -9.456  1.00 32.02 ? 344 TYR A CD1 1 
ATOM   74   C CD2 . TYR A 1 10  ? -4.557  -7.872  -10.511 1.00 32.59 ? 344 TYR A CD2 1 
ATOM   75   C CE1 . TYR A 1 10  ? -4.780  -5.969  -8.520  1.00 33.22 ? 344 TYR A CE1 1 
ATOM   76   C CE2 . TYR A 1 10  ? -5.585  -7.968  -9.584  1.00 32.23 ? 344 TYR A CE2 1 
ATOM   77   C CZ  . TYR A 1 10  ? -5.691  -7.017  -8.593  1.00 32.57 ? 344 TYR A CZ  1 
ATOM   78   O OH  . TYR A 1 10  ? -6.685  -7.119  -7.659  1.00 32.27 ? 344 TYR A OH  1 
ATOM   79   N N   . LEU A 1 11  ? -1.281  -4.148  -13.139 1.00 29.50 ? 345 LEU A N   1 
ATOM   80   C CA  . LEU A 1 11  ? -0.117  -3.610  -13.800 1.00 28.78 ? 345 LEU A CA  1 
ATOM   81   C C   . LEU A 1 11  ? 1.192   -4.263  -13.383 1.00 30.47 ? 345 LEU A C   1 
ATOM   82   O O   . LEU A 1 11  ? 2.033   -4.553  -14.219 1.00 33.38 ? 345 LEU A O   1 
ATOM   83   C CB  . LEU A 1 11  ? -0.028  -2.111  -13.565 1.00 28.43 ? 345 LEU A CB  1 
ATOM   84   C CG  . LEU A 1 11  ? 1.128   -1.389  -14.263 1.00 28.06 ? 345 LEU A CG  1 
ATOM   85   C CD1 . LEU A 1 11  ? 1.060   -1.652  -15.762 1.00 27.82 ? 345 LEU A CD1 1 
ATOM   86   C CD2 . LEU A 1 11  ? 1.053   0.118   -13.990 1.00 26.58 ? 345 LEU A CD2 1 
ATOM   87   N N   . PHE A 1 12  ? 1.367   -4.502  -12.088 1.00 30.43 ? 346 PHE A N   1 
ATOM   88   C CA  . PHE A 1 12  ? 2.605   -5.070  -11.586 1.00 29.82 ? 346 PHE A CA  1 
ATOM   89   C C   . PHE A 1 12  ? 2.630   -6.576  -11.504 1.00 32.86 ? 346 PHE A C   1 
ATOM   90   O O   . PHE A 1 12  ? 1.602   -7.242  -11.473 1.00 32.45 ? 346 PHE A O   1 
ATOM   91   C CB  . PHE A 1 12  ? 2.895   -4.548  -10.176 1.00 27.24 ? 346 PHE A CB  1 
ATOM   92   C CG  . PHE A 1 12  ? 2.796   -3.066  -10.035 1.00 25.24 ? 346 PHE A CG  1 
ATOM   93   C CD1 . PHE A 1 12  ? 3.085   -2.214  -11.103 1.00 24.83 ? 346 PHE A CD1 1 
ATOM   94   C CD2 . PHE A 1 12  ? 2.439   -2.509  -8.813  1.00 23.75 ? 346 PHE A CD2 1 
ATOM   95   C CE1 . PHE A 1 12  ? 3.015   -0.821  -10.950 1.00 23.61 ? 346 PHE A CE1 1 
ATOM   96   C CE2 . PHE A 1 12  ? 2.369   -1.129  -8.647  1.00 23.39 ? 346 PHE A CE2 1 
ATOM   97   C CZ  . PHE A 1 12  ? 2.656   -0.281  -9.722  1.00 24.20 ? 346 PHE A CZ  1 
ATOM   98   N N   . HIS A 1 13  ? 3.833   -7.113  -11.420 1.00 37.40 ? 347 HIS A N   1 
ATOM   99   C CA  . HIS A 1 13  ? 3.985   -8.546  -11.263 1.00 42.40 ? 347 HIS A CA  1 
ATOM   100  C C   . HIS A 1 13  ? 3.797   -8.786  -9.778  1.00 41.56 ? 347 HIS A C   1 
ATOM   101  O O   . HIS A 1 13  ? 4.254   -7.993  -8.956  1.00 39.77 ? 347 HIS A O   1 
ATOM   102  C CB  . HIS A 1 13  ? 5.387   -9.000  -11.689 1.00 47.61 ? 347 HIS A CB  1 
ATOM   103  C CG  . HIS A 1 13  ? 5.622   -8.910  -13.164 1.00 52.38 ? 347 HIS A CG  1 
ATOM   104  N ND1 . HIS A 1 13  ? 6.318   -7.871  -13.748 1.00 54.13 ? 347 HIS A ND1 1 
ATOM   105  C CD2 . HIS A 1 13  ? 5.231   -9.718  -14.178 1.00 53.68 ? 347 HIS A CD2 1 
ATOM   106  C CE1 . HIS A 1 13  ? 6.346   -8.042  -15.058 1.00 54.74 ? 347 HIS A CE1 1 
ATOM   107  N NE2 . HIS A 1 13  ? 5.692   -9.155  -15.344 1.00 55.13 ? 347 HIS A NE2 1 
ATOM   108  N N   . THR A 1 14  ? 3.208   -9.920  -9.434  1.00 42.41 ? 348 THR A N   1 
ATOM   109  C CA  . THR A 1 14  ? 2.939   -10.233 -8.047  1.00 43.57 ? 348 THR A CA  1 
ATOM   110  C C   . THR A 1 14  ? 3.587   -11.501 -7.495  1.00 44.38 ? 348 THR A C   1 
ATOM   111  O O   . THR A 1 14  ? 3.769   -12.502 -8.202  1.00 45.45 ? 348 THR A O   1 
ATOM   112  C CB  . THR A 1 14  ? 1.414   -10.326 -7.848  1.00 44.74 ? 348 THR A CB  1 
ATOM   113  O OG1 . THR A 1 14  ? 0.856   -11.171 -8.863  1.00 45.27 ? 348 THR A OG1 1 
ATOM   114  C CG2 . THR A 1 14  ? 0.768   -8.943  -7.953  1.00 44.52 ? 348 THR A CG2 1 
ATOM   115  N N   . VAL A 1 15  ? 3.902   -11.468 -6.209  1.00 43.39 ? 349 VAL A N   1 
ATOM   116  C CA  . VAL A 1 15  ? 4.493   -12.609 -5.552  1.00 44.45 ? 349 VAL A CA  1 
ATOM   117  C C   . VAL A 1 15  ? 3.441   -13.210 -4.661  1.00 45.02 ? 349 VAL A C   1 
ATOM   118  O O   . VAL A 1 15  ? 2.506   -12.519 -4.266  1.00 45.54 ? 349 VAL A O   1 
ATOM   119  C CB  . VAL A 1 15  ? 5.643   -12.207 -4.651  1.00 45.47 ? 349 VAL A CB  1 
ATOM   120  C CG1 . VAL A 1 15  ? 6.302   -13.477 -4.058  1.00 47.46 ? 349 VAL A CG1 1 
ATOM   121  C CG2 . VAL A 1 15  ? 6.644   -11.384 -5.432  1.00 46.15 ? 349 VAL A CG2 1 
ATOM   122  N N   . ALA A 1 16  ? 3.595   -14.491 -4.338  1.00 46.17 ? 350 ALA A N   1 
ATOM   123  C CA  . ALA A 1 16  ? 2.646   -15.172 -3.468  1.00 46.99 ? 350 ALA A CA  1 
ATOM   124  C C   . ALA A 1 16  ? 2.817   -14.593 -2.076  1.00 47.77 ? 350 ALA A C   1 
ATOM   125  O O   . ALA A 1 16  ? 3.896   -14.105 -1.720  1.00 47.18 ? 350 ALA A O   1 
ATOM   126  C CB  . ALA A 1 16  ? 2.896   -16.689 -3.450  1.00 45.78 ? 350 ALA A CB  1 
ATOM   127  N N   . GLY A 1 17  ? 1.724   -14.604 -1.320  1.00 48.66 ? 351 GLY A N   1 
ATOM   128  C CA  . GLY A 1 17  ? 1.733   -14.098 0.032   1.00 47.73 ? 351 GLY A CA  1 
ATOM   129  C C   . GLY A 1 17  ? 0.784   -14.957 0.832   1.00 47.52 ? 351 GLY A C   1 
ATOM   130  O O   . GLY A 1 17  ? 0.089   -15.805 0.271   1.00 45.95 ? 351 GLY A O   1 
ATOM   131  N N   . LYS A 1 18  ? 0.709   -14.671 2.125   1.00 48.31 ? 352 LYS A N   1 
ATOM   132  C CA  . LYS A 1 18  ? -0.129  -15.404 3.069   1.00 48.38 ? 352 LYS A CA  1 
ATOM   133  C C   . LYS A 1 18  ? -1.621  -15.395 2.749   1.00 46.66 ? 352 LYS A C   1 
ATOM   134  O O   . LYS A 1 18  ? -2.303  -16.391 2.926   1.00 47.32 ? 352 LYS A O   1 
ATOM   135  C CB  . LYS A 1 18  ? 0.106   -14.858 4.483   1.00 49.34 ? 352 LYS A CB  1 
ATOM   136  C CG  . LYS A 1 18  ? -0.658  -15.591 5.563   1.00 50.48 ? 352 LYS A CG  1 
ATOM   137  C CD  . LYS A 1 18  ? -0.580  -14.838 6.865   1.00 51.89 ? 352 LYS A CD  1 
ATOM   138  C CE  . LYS A 1 18  ? -1.621  -15.348 7.843   1.00 51.90 ? 352 LYS A CE  1 
ATOM   139  N NZ  . LYS A 1 18  ? -1.618  -14.520 9.079   1.00 52.59 ? 352 LYS A NZ  1 
ATOM   140  N N   . HIS A 1 19  ? -2.139  -14.259 2.316   1.00 46.59 ? 353 HIS A N   1 
ATOM   141  C CA  . HIS A 1 19  ? -3.551  -14.168 2.008   1.00 47.80 ? 353 HIS A CA  1 
ATOM   142  C C   . HIS A 1 19  ? -3.713  -14.284 0.519   1.00 48.85 ? 353 HIS A C   1 
ATOM   143  O O   . HIS A 1 19  ? -3.569  -13.308 -0.205  1.00 49.87 ? 353 HIS A O   1 
ATOM   144  C CB  . HIS A 1 19  ? -4.120  -12.849 2.514   1.00 48.64 ? 353 HIS A CB  1 
ATOM   145  C CG  . HIS A 1 19  ? -3.930  -12.652 3.984   1.00 49.12 ? 353 HIS A CG  1 
ATOM   146  N ND1 . HIS A 1 19  ? -2.982  -11.795 4.506   1.00 49.20 ? 353 HIS A ND1 1 
ATOM   147  C CD2 . HIS A 1 19  ? -4.524  -13.245 5.045   1.00 48.78 ? 353 HIS A CD2 1 
ATOM   148  C CE1 . HIS A 1 19  ? -2.998  -11.871 5.822   1.00 48.79 ? 353 HIS A CE1 1 
ATOM   149  N NE2 . HIS A 1 19  ? -3.923  -12.744 6.174   1.00 49.61 ? 353 HIS A NE2 1 
ATOM   150  N N   . GLN A 1 20  ? -4.071  -15.480 0.076   1.00 49.83 ? 354 GLN A N   1 
ATOM   151  C CA  . GLN A 1 20  ? -4.225  -15.764 -1.345  1.00 49.61 ? 354 GLN A CA  1 
ATOM   152  C C   . GLN A 1 20  ? -5.284  -14.926 -2.070  1.00 47.49 ? 354 GLN A C   1 
ATOM   153  O O   . GLN A 1 20  ? -5.334  -14.930 -3.296  1.00 48.46 ? 354 GLN A O   1 
ATOM   154  C CB  . GLN A 1 20  ? -4.468  -17.266 -1.580  1.00 52.41 ? 354 GLN A CB  1 
ATOM   155  C CG  . GLN A 1 20  ? -3.829  -18.247 -0.550  1.00 56.68 ? 354 GLN A CG  1 
ATOM   156  C CD  . GLN A 1 20  ? -2.290  -18.187 -0.439  1.00 59.69 ? 354 GLN A CD  1 
ATOM   157  O OE1 . GLN A 1 20  ? -1.606  -17.587 -1.272  1.00 61.79 ? 354 GLN A OE1 1 
ATOM   158  N NE2 . GLN A 1 20  ? -1.749  -18.831 0.597   1.00 61.00 ? 354 GLN A NE2 1 
ATOM   159  N N   . ASP A 1 21  ? -6.125  -14.202 -1.338  1.00 44.10 ? 355 ASP A N   1 
ATOM   160  C CA  . ASP A 1 21  ? -7.153  -13.371 -1.974  1.00 41.77 ? 355 ASP A CA  1 
ATOM   161  C C   . ASP A 1 21  ? -6.643  -11.941 -2.289  1.00 40.53 ? 355 ASP A C   1 
ATOM   162  O O   . ASP A 1 21  ? -7.379  -11.117 -2.842  1.00 39.85 ? 355 ASP A O   1 
ATOM   163  C CB  . ASP A 1 21  ? -8.384  -13.277 -1.071  1.00 42.61 ? 355 ASP A CB  1 
ATOM   164  C CG  . ASP A 1 21  ? -8.140  -12.413 0.154   1.00 44.30 ? 355 ASP A CG  1 
ATOM   165  O OD1 . ASP A 1 21  ? -7.137  -12.664 0.861   1.00 45.87 ? 355 ASP A OD1 1 
ATOM   166  O OD2 . ASP A 1 21  ? -8.927  -11.463 0.398   1.00 46.21 ? 355 ASP A OD2 1 
ATOM   167  N N   . LEU A 1 22  ? -5.402  -11.649 -1.897  1.00 37.51 ? 356 LEU A N   1 
ATOM   168  C CA  . LEU A 1 22  ? -4.784  -10.335 -2.097  1.00 34.00 ? 356 LEU A CA  1 
ATOM   169  C C   . LEU A 1 22  ? -3.550  -10.375 -3.009  1.00 33.03 ? 356 LEU A C   1 
ATOM   170  O O   . LEU A 1 22  ? -2.897  -11.405 -3.130  1.00 33.59 ? 356 LEU A O   1 
ATOM   171  C CB  . LEU A 1 22  ? -4.357  -9.778  -0.743  1.00 32.43 ? 356 LEU A CB  1 
ATOM   172  C CG  . LEU A 1 22  ? -5.401  -9.540  0.333   1.00 31.21 ? 356 LEU A CG  1 
ATOM   173  C CD1 . LEU A 1 22  ? -4.700  -9.016  1.573   1.00 30.97 ? 356 LEU A CD1 1 
ATOM   174  C CD2 . LEU A 1 22  ? -6.427  -8.559  -0.165  1.00 29.47 ? 356 LEU A CD2 1 
ATOM   175  N N   . LYS A 1 23  ? -3.219  -9.239  -3.621  1.00 32.06 ? 357 LYS A N   1 
ATOM   176  C CA  . LYS A 1 23  ? -2.054  -9.133  -4.488  1.00 30.11 ? 357 LYS A CA  1 
ATOM   177  C C   . LYS A 1 23  ? -0.874  -8.546  -3.721  1.00 29.99 ? 357 LYS A C   1 
ATOM   178  O O   . LYS A 1 23  ? -0.991  -7.487  -3.104  1.00 30.85 ? 357 LYS A O   1 
ATOM   179  C CB  . LYS A 1 23  ? -2.375  -8.269  -5.704  1.00 30.27 ? 357 LYS A CB  1 
ATOM   180  C CG  . LYS A 1 23  ? -3.409  -8.876  -6.637  1.00 33.07 ? 357 LYS A CG  1 
ATOM   181  C CD  . LYS A 1 23  ? -2.998  -10.275 -7.103  1.00 36.23 ? 357 LYS A CD  1 
ATOM   182  C CE  . LYS A 1 23  ? -4.127  -11.004 -7.848  1.00 39.31 ? 357 LYS A CE  1 
ATOM   183  N NZ  . LYS A 1 23  ? -5.399  -11.004 -7.035  1.00 41.87 ? 357 LYS A NZ  1 
ATOM   184  N N   . TYR A 1 24  ? 0.255   -9.250  -3.745  1.00 30.19 ? 358 TYR A N   1 
ATOM   185  C CA  . TYR A 1 24  ? 1.481   -8.826  -3.066  1.00 29.40 ? 358 TYR A CA  1 
ATOM   186  C C   . TYR A 1 24  ? 2.554   -8.429  -4.079  1.00 28.48 ? 358 TYR A C   1 
ATOM   187  O O   . TYR A 1 24  ? 2.570   -8.939  -5.189  1.00 29.37 ? 358 TYR A O   1 
ATOM   188  C CB  . TYR A 1 24  ? 2.029   -9.967  -2.193  1.00 29.23 ? 358 TYR A CB  1 
ATOM   189  C CG  . TYR A 1 24  ? 1.209   -10.289 -0.950  1.00 30.34 ? 358 TYR A CG  1 
ATOM   190  C CD1 . TYR A 1 24  ? -0.033  -10.918 -1.047  1.00 29.94 ? 358 TYR A CD1 1 
ATOM   191  C CD2 . TYR A 1 24  ? 1.699   -9.996  0.326   1.00 30.17 ? 358 TYR A CD2 1 
ATOM   192  C CE1 . TYR A 1 24  ? -0.764  -11.252 0.085   1.00 30.02 ? 358 TYR A CE1 1 
ATOM   193  C CE2 . TYR A 1 24  ? 0.974   -10.329 1.459   1.00 30.83 ? 358 TYR A CE2 1 
ATOM   194  C CZ  . TYR A 1 24  ? -0.249  -10.959 1.330   1.00 31.04 ? 358 TYR A CZ  1 
ATOM   195  O OH  . TYR A 1 24  ? -0.929  -11.355 2.456   1.00 34.16 ? 358 TYR A OH  1 
ATOM   196  N N   . ILE A 1 25  ? 3.376   -7.449  -3.747  1.00 26.83 ? 359 ILE A N   1 
ATOM   197  C CA  . ILE A 1 25  ? 4.468   -7.082  -4.630  1.00 26.58 ? 359 ILE A CA  1 
ATOM   198  C C   . ILE A 1 25  ? 5.717   -7.076  -3.783  1.00 27.54 ? 359 ILE A C   1 
ATOM   199  O O   . ILE A 1 25  ? 5.657   -6.853  -2.573  1.00 28.05 ? 359 ILE A O   1 
ATOM   200  C CB  . ILE A 1 25  ? 4.326   -5.699  -5.363  1.00 26.64 ? 359 ILE A CB  1 
ATOM   201  C CG1 . ILE A 1 25  ? 4.328   -4.517  -4.378  1.00 24.76 ? 359 ILE A CG1 1 
ATOM   202  C CG2 . ILE A 1 25  ? 3.142   -5.728  -6.343  1.00 25.79 ? 359 ILE A CG2 1 
ATOM   203  C CD1 . ILE A 1 25  ? 4.420   -3.176  -5.066  1.00 22.31 ? 359 ILE A CD1 1 
ATOM   204  N N   . SER A 1 26  ? 6.845   -7.326  -4.425  1.00 26.44 ? 360 SER A N   1 
ATOM   205  C CA  . SER A 1 26  ? 8.119   -7.368  -3.744  1.00 24.71 ? 360 SER A CA  1 
ATOM   206  C C   . SER A 1 26  ? 8.729   -5.994  -3.674  1.00 22.92 ? 360 SER A C   1 
ATOM   207  O O   . SER A 1 26  ? 8.240   -5.035  -4.299  1.00 23.21 ? 360 SER A O   1 
ATOM   208  C CB  . SER A 1 26  ? 9.076   -8.267  -4.524  1.00 25.78 ? 360 SER A CB  1 
ATOM   209  O OG  . SER A 1 26  ? 9.309   -7.721  -5.822  1.00 26.67 ? 360 SER A OG  1 
ATOM   210  N N   . PRO A 1 27  ? 9.781   -5.859  -2.849  1.00 23.06 ? 361 PRO A N   1 
ATOM   211  C CA  . PRO A 1 27  ? 10.461  -4.570  -2.728  1.00 21.54 ? 361 PRO A CA  1 
ATOM   212  C C   . PRO A 1 27  ? 11.145  -4.168  -4.059  1.00 21.24 ? 361 PRO A C   1 
ATOM   213  O O   . PRO A 1 27  ? 11.219  -2.983  -4.380  1.00 21.95 ? 361 PRO A O   1 
ATOM   214  C CB  . PRO A 1 27  ? 11.444  -4.791  -1.563  1.00 20.75 ? 361 PRO A CB  1 
ATOM   215  C CG  . PRO A 1 27  ? 11.455  -6.269  -1.305  1.00 20.85 ? 361 PRO A CG  1 
ATOM   216  C CD  . PRO A 1 27  ? 10.099  -6.743  -1.708  1.00 21.24 ? 361 PRO A CD  1 
ATOM   217  N N   . GLU A 1 28  ? 11.576  -5.148  -4.855  1.00 21.86 ? 362 GLU A N   1 
ATOM   218  C CA  . GLU A 1 28  ? 12.197  -4.889  -6.163  1.00 22.33 ? 362 GLU A CA  1 
ATOM   219  C C   . GLU A 1 28  ? 11.177  -4.252  -7.117  1.00 21.68 ? 362 GLU A C   1 
ATOM   220  O O   . GLU A 1 28  ? 11.477  -3.262  -7.789  1.00 21.30 ? 362 GLU A O   1 
ATOM   221  C CB  . GLU A 1 28  ? 12.714  -6.192  -6.771  1.00 24.72 ? 362 GLU A CB  1 
ATOM   222  C CG  . GLU A 1 28  ? 13.940  -6.815  -6.050  1.00 27.90 ? 362 GLU A CG  1 
ATOM   223  C CD  . GLU A 1 28  ? 13.613  -7.584  -4.764  1.00 28.43 ? 362 GLU A CD  1 
ATOM   224  O OE1 . GLU A 1 28  ? 12.554  -8.239  -4.671  1.00 29.17 ? 362 GLU A OE1 1 
ATOM   225  O OE2 . GLU A 1 28  ? 14.444  -7.559  -3.841  1.00 29.46 ? 362 GLU A OE2 1 
ATOM   226  N N   . ILE A 1 29  ? 9.967   -4.810  -7.172  1.00 23.04 ? 363 ILE A N   1 
ATOM   227  C CA  . ILE A 1 29  ? 8.911   -4.235  -8.011  1.00 24.08 ? 363 ILE A CA  1 
ATOM   228  C C   . ILE A 1 29  ? 8.617   -2.829  -7.495  1.00 24.33 ? 363 ILE A C   1 
ATOM   229  O O   . ILE A 1 29  ? 8.592   -1.867  -8.258  1.00 25.05 ? 363 ILE A O   1 
ATOM   230  C CB  . ILE A 1 29  ? 7.612   -5.056  -7.956  1.00 24.45 ? 363 ILE A CB  1 
ATOM   231  C CG1 . ILE A 1 29  ? 7.826   -6.412  -8.625  1.00 25.93 ? 363 ILE A CG1 1 
ATOM   232  C CG2 . ILE A 1 29  ? 6.469   -4.310  -8.643  1.00 24.90 ? 363 ILE A CG2 1 
ATOM   233  C CD1 . ILE A 1 29  ? 8.216   -6.316  -10.047 1.00 24.45 ? 363 ILE A CD1 1 
ATOM   234  N N   . MET A 1 30  ? 8.473   -2.712  -6.177  1.00 25.24 ? 364 MET A N   1 
ATOM   235  C CA  . MET A 1 30  ? 8.207   -1.423  -5.532  1.00 23.70 ? 364 MET A CA  1 
ATOM   236  C C   . MET A 1 30  ? 9.248   -0.372  -5.900  1.00 20.88 ? 364 MET A C   1 
ATOM   237  O O   . MET A 1 30  ? 8.916   0.778   -6.149  1.00 20.60 ? 364 MET A O   1 
ATOM   238  C CB  . MET A 1 30  ? 8.171   -1.607  -4.009  1.00 25.13 ? 364 MET A CB  1 
ATOM   239  C CG  . MET A 1 30  ? 7.935   -0.320  -3.224  1.00 26.09 ? 364 MET A CG  1 
ATOM   240  S SD  . MET A 1 30  ? 6.197   0.395   -3.424  1.00 24.72 ? 364 MET A SD  1 
ATOM   241  C CE  . MET A 1 30  ? 6.677   1.989   -3.450  1.00 24.34 ? 364 MET A CE  1 
ATOM   242  N N   . ALA A 1 31  ? 10.516  -0.757  -5.866  1.00 19.63 ? 365 ALA A N   1 
ATOM   243  C CA  . ALA A 1 31  ? 11.619  0.145   -6.207  1.00 19.34 ? 365 ALA A CA  1 
ATOM   244  C C   . ALA A 1 31  ? 11.586  0.560   -7.677  1.00 19.86 ? 365 ALA A C   1 
ATOM   245  O O   . ALA A 1 31  ? 11.837  1.730   -8.016  1.00 20.22 ? 365 ALA A O   1 
ATOM   246  C CB  . ALA A 1 31  ? 12.949  -0.517  -5.866  1.00 19.94 ? 365 ALA A CB  1 
ATOM   247  N N   . SER A 1 32  ? 11.171  -0.359  -8.545  1.00 20.19 ? 366 SER A N   1 
ATOM   248  C CA  . SER A 1 32  ? 11.093  -0.030  -9.971  1.00 21.44 ? 366 SER A CA  1 
ATOM   249  C C   . SER A 1 32  ? 10.042  1.037   -10.296 1.00 22.34 ? 366 SER A C   1 
ATOM   250  O O   . SER A 1 32  ? 10.277  1.916   -11.146 1.00 25.41 ? 366 SER A O   1 
ATOM   251  C CB  . SER A 1 32  ? 10.921  -1.297  -10.836 1.00 20.76 ? 366 SER A CB  1 
ATOM   252  O OG  . SER A 1 32  ? 9.612   -1.839  -10.820 1.00 23.60 ? 366 SER A OG  1 
ATOM   253  N N   . VAL A 1 33  ? 8.907   0.992   -9.582  1.00 22.10 ? 367 VAL A N   1 
ATOM   254  C CA  . VAL A 1 33  ? 7.807   1.951   -9.769  1.00 19.73 ? 367 VAL A CA  1 
ATOM   255  C C   . VAL A 1 33  ? 8.325   3.322   -9.371  1.00 19.86 ? 367 VAL A C   1 
ATOM   256  O O   . VAL A 1 33  ? 8.102   4.329   -10.065 1.00 17.63 ? 367 VAL A O   1 
ATOM   257  C CB  . VAL A 1 33  ? 6.573   1.601   -8.867  1.00 19.95 ? 367 VAL A CB  1 
ATOM   258  C CG1 . VAL A 1 33  ? 5.452   2.620   -9.090  1.00 17.65 ? 367 VAL A CG1 1 
ATOM   259  C CG2 . VAL A 1 33  ? 6.063   0.183   -9.162  1.00 16.40 ? 367 VAL A CG2 1 
ATOM   260  N N   . LEU A 1 34  ? 9.054   3.313   -8.259  1.00 20.72 ? 368 LEU A N   1 
ATOM   261  C CA  . LEU A 1 34  ? 9.664   4.496   -7.704  1.00 22.85 ? 368 LEU A CA  1 
ATOM   262  C C   . LEU A 1 34  ? 10.744  5.019   -8.642  1.00 26.15 ? 368 LEU A C   1 
ATOM   263  O O   . LEU A 1 34  ? 11.029  6.218   -8.642  1.00 25.99 ? 368 LEU A O   1 
ATOM   264  C CB  . LEU A 1 34  ? 10.250  4.193   -6.328  1.00 23.21 ? 368 LEU A CB  1 
ATOM   265  C CG  . LEU A 1 34  ? 9.261   3.913   -5.184  1.00 24.29 ? 368 LEU A CG  1 
ATOM   266  C CD1 . LEU A 1 34  ? 10.041  3.670   -3.904  1.00 23.60 ? 368 LEU A CD1 1 
ATOM   267  C CD2 . LEU A 1 34  ? 8.316   5.099   -4.996  1.00 24.18 ? 368 LEU A CD2 1 
ATOM   268  N N   . ASN A 1 35  ? 11.365  4.123   -9.410  1.00 28.13 ? 369 ASN A N   1 
ATOM   269  C CA  . ASN A 1 35  ? 12.374  4.531   -10.397 1.00 28.55 ? 369 ASN A CA  1 
ATOM   270  C C   . ASN A 1 35  ? 11.679  5.161   -11.606 1.00 27.31 ? 369 ASN A C   1 
ATOM   271  O O   . ASN A 1 35  ? 12.329  5.642   -12.523 1.00 28.28 ? 369 ASN A O   1 
ATOM   272  C CB  . ASN A 1 35  ? 13.215  3.344   -10.852 1.00 31.68 ? 369 ASN A CB  1 
ATOM   273  C CG  . ASN A 1 35  ? 14.217  2.902   -9.798  1.00 34.46 ? 369 ASN A CG  1 
ATOM   274  O OD1 . ASN A 1 35  ? 14.776  3.728   -9.057  1.00 35.25 ? 369 ASN A OD1 1 
ATOM   275  N ND2 . ASN A 1 35  ? 14.446  1.584   -9.713  1.00 35.38 ? 369 ASN A ND2 1 
ATOM   276  N N   . GLY A 1 36  ? 10.352  5.099   -11.635 1.00 25.98 ? 370 GLY A N   1 
ATOM   277  C CA  . GLY A 1 36  ? 9.598   5.728   -12.707 1.00 22.26 ? 370 GLY A CA  1 
ATOM   278  C C   . GLY A 1 36  ? 9.202   4.828   -13.846 1.00 22.21 ? 370 GLY A C   1 
ATOM   279  O O   . GLY A 1 36  ? 8.655   5.286   -14.855 1.00 21.93 ? 370 GLY A O   1 
ATOM   280  N N   . LYS A 1 37  ? 9.354   3.533   -13.628 1.00 22.45 ? 371 LYS A N   1 
ATOM   281  C CA  . LYS A 1 37  ? 9.060   2.542   -14.640 1.00 23.11 ? 371 LYS A CA  1 
ATOM   282  C C   . LYS A 1 37  ? 7.716   2.638   -15.340 1.00 26.27 ? 371 LYS A C   1 
ATOM   283  O O   . LYS A 1 37  ? 7.629   2.381   -16.543 1.00 28.27 ? 371 LYS A O   1 
ATOM   284  C CB  . LYS A 1 37  ? 9.259   1.149   -14.066 1.00 21.33 ? 371 LYS A CB  1 
ATOM   285  C CG  . LYS A 1 37  ? 9.005   0.051   -15.063 1.00 21.50 ? 371 LYS A CG  1 
ATOM   286  C CD  . LYS A 1 37  ? 9.555   -1.258  -14.560 1.00 22.52 ? 371 LYS A CD  1 
ATOM   287  C CE  . LYS A 1 37  ? 9.254   -2.384  -15.516 1.00 21.90 ? 371 LYS A CE  1 
ATOM   288  N NZ  . LYS A 1 37  ? 10.024  -3.596  -15.125 1.00 22.88 ? 371 LYS A NZ  1 
ATOM   289  N N   . PHE A 1 38  ? 6.669   3.019   -14.601 1.00 29.04 ? 372 PHE A N   1 
ATOM   290  C CA  . PHE A 1 38  ? 5.317   3.089   -15.161 1.00 27.27 ? 372 PHE A CA  1 
ATOM   291  C C   . PHE A 1 38  ? 4.727   4.473   -15.098 1.00 27.52 ? 372 PHE A C   1 
ATOM   292  O O   . PHE A 1 38  ? 3.515   4.640   -15.203 1.00 27.91 ? 372 PHE A O   1 
ATOM   293  C CB  . PHE A 1 38  ? 4.391   2.122   -14.423 1.00 26.43 ? 372 PHE A CB  1 
ATOM   294  C CG  . PHE A 1 38  ? 4.842   0.696   -14.476 1.00 25.80 ? 372 PHE A CG  1 
ATOM   295  C CD1 . PHE A 1 38  ? 4.538   -0.103  -15.577 1.00 26.33 ? 372 PHE A CD1 1 
ATOM   296  C CD2 . PHE A 1 38  ? 5.558   0.137   -13.422 1.00 26.01 ? 372 PHE A CD2 1 
ATOM   297  C CE1 . PHE A 1 38  ? 4.944   -1.455  -15.624 1.00 25.32 ? 372 PHE A CE1 1 
ATOM   298  C CE2 . PHE A 1 38  ? 5.967   -1.211  -13.460 1.00 25.58 ? 372 PHE A CE2 1 
ATOM   299  C CZ  . PHE A 1 38  ? 5.653   -2.000  -14.569 1.00 25.19 ? 372 PHE A CZ  1 
ATOM   300  N N   . ALA A 1 39  ? 5.592   5.471   -15.001 1.00 27.83 ? 373 ALA A N   1 
ATOM   301  C CA  . ALA A 1 39  ? 5.166   6.863   -14.906 1.00 26.83 ? 373 ALA A CA  1 
ATOM   302  C C   . ALA A 1 39  ? 4.122   7.271   -15.921 1.00 27.11 ? 373 ALA A C   1 
ATOM   303  O O   . ALA A 1 39  ? 3.280   8.133   -15.665 1.00 29.64 ? 373 ALA A O   1 
ATOM   304  C CB  . ALA A 1 39  ? 6.374   7.782   -15.007 1.00 25.83 ? 373 ALA A CB  1 
ATOM   305  N N   . ASN A 1 40  ? 4.174   6.651   -17.084 1.00 27.09 ? 374 ASN A N   1 
ATOM   306  C CA  . ASN A 1 40  ? 3.253   6.998   -18.149 1.00 27.48 ? 374 ASN A CA  1 
ATOM   307  C C   . ASN A 1 40  ? 1.883   6.333   -18.014 1.00 28.15 ? 374 ASN A C   1 
ATOM   308  O O   . ASN A 1 40  ? 0.896   6.830   -18.523 1.00 27.99 ? 374 ASN A O   1 
ATOM   309  C CB  . ASN A 1 40  ? 3.889   6.675   -19.501 1.00 25.08 ? 374 ASN A CB  1 
ATOM   310  C CG  . ASN A 1 40  ? 4.013   5.208   -19.738 1.00 23.42 ? 374 ASN A CG  1 
ATOM   311  O OD1 . ASN A 1 40  ? 3.505   4.694   -20.730 1.00 25.94 ? 374 ASN A OD1 1 
ATOM   312  N ND2 . ASN A 1 40  ? 4.682   4.510   -18.836 1.00 21.40 ? 374 ASN A ND2 1 
ATOM   313  N N   . LEU A 1 41  ? 1.838   5.195   -17.335 1.00 29.45 ? 375 LEU A N   1 
ATOM   314  C CA  . LEU A 1 41  ? 0.596   4.474   -17.139 1.00 30.52 ? 375 LEU A CA  1 
ATOM   315  C C   . LEU A 1 41  ? -0.170  4.797   -15.826 1.00 31.58 ? 375 LEU A C   1 
ATOM   316  O O   . LEU A 1 41  ? -1.372  4.502   -15.731 1.00 31.85 ? 375 LEU A O   1 
ATOM   317  C CB  . LEU A 1 41  ? 0.883   2.975   -17.208 1.00 28.60 ? 375 LEU A CB  1 
ATOM   318  C CG  . LEU A 1 41  ? 1.531   2.523   -18.511 1.00 27.20 ? 375 LEU A CG  1 
ATOM   319  C CD1 . LEU A 1 41  ? 1.689   1.010   -18.484 1.00 25.47 ? 375 LEU A CD1 1 
ATOM   320  C CD2 . LEU A 1 41  ? 0.678   2.960   -19.691 1.00 25.43 ? 375 LEU A CD2 1 
ATOM   321  N N   . ILE A 1 42  ? 0.517   5.379   -14.836 1.00 30.75 ? 376 ILE A N   1 
ATOM   322  C CA  . ILE A 1 42  ? -0.072  5.697   -13.530 1.00 29.47 ? 376 ILE A CA  1 
ATOM   323  C C   . ILE A 1 42  ? -0.449  7.167   -13.300 1.00 29.78 ? 376 ILE A C   1 
ATOM   324  O O   . ILE A 1 42  ? 0.375   8.061   -13.457 1.00 30.54 ? 376 ILE A O   1 
ATOM   325  C CB  . ILE A 1 42  ? 0.862   5.244   -12.377 1.00 29.43 ? 376 ILE A CB  1 
ATOM   326  C CG1 . ILE A 1 42  ? 1.222   3.764   -12.524 1.00 29.08 ? 376 ILE A CG1 1 
ATOM   327  C CG2 . ILE A 1 42  ? 0.161   5.413   -11.033 1.00 30.46 ? 376 ILE A CG2 1 
ATOM   328  C CD1 . ILE A 1 42  ? 2.230   3.272   -11.495 1.00 28.03 ? 376 ILE A CD1 1 
ATOM   329  N N   . LYS A 1 43  ? -1.704  7.389   -12.906 1.00 29.87 ? 377 LYS A N   1 
ATOM   330  C CA  . LYS A 1 43  ? -2.251  8.720   -12.604 1.00 29.59 ? 377 LYS A CA  1 
ATOM   331  C C   . LYS A 1 43  ? -1.885  9.123   -11.173 1.00 29.32 ? 377 LYS A C   1 
ATOM   332  O O   . LYS A 1 43  ? -1.529  10.274  -10.889 1.00 27.37 ? 377 LYS A O   1 
ATOM   333  C CB  . LYS A 1 43  ? -3.775  8.703   -12.744 1.00 31.48 ? 377 LYS A CB  1 
ATOM   334  C CG  . LYS A 1 43  ? -4.406  10.088  -12.585 0.00 99.99 ? 377 LYS A CG  1 
ATOM   335  C CD  . LYS A 1 43  ? -3.831  11.124  -13.555 0.00 99.99 ? 377 LYS A CD  1 
ATOM   336  C CE  . LYS A 1 43  ? -3.761  12.531  -12.956 0.00 99.99 ? 377 LYS A CE  1 
ATOM   337  N NZ  . LYS A 1 43  ? -3.208  13.525  -13.888 0.00 99.99 ? 377 LYS A NZ  1 
ATOM   338  N N   . GLU A 1 44  ? -1.956  8.163   -10.256 1.00 29.46 ? 378 GLU A N   1 
ATOM   339  C CA  . GLU A 1 44  ? -1.667  8.414   -8.857  1.00 31.59 ? 378 GLU A CA  1 
ATOM   340  C C   . GLU A 1 44  ? -1.222  7.110   -8.235  1.00 30.18 ? 378 GLU A C   1 
ATOM   341  O O   . GLU A 1 44  ? -1.824  6.054   -8.463  1.00 31.28 ? 378 GLU A O   1 
ATOM   342  C CB  . GLU A 1 44  ? -2.917  8.975   -8.150  1.00 35.71 ? 378 GLU A CB  1 
ATOM   343  C CG  . GLU A 1 44  ? -2.959  8.862   -6.616  1.00 42.16 ? 378 GLU A CG  1 
ATOM   344  C CD  . GLU A 1 44  ? -2.238  9.990   -5.850  1.00 45.94 ? 378 GLU A CD  1 
ATOM   345  O OE1 . GLU A 1 44  ? -1.005  9.895   -5.604  1.00 48.23 ? 378 GLU A OE1 1 
ATOM   346  O OE2 . GLU A 1 44  ? -2.929  10.950  -5.433  1.00 48.65 ? 378 GLU A OE2 1 
ATOM   347  N N   . PHE A 1 45  ? -0.118  7.184   -7.498  1.00 27.51 ? 379 PHE A N   1 
ATOM   348  C CA  . PHE A 1 45  ? 0.454   6.028   -6.813  1.00 25.55 ? 379 PHE A CA  1 
ATOM   349  C C   . PHE A 1 45  ? 0.384   6.393   -5.321  1.00 25.89 ? 379 PHE A C   1 
ATOM   350  O O   . PHE A 1 45  ? 0.955   7.408   -4.902  1.00 25.80 ? 379 PHE A O   1 
ATOM   351  C CB  . PHE A 1 45  ? 1.913   5.818   -7.263  1.00 21.64 ? 379 PHE A CB  1 
ATOM   352  C CG  . PHE A 1 45  ? 2.510   4.535   -6.798  1.00 19.25 ? 379 PHE A CG  1 
ATOM   353  C CD1 . PHE A 1 45  ? 1.925   3.322   -7.119  1.00 17.57 ? 379 PHE A CD1 1 
ATOM   354  C CD2 . PHE A 1 45  ? 3.660   4.535   -6.036  1.00 18.16 ? 379 PHE A CD2 1 
ATOM   355  C CE1 . PHE A 1 45  ? 2.473   2.120   -6.679  1.00 18.28 ? 379 PHE A CE1 1 
ATOM   356  C CE2 . PHE A 1 45  ? 4.216   3.338   -5.593  1.00 18.52 ? 379 PHE A CE2 1 
ATOM   357  C CZ  . PHE A 1 45  ? 3.623   2.126   -5.918  1.00 16.96 ? 379 PHE A CZ  1 
ATOM   358  N N   . VAL A 1 46  ? -0.369  5.620   -4.538  1.00 24.22 ? 380 VAL A N   1 
ATOM   359  C CA  . VAL A 1 46  ? -0.509  5.922   -3.120  1.00 20.45 ? 380 VAL A CA  1 
ATOM   360  C C   . VAL A 1 46  ? 0.110   4.804   -2.347  1.00 19.07 ? 380 VAL A C   1 
ATOM   361  O O   . VAL A 1 46  ? -0.142  3.641   -2.630  1.00 18.24 ? 380 VAL A O   1 
ATOM   362  C CB  . VAL A 1 46  ? -2.010  6.046   -2.699  1.00 21.04 ? 380 VAL A CB  1 
ATOM   363  C CG1 . VAL A 1 46  ? -2.133  6.648   -1.299  1.00 18.71 ? 380 VAL A CG1 1 
ATOM   364  C CG2 . VAL A 1 46  ? -2.795  6.874   -3.720  1.00 19.43 ? 380 VAL A CG2 1 
ATOM   365  N N   . ILE A 1 47  ? 1.010   5.154   -1.443  1.00 20.97 ? 381 ILE A N   1 
ATOM   366  C CA  . ILE A 1 47  ? 1.648   4.162   -0.595  1.00 21.75 ? 381 ILE A CA  1 
ATOM   367  C C   . ILE A 1 47  ? 1.132   4.509   0.789   1.00 21.97 ? 381 ILE A C   1 
ATOM   368  O O   . ILE A 1 47  ? 1.301   5.637   1.265   1.00 20.37 ? 381 ILE A O   1 
ATOM   369  C CB  . ILE A 1 47  ? 3.182   4.241   -0.622  1.00 21.32 ? 381 ILE A CB  1 
ATOM   370  C CG1 . ILE A 1 47  ? 3.691   4.314   -2.068  1.00 22.38 ? 381 ILE A CG1 1 
ATOM   371  C CG2 . ILE A 1 47  ? 3.749   3.027   0.055   1.00 19.08 ? 381 ILE A CG2 1 
ATOM   372  C CD1 . ILE A 1 47  ? 5.163   4.722   -2.173  1.00 23.45 ? 381 ILE A CD1 1 
ATOM   373  N N   . ILE A 1 48  ? 0.449   3.545   1.384   1.00 22.76 ? 382 ILE A N   1 
ATOM   374  C CA  . ILE A 1 48  ? -0.162  3.691   2.700   1.00 22.37 ? 382 ILE A CA  1 
ATOM   375  C C   . ILE A 1 48  ? 0.648   2.929   3.744   1.00 20.37 ? 382 ILE A C   1 
ATOM   376  O O   . ILE A 1 48  ? 0.646   1.691   3.774   1.00 19.47 ? 382 ILE A O   1 
ATOM   377  C CB  . ILE A 1 48  ? -1.635  3.157   2.690   1.00 23.69 ? 382 ILE A CB  1 
ATOM   378  C CG1 . ILE A 1 48  ? -2.505  3.966   1.730   1.00 22.93 ? 382 ILE A CG1 1 
ATOM   379  C CG2 . ILE A 1 48  ? -2.238  3.256   4.077   1.00 25.06 ? 382 ILE A CG2 1 
ATOM   380  C CD1 . ILE A 1 48  ? -2.491  5.428   2.021   1.00 25.09 ? 382 ILE A CD1 1 
ATOM   381  N N   . ASP A 1 49  ? 1.378   3.677   4.560   1.00 18.48 ? 383 ASP A N   1 
ATOM   382  C CA  . ASP A 1 49  ? 2.190   3.112   5.615   1.00 20.98 ? 383 ASP A CA  1 
ATOM   383  C C   . ASP A 1 49  ? 1.286   3.037   6.864   1.00 23.31 ? 383 ASP A C   1 
ATOM   384  O O   . ASP A 1 49  ? 0.866   4.072   7.407   1.00 24.01 ? 383 ASP A O   1 
ATOM   385  C CB  . ASP A 1 49  ? 3.398   4.020   5.846   1.00 20.15 ? 383 ASP A CB  1 
ATOM   386  C CG  . ASP A 1 49  ? 4.407   3.435   6.812   1.00 20.14 ? 383 ASP A CG  1 
ATOM   387  O OD1 . ASP A 1 49  ? 4.071   2.497   7.554   1.00 21.49 ? 383 ASP A OD1 1 
ATOM   388  O OD2 . ASP A 1 49  ? 5.550   3.925   6.846   1.00 20.81 ? 383 ASP A OD2 1 
ATOM   389  N N   . CYS A 1 50  ? 1.012   1.816   7.318   1.00 22.38 ? 384 CYS A N   1 
ATOM   390  C CA  . CYS A 1 50  ? 0.121   1.579   8.454   1.00 24.93 ? 384 CYS A CA  1 
ATOM   391  C C   . CYS A 1 50  ? 0.808   1.532   9.820   1.00 25.29 ? 384 CYS A C   1 
ATOM   392  O O   . CYS A 1 50  ? 0.172   1.185   10.805  1.00 26.24 ? 384 CYS A O   1 
ATOM   393  C CB  . CYS A 1 50  ? -0.632  0.245   8.256   1.00 26.48 ? 384 CYS A CB  1 
ATOM   394  S SG  . CYS A 1 50  ? -1.674  0.074   6.780   1.00 29.41 ? 384 CYS A SG  1 
ATOM   395  N N   . ARG A 1 51  ? 2.109   1.800   9.878   1.00 25.14 ? 385 ARG A N   1 
ATOM   396  C CA  . ARG A 1 51  ? 2.836   1.744   11.132  1.00 23.29 ? 385 ARG A CA  1 
ATOM   397  C C   . ARG A 1 51  ? 2.529   2.908   12.088  1.00 24.79 ? 385 ARG A C   1 
ATOM   398  O O   . ARG A 1 51  ? 1.831   3.871   11.743  1.00 23.10 ? 385 ARG A O   1 
ATOM   399  C CB  . ARG A 1 51  ? 4.339   1.652   10.866  1.00 22.42 ? 385 ARG A CB  1 
ATOM   400  C CG  . ARG A 1 51  ? 4.812   0.331   10.211  1.00 22.92 ? 385 ARG A CG  1 
ATOM   401  C CD  . ARG A 1 51  ? 6.287   0.431   9.736   1.00 22.18 ? 385 ARG A CD  1 
ATOM   402  N NE  . ARG A 1 51  ? 6.492   1.673   8.979   1.00 22.26 ? 385 ARG A NE  1 
ATOM   403  C CZ  . ARG A 1 51  ? 7.618   2.376   8.964   1.00 20.95 ? 385 ARG A CZ  1 
ATOM   404  N NH1 . ARG A 1 51  ? 8.664   1.949   9.652   1.00 21.13 ? 385 ARG A NH1 1 
ATOM   405  N NH2 . ARG A 1 51  ? 7.675   3.548   8.335   1.00 17.20 ? 385 ARG A NH2 1 
ATOM   406  N N   . TYR A 1 52  ? 3.016   2.783   13.313  1.00 25.59 ? 386 TYR A N   1 
ATOM   407  C CA  . TYR A 1 52  ? 2.806   3.815   14.293  1.00 26.79 ? 386 TYR A CA  1 
ATOM   408  C C   . TYR A 1 52  ? 3.532   5.018   13.789  1.00 28.20 ? 386 TYR A C   1 
ATOM   409  O O   . TYR A 1 52  ? 4.630   4.886   13.214  1.00 29.55 ? 386 TYR A O   1 
ATOM   410  C CB  . TYR A 1 52  ? 3.379   3.400   15.633  1.00 28.88 ? 386 TYR A CB  1 
ATOM   411  C CG  . TYR A 1 52  ? 2.468   2.477   16.399  1.00 30.59 ? 386 TYR A CG  1 
ATOM   412  C CD1 . TYR A 1 52  ? 1.443   2.989   17.203  1.00 31.04 ? 386 TYR A CD1 1 
ATOM   413  C CD2 . TYR A 1 52  ? 2.644   1.097   16.336  1.00 30.13 ? 386 TYR A CD2 1 
ATOM   414  C CE1 . TYR A 1 52  ? 0.622   2.142   17.934  1.00 32.71 ? 386 TYR A CE1 1 
ATOM   415  C CE2 . TYR A 1 52  ? 1.840   0.246   17.048  1.00 32.48 ? 386 TYR A CE2 1 
ATOM   416  C CZ  . TYR A 1 52  ? 0.831   0.767   17.852  1.00 34.36 ? 386 TYR A CZ  1 
ATOM   417  O OH  . TYR A 1 52  ? 0.058   -0.099  18.590  1.00 36.41 ? 386 TYR A OH  1 
ATOM   418  N N   . PRO A 1 53  ? 2.951   6.214   14.018  1.00 26.82 ? 387 PRO A N   1 
ATOM   419  C CA  . PRO A 1 53  ? 3.528   7.483   13.590  1.00 24.86 ? 387 PRO A CA  1 
ATOM   420  C C   . PRO A 1 53  ? 4.987   7.615   13.978  1.00 24.63 ? 387 PRO A C   1 
ATOM   421  O O   . PRO A 1 53  ? 5.787   8.139   13.215  1.00 26.58 ? 387 PRO A O   1 
ATOM   422  C CB  . PRO A 1 53  ? 2.668   8.493   14.325  1.00 22.88 ? 387 PRO A CB  1 
ATOM   423  C CG  . PRO A 1 53  ? 1.374   7.865   14.296  1.00 23.59 ? 387 PRO A CG  1 
ATOM   424  C CD  . PRO A 1 53  ? 1.655   6.447   14.675  1.00 24.61 ? 387 PRO A CD  1 
ATOM   425  N N   . TYR A 1 54  ? 5.356   7.114   15.143  1.00 22.80 ? 388 TYR A N   1 
ATOM   426  C CA  . TYR A 1 54  ? 6.745   7.246   15.562  1.00 24.43 ? 388 TYR A CA  1 
ATOM   427  C C   . TYR A 1 54  ? 7.712   6.446   14.675  1.00 24.26 ? 388 TYR A C   1 
ATOM   428  O O   . TYR A 1 54  ? 8.850   6.875   14.445  1.00 23.43 ? 388 TYR A O   1 
ATOM   429  C CB  . TYR A 1 54  ? 6.883   6.876   17.048  1.00 23.33 ? 388 TYR A CB  1 
ATOM   430  C CG  . TYR A 1 54  ? 8.254   7.100   17.646  1.00 22.98 ? 388 TYR A CG  1 
ATOM   431  C CD1 . TYR A 1 54  ? 8.650   8.362   18.070  1.00 23.30 ? 388 TYR A CD1 1 
ATOM   432  C CD2 . TYR A 1 54  ? 9.143   6.033   17.811  1.00 23.72 ? 388 TYR A CD2 1 
ATOM   433  C CE1 . TYR A 1 54  ? 9.906   8.560   18.643  1.00 24.21 ? 388 TYR A CE1 1 
ATOM   434  C CE2 . TYR A 1 54  ? 10.389  6.216   18.370  1.00 24.00 ? 388 TYR A CE2 1 
ATOM   435  C CZ  . TYR A 1 54  ? 10.763  7.481   18.790  1.00 25.50 ? 388 TYR A CZ  1 
ATOM   436  O OH  . TYR A 1 54  ? 12.002  7.663   19.372  1.00 28.33 ? 388 TYR A OH  1 
ATOM   437  N N   . GLU A 1 55  ? 7.261   5.280   14.211  1.00 26.32 ? 389 GLU A N   1 
ATOM   438  C CA  . GLU A 1 55  ? 8.066   4.430   13.338  1.00 27.19 ? 389 GLU A CA  1 
ATOM   439  C C   . GLU A 1 55  ? 8.153   5.176   12.030  1.00 26.63 ? 389 GLU A C   1 
ATOM   440  O O   . GLU A 1 55  ? 9.229   5.511   11.542  1.00 29.07 ? 389 GLU A O   1 
ATOM   441  C CB  . GLU A 1 55  ? 7.364   3.113   13.037  1.00 28.80 ? 389 GLU A CB  1 
ATOM   442  C CG  . GLU A 1 55  ? 6.730   2.448   14.205  1.00 31.27 ? 389 GLU A CG  1 
ATOM   443  C CD  . GLU A 1 55  ? 6.256   1.031   13.898  1.00 32.29 ? 389 GLU A CD  1 
ATOM   444  O OE1 . GLU A 1 55  ? 7.128   0.166   13.653  1.00 31.68 ? 389 GLU A OE1 1 
ATOM   445  O OE2 . GLU A 1 55  ? 5.021   0.778   13.934  1.00 31.60 ? 389 GLU A OE2 1 
ATOM   446  N N   . TYR A 1 56  ? 6.990   5.443   11.469  1.00 24.57 ? 390 TYR A N   1 
ATOM   447  C CA  . TYR A 1 56  ? 6.901   6.150   10.222  1.00 25.02 ? 390 TYR A CA  1 
ATOM   448  C C   . TYR A 1 56  ? 7.802   7.388   10.160  1.00 26.44 ? 390 TYR A C   1 
ATOM   449  O O   . TYR A 1 56  ? 8.528   7.582   9.186   1.00 29.12 ? 390 TYR A O   1 
ATOM   450  C CB  . TYR A 1 56  ? 5.463   6.527   9.979   1.00 21.71 ? 390 TYR A CB  1 
ATOM   451  C CG  . TYR A 1 56  ? 5.285   7.485   8.854   1.00 20.89 ? 390 TYR A CG  1 
ATOM   452  C CD1 . TYR A 1 56  ? 5.204   7.029   7.546   1.00 20.50 ? 390 TYR A CD1 1 
ATOM   453  C CD2 . TYR A 1 56  ? 5.183   8.856   9.092   1.00 19.53 ? 390 TYR A CD2 1 
ATOM   454  C CE1 . TYR A 1 56  ? 5.010   7.906   6.495   1.00 20.29 ? 390 TYR A CE1 1 
ATOM   455  C CE2 . TYR A 1 56  ? 4.999   9.741   8.055   1.00 20.27 ? 390 TYR A CE2 1 
ATOM   456  C CZ  . TYR A 1 56  ? 4.907   9.255   6.749   1.00 21.22 ? 390 TYR A CZ  1 
ATOM   457  O OH  . TYR A 1 56  ? 4.653   10.117  5.706   1.00 22.57 ? 390 TYR A OH  1 
ATOM   458  N N   . GLU A 1 57  ? 7.762   8.213   11.195  1.00 26.30 ? 391 GLU A N   1 
ATOM   459  C CA  . GLU A 1 57  ? 8.565   9.429   11.249  1.00 25.90 ? 391 GLU A CA  1 
ATOM   460  C C   . GLU A 1 57  ? 10.058  9.137   11.169  1.00 24.20 ? 391 GLU A C   1 
ATOM   461  O O   . GLU A 1 57  ? 10.807  9.910   10.601  1.00 24.38 ? 391 GLU A O   1 
ATOM   462  C CB  . GLU A 1 57  ? 8.260   10.205  12.546  1.00 28.72 ? 391 GLU A CB  1 
ATOM   463  C CG  . GLU A 1 57  ? 8.744   11.650  12.526  1.00 32.83 ? 391 GLU A CG  1 
ATOM   464  C CD  . GLU A 1 57  ? 8.806   12.331  13.895  1.00 34.93 ? 391 GLU A CD  1 
ATOM   465  O OE1 . GLU A 1 57  ? 9.230   11.691  14.891  1.00 36.03 ? 391 GLU A OE1 1 
ATOM   466  O OE2 . GLU A 1 57  ? 8.474   13.537  13.956  1.00 35.61 ? 391 GLU A OE2 1 
ATOM   467  N N   . GLY A 1 58  ? 10.481  8.012   11.727  1.00 23.20 ? 392 GLY A N   1 
ATOM   468  C CA  . GLY A 1 58  ? 11.895  7.659   11.726  1.00 23.86 ? 392 GLY A CA  1 
ATOM   469  C C   . GLY A 1 58  ? 12.455  7.113   10.427  1.00 23.71 ? 392 GLY A C   1 
ATOM   470  O O   . GLY A 1 58  ? 13.638  6.817   10.333  1.00 22.68 ? 392 GLY A O   1 
ATOM   471  N N   . GLY A 1 59  ? 11.589  6.934   9.441   1.00 23.69 ? 393 GLY A N   1 
ATOM   472  C CA  . GLY A 1 59  ? 12.019  6.431   8.158   1.00 23.42 ? 393 GLY A CA  1 
ATOM   473  C C   . GLY A 1 59  ? 10.884  5.704   7.494   1.00 22.72 ? 393 GLY A C   1 
ATOM   474  O O   . GLY A 1 59  ? 10.404  4.706   8.008   1.00 25.99 ? 393 GLY A O   1 
ATOM   475  N N   . HIS A 1 60  ? 10.418  6.221   6.373   1.00 22.23 ? 394 HIS A N   1 
ATOM   476  C CA  . HIS A 1 60  ? 9.335   5.585   5.622   1.00 23.24 ? 394 HIS A CA  1 
ATOM   477  C C   . HIS A 1 60  ? 9.642   5.654   4.109   1.00 24.18 ? 394 HIS A C   1 
ATOM   478  O O   . HIS A 1 60  ? 10.415  6.507   3.680   1.00 24.20 ? 394 HIS A O   1 
ATOM   479  C CB  . HIS A 1 60  ? 8.029   6.332   5.875   1.00 20.40 ? 394 HIS A CB  1 
ATOM   480  C CG  . HIS A 1 60  ? 8.120   7.804   5.609   1.00 19.37 ? 394 HIS A CG  1 
ATOM   481  N ND1 . HIS A 1 60  ? 8.517   8.708   6.570   1.00 20.06 ? 394 HIS A ND1 1 
ATOM   482  C CD2 . HIS A 1 60  ? 7.849   8.531   4.500   1.00 20.39 ? 394 HIS A CD2 1 
ATOM   483  C CE1 . HIS A 1 60  ? 8.480   9.930   6.073   1.00 19.32 ? 394 HIS A CE1 1 
ATOM   484  N NE2 . HIS A 1 60  ? 8.079   9.851   4.814   1.00 20.60 ? 394 HIS A NE2 1 
ATOM   485  N N   . ILE A 1 61  ? 8.972   4.828   3.305   1.00 24.93 ? 395 ILE A N   1 
ATOM   486  C CA  . ILE A 1 61  ? 9.158   4.837   1.856   1.00 23.30 ? 395 ILE A CA  1 
ATOM   487  C C   . ILE A 1 61  ? 8.814   6.238   1.385   1.00 25.48 ? 395 ILE A C   1 
ATOM   488  O O   . ILE A 1 61  ? 7.819   6.792   1.836   1.00 26.61 ? 395 ILE A O   1 
ATOM   489  C CB  . ILE A 1 61  ? 8.245   3.796   1.176   1.00 22.63 ? 395 ILE A CB  1 
ATOM   490  C CG1 . ILE A 1 61  ? 8.587   2.399   1.703   1.00 20.07 ? 395 ILE A CG1 1 
ATOM   491  C CG2 . ILE A 1 61  ? 8.366   3.869   -0.361  1.00 22.15 ? 395 ILE A CG2 1 
ATOM   492  C CD1 . ILE A 1 61  ? 7.878   1.295   0.991   1.00 18.82 ? 395 ILE A CD1 1 
ATOM   493  N N   . LYS A 1 62  ? 9.667   6.836   0.545   1.00 26.78 ? 396 LYS A N   1 
ATOM   494  C CA  . LYS A 1 62  ? 9.467   8.201   0.037   1.00 27.67 ? 396 LYS A CA  1 
ATOM   495  C C   . LYS A 1 62  ? 8.095   8.314   -0.631  1.00 26.76 ? 396 LYS A C   1 
ATOM   496  O O   . LYS A 1 62  ? 7.727   7.504   -1.472  1.00 28.27 ? 396 LYS A O   1 
ATOM   497  C CB  . LYS A 1 62  ? 10.552  8.540   -0.990  1.00 32.26 ? 396 LYS A CB  1 
ATOM   498  C CG  . LYS A 1 62  ? 11.822  9.110   -0.352  0.00 99.99 ? 396 LYS A CG  1 
ATOM   499  C CD  . LYS A 1 62  ? 13.029  9.077   -1.292  0.00 99.99 ? 396 LYS A CD  1 
ATOM   500  C CE  . LYS A 1 62  ? 14.299  9.647   -0.654  0.00 99.99 ? 396 LYS A CE  1 
ATOM   501  N NZ  . LYS A 1 62  ? 15.459  9.615   -1.555  0.00 99.99 ? 396 LYS A NZ  1 
ATOM   502  N N   . GLY A 1 63  ? 7.351   9.326   -0.209  1.00 25.28 ? 397 GLY A N   1 
ATOM   503  C CA  . GLY A 1 63  ? 6.018   9.527   -0.738  1.00 24.04 ? 397 GLY A CA  1 
ATOM   504  C C   . GLY A 1 63  ? 4.909   8.823   0.047   1.00 24.06 ? 397 GLY A C   1 
ATOM   505  O O   . GLY A 1 63  ? 3.729   9.138   -0.143  1.00 24.16 ? 397 GLY A O   1 
ATOM   506  N N   . ALA A 1 64  ? 5.264   7.870   0.904   1.00 23.15 ? 398 ALA A N   1 
ATOM   507  C CA  . ALA A 1 64  ? 4.269   7.155   1.697   1.00 24.47 ? 398 ALA A CA  1 
ATOM   508  C C   . ALA A 1 64  ? 3.522   8.078   2.684   1.00 26.91 ? 398 ALA A C   1 
ATOM   509  O O   . ALA A 1 64  ? 4.081   9.046   3.221   1.00 26.83 ? 398 ALA A O   1 
ATOM   510  C CB  . ALA A 1 64  ? 4.910   5.988   2.436   1.00 20.68 ? 398 ALA A CB  1 
ATOM   511  N N   . VAL A 1 65  ? 2.246   7.759   2.880   1.00 27.55 ? 399 VAL A N   1 
ATOM   512  C CA  . VAL A 1 65  ? 1.333   8.457   3.769   1.00 27.70 ? 399 VAL A CA  1 
ATOM   513  C C   . VAL A 1 65  ? 1.091   7.505   4.957   1.00 27.64 ? 399 VAL A C   1 
ATOM   514  O O   . VAL A 1 65  ? 0.912   6.301   4.758   1.00 27.55 ? 399 VAL A O   1 
ATOM   515  C CB  . VAL A 1 65  ? 0.008   8.715   3.023   1.00 27.80 ? 399 VAL A CB  1 
ATOM   516  C CG1 . VAL A 1 65  ? -1.024  9.306   3.944   1.00 28.77 ? 399 VAL A CG1 1 
ATOM   517  C CG2 . VAL A 1 65  ? 0.261   9.670   1.892   1.00 27.57 ? 399 VAL A CG2 1 
ATOM   518  N N   . ASN A 1 66  ? 1.162   8.030   6.182   1.00 27.13 ? 400 ASN A N   1 
ATOM   519  C CA  . ASN A 1 66  ? 0.946   7.248   7.417   1.00 26.20 ? 400 ASN A CA  1 
ATOM   520  C C   . ASN A 1 66  ? -0.539  7.272   7.809   1.00 26.83 ? 400 ASN A C   1 
ATOM   521  O O   . ASN A 1 66  ? -1.079  8.325   8.148   1.00 26.13 ? 400 ASN A O   1 
ATOM   522  C CB  . ASN A 1 66  ? 1.791   7.848   8.548   1.00 23.90 ? 400 ASN A CB  1 
ATOM   523  C CG  . ASN A 1 66  ? 1.815   7.007   9.821   1.00 22.15 ? 400 ASN A CG  1 
ATOM   524  O OD1 . ASN A 1 66  ? 1.939   7.563   10.912  1.00 23.88 ? 400 ASN A OD1 1 
ATOM   525  N ND2 . ASN A 1 66  ? 1.830   5.691   9.693   1.00 17.40 ? 400 ASN A ND2 1 
ATOM   526  N N   . LEU A 1 67  ? -1.214  6.138   7.652   1.00 28.26 ? 401 LEU A N   1 
ATOM   527  C CA  . LEU A 1 67  ? -2.625  5.991   8.015   1.00 28.35 ? 401 LEU A CA  1 
ATOM   528  C C   . LEU A 1 67  ? -2.675  4.734   8.851   1.00 28.46 ? 401 LEU A C   1 
ATOM   529  O O   . LEU A 1 67  ? -2.853  3.639   8.340   1.00 28.60 ? 401 LEU A O   1 
ATOM   530  C CB  . LEU A 1 67  ? -3.510  5.819   6.790   1.00 27.91 ? 401 LEU A CB  1 
ATOM   531  C CG  . LEU A 1 67  ? -3.437  6.882   5.706   1.00 28.47 ? 401 LEU A CG  1 
ATOM   532  C CD1 . LEU A 1 67  ? -4.414  6.493   4.616   1.00 28.18 ? 401 LEU A CD1 1 
ATOM   533  C CD2 . LEU A 1 67  ? -3.755  8.263   6.255   1.00 28.20 ? 401 LEU A CD2 1 
ATOM   534  N N   . HIS A 1 68  ? -2.485  4.913   10.148  1.00 31.50 ? 402 HIS A N   1 
ATOM   535  C CA  . HIS A 1 68  ? -2.456  3.820   11.121  1.00 34.49 ? 402 HIS A CA  1 
ATOM   536  C C   . HIS A 1 68  ? -3.821  3.264   11.564  1.00 36.40 ? 402 HIS A C   1 
ATOM   537  O O   . HIS A 1 68  ? -3.970  2.057   11.778  1.00 36.94 ? 402 HIS A O   1 
ATOM   538  C CB  . HIS A 1 68  ? -1.674  4.307   12.330  1.00 33.61 ? 402 HIS A CB  1 
ATOM   539  C CG  . HIS A 1 68  ? -1.512  3.283   13.395  1.00 34.95 ? 402 HIS A CG  1 
ATOM   540  N ND1 . HIS A 1 68  ? -0.713  2.176   13.237  1.00 35.28 ? 402 HIS A ND1 1 
ATOM   541  C CD2 . HIS A 1 68  ? -2.011  3.216   14.650  1.00 36.18 ? 402 HIS A CD2 1 
ATOM   542  C CE1 . HIS A 1 68  ? -0.721  1.466   14.352  1.00 36.62 ? 402 HIS A CE1 1 
ATOM   543  N NE2 . HIS A 1 68  ? -1.501  2.077   15.226  1.00 37.09 ? 402 HIS A NE2 1 
ATOM   544  N N   . MET A 1 69  ? -4.814  4.149   11.675  1.00 39.64 ? 403 MET A N   1 
ATOM   545  C CA  . MET A 1 69  ? -6.165  3.785   12.118  1.00 42.46 ? 403 MET A CA  1 
ATOM   546  C C   . MET A 1 69  ? -7.146  3.709   10.960  1.00 42.30 ? 403 MET A C   1 
ATOM   547  O O   . MET A 1 69  ? -7.074  4.499   10.016  1.00 42.58 ? 403 MET A O   1 
ATOM   548  C CB  . MET A 1 69  ? -6.700  4.817   13.132  1.00 43.93 ? 403 MET A CB  1 
ATOM   549  C CG  . MET A 1 69  ? -5.776  5.135   14.318  1.00 46.08 ? 403 MET A CG  1 
ATOM   550  S SD  . MET A 1 69  ? -5.290  3.665   15.248  1.00 50.92 ? 403 MET A SD  1 
ATOM   551  C CE  . MET A 1 69  ? -4.716  4.398   16.852  1.00 50.99 ? 403 MET A CE  1 
ATOM   552  N N   . GLU A 1 70  ? -8.130  2.835   11.091  1.00 43.37 ? 404 GLU A N   1 
ATOM   553  C CA  . GLU A 1 70  ? -9.156  2.679   10.062  1.00 45.32 ? 404 GLU A CA  1 
ATOM   554  C C   . GLU A 1 70  ? -9.852  4.009   9.797   1.00 46.03 ? 404 GLU A C   1 
ATOM   555  O O   . GLU A 1 70  ? -10.167 4.342   8.652   1.00 46.31 ? 404 GLU A O   1 
ATOM   556  C CB  . GLU A 1 70  ? -10.184 1.649   10.504  1.00 45.76 ? 404 GLU A CB  1 
ATOM   557  C CG  . GLU A 1 70  ? -9.547  0.473   11.211  1.00 48.89 ? 404 GLU A CG  1 
ATOM   558  C CD  . GLU A 1 70  ? -10.125 -0.849  10.780  1.00 50.79 ? 404 GLU A CD  1 
ATOM   559  O OE1 . GLU A 1 70  ? -11.298 -0.865  10.349  1.00 51.96 ? 404 GLU A OE1 1 
ATOM   560  O OE2 . GLU A 1 70  ? -9.405  -1.873  10.865  1.00 52.16 ? 404 GLU A OE2 1 
ATOM   561  N N   . GLU A 1 71  ? -10.065 4.778   10.863  1.00 47.03 ? 405 GLU A N   1 
ATOM   562  C CA  . GLU A 1 71  ? -10.718 6.078   10.759  1.00 48.27 ? 405 GLU A CA  1 
ATOM   563  C C   . GLU A 1 71  ? -9.924  7.059   9.911   1.00 46.97 ? 405 GLU A C   1 
ATOM   564  O O   . GLU A 1 71  ? -10.503 7.902   9.234   1.00 47.41 ? 405 GLU A O   1 
ATOM   565  C CB  . GLU A 1 71  ? -10.937 6.666   12.146  1.00 50.85 ? 405 GLU A CB  1 
ATOM   566  C CG  . GLU A 1 71  ? -9.659  6.801   12.934  1.00 56.01 ? 405 GLU A CG  1 
ATOM   567  C CD  . GLU A 1 71  ? -9.874  7.386   14.312  1.00 58.87 ? 405 GLU A CD  1 
ATOM   568  O OE1 . GLU A 1 71  ? -10.194 6.599   15.238  1.00 60.15 ? 405 GLU A OE1 1 
ATOM   569  O OE2 . GLU A 1 71  ? -9.710  8.626   14.466  1.00 60.34 ? 405 GLU A OE2 1 
ATOM   570  N N   . GLU A 1 72  ? -8.600  6.954   9.958   1.00 46.39 ? 406 GLU A N   1 
ATOM   571  C CA  . GLU A 1 72  ? -7.728  7.837   9.183   1.00 45.04 ? 406 GLU A CA  1 
ATOM   572  C C   . GLU A 1 72  ? -7.788  7.455   7.721   1.00 45.00 ? 406 GLU A C   1 
ATOM   573  O O   . GLU A 1 72  ? -7.757  8.315   6.841   1.00 43.86 ? 406 GLU A O   1 
ATOM   574  C CB  . GLU A 1 72  ? -6.296  7.722   9.657   1.00 44.76 ? 406 GLU A CB  1 
ATOM   575  C CG  . GLU A 1 72  ? -6.070  8.274   11.022  1.00 45.97 ? 406 GLU A CG  1 
ATOM   576  C CD  . GLU A 1 72  ? -4.680  7.986   11.508  1.00 46.95 ? 406 GLU A CD  1 
ATOM   577  O OE1 . GLU A 1 72  ? -4.471  6.898   12.077  1.00 46.87 ? 406 GLU A OE1 1 
ATOM   578  O OE2 . GLU A 1 72  ? -3.788  8.835   11.304  1.00 49.05 ? 406 GLU A OE2 1 
ATOM   579  N N   . VAL A 1 73  ? -7.858  6.148   7.483   1.00 45.12 ? 407 VAL A N   1 
ATOM   580  C CA  . VAL A 1 73  ? -7.943  5.583   6.145   1.00 45.48 ? 407 VAL A CA  1 
ATOM   581  C C   . VAL A 1 73  ? -9.270  6.033   5.526   1.00 46.47 ? 407 VAL A C   1 
ATOM   582  O O   . VAL A 1 73  ? -9.334  6.450   4.359   1.00 46.65 ? 407 VAL A O   1 
ATOM   583  C CB  . VAL A 1 73  ? -7.868  4.056   6.228   1.00 45.40 ? 407 VAL A CB  1 
ATOM   584  C CG1 . VAL A 1 73  ? -7.940  3.442   4.863   1.00 46.26 ? 407 VAL A CG1 1 
ATOM   585  C CG2 . VAL A 1 73  ? -6.579  3.652   6.905   1.00 45.92 ? 407 VAL A CG2 1 
ATOM   586  N N   . GLU A 1 74  ? -10.308 6.013   6.353   1.00 47.43 ? 408 GLU A N   1 
ATOM   587  C CA  . GLU A 1 74  ? -11.648 6.434   5.955   1.00 48.06 ? 408 GLU A CA  1 
ATOM   588  C C   . GLU A 1 74  ? -11.575 7.889   5.481   1.00 47.92 ? 408 GLU A C   1 
ATOM   589  O O   . GLU A 1 74  ? -11.879 8.203   4.330   1.00 47.78 ? 408 GLU A O   1 
ATOM   590  C CB  . GLU A 1 74  ? -12.603 6.291   7.159   1.00 47.86 ? 408 GLU A CB  1 
ATOM   591  C CG  . GLU A 1 74  ? -14.092 6.560   6.887   1.00 47.49 ? 408 GLU A CG  1 
ATOM   592  C CD  . GLU A 1 74  ? -14.728 5.574   5.907   1.00 47.05 ? 408 GLU A CD  1 
ATOM   593  O OE1 . GLU A 1 74  ? -14.654 4.348   6.146   1.00 46.15 ? 408 GLU A OE1 1 
ATOM   594  O OE2 . GLU A 1 74  ? -15.320 6.036   4.905   1.00 46.85 ? 408 GLU A OE2 1 
ATOM   595  N N   . ASP A 1 75  ? -11.094 8.758   6.359   1.00 48.85 ? 409 ASP A N   1 
ATOM   596  C CA  . ASP A 1 75  ? -10.973 10.173  6.040   1.00 50.84 ? 409 ASP A CA  1 
ATOM   597  C C   . ASP A 1 75  ? -10.107 10.488  4.829   1.00 49.98 ? 409 ASP A C   1 
ATOM   598  O O   . ASP A 1 75  ? -10.468 11.323  4.004   1.00 49.13 ? 409 ASP A O   1 
ATOM   599  C CB  . ASP A 1 75  ? -10.428 10.932  7.250   1.00 54.45 ? 409 ASP A CB  1 
ATOM   600  C CG  . ASP A 1 75  ? -11.495 11.198  8.290   1.00 58.08 ? 409 ASP A CG  1 
ATOM   601  O OD1 . ASP A 1 75  ? -12.375 12.052  8.010   1.00 59.69 ? 409 ASP A OD1 1 
ATOM   602  O OD2 . ASP A 1 75  ? -11.465 10.556  9.371   1.00 59.36 ? 409 ASP A OD2 1 
ATOM   603  N N   . PHE A 1 76  ? -8.983  9.787   4.706   1.00 49.96 ? 410 PHE A N   1 
ATOM   604  C CA  . PHE A 1 76  ? -8.030  10.037  3.626   1.00 49.30 ? 410 PHE A CA  1 
ATOM   605  C C   . PHE A 1 76  ? -8.413  9.548   2.247   1.00 48.31 ? 410 PHE A C   1 
ATOM   606  O O   . PHE A 1 76  ? -8.628  10.335  1.333   1.00 47.90 ? 410 PHE A O   1 
ATOM   607  C CB  . PHE A 1 76  ? -6.642  9.480   3.989   1.00 49.13 ? 410 PHE A CB  1 
ATOM   608  C CG  . PHE A 1 76  ? -5.542  9.956   3.080   1.00 48.48 ? 410 PHE A CG  1 
ATOM   609  C CD1 . PHE A 1 76  ? -5.189  11.299  3.046   1.00 48.35 ? 410 PHE A CD1 1 
ATOM   610  C CD2 . PHE A 1 76  ? -4.873  9.066   2.246   1.00 48.61 ? 410 PHE A CD2 1 
ATOM   611  C CE1 . PHE A 1 76  ? -4.189  11.752  2.194   1.00 48.66 ? 410 PHE A CE1 1 
ATOM   612  C CE2 . PHE A 1 76  ? -3.875  9.510   1.395   1.00 48.30 ? 410 PHE A CE2 1 
ATOM   613  C CZ  . PHE A 1 76  ? -3.534  10.856  1.368   1.00 48.39 ? 410 PHE A CZ  1 
ATOM   614  N N   . LEU A 1 77  ? -8.452  8.238   2.088   1.00 47.50 ? 411 LEU A N   1 
ATOM   615  C CA  . LEU A 1 77  ? -8.754  7.685   0.796   1.00 48.25 ? 411 LEU A CA  1 
ATOM   616  C C   . LEU A 1 77  ? -10.222 7.774   0.430   1.00 50.30 ? 411 LEU A C   1 
ATOM   617  O O   . LEU A 1 77  ? -10.607 8.391   -0.568  1.00 49.61 ? 411 LEU A O   1 
ATOM   618  C CB  . LEU A 1 77  ? -8.280  6.229   0.734   1.00 45.02 ? 411 LEU A CB  1 
ATOM   619  C CG  . LEU A 1 77  ? -6.775  5.998   0.678   1.00 42.56 ? 411 LEU A CG  1 
ATOM   620  C CD1 . LEU A 1 77  ? -6.496  4.520   0.790   1.00 41.61 ? 411 LEU A CD1 1 
ATOM   621  C CD2 . LEU A 1 77  ? -6.219  6.559   -0.617  1.00 41.74 ? 411 LEU A CD2 1 
ATOM   622  N N   . LEU A 1 78  ? -11.045 7.222   1.300   1.00 52.99 ? 412 LEU A N   1 
ATOM   623  C CA  . LEU A 1 78  ? -12.460 7.156   1.035   1.00 55.93 ? 412 LEU A CA  1 
ATOM   624  C C   . LEU A 1 78  ? -13.258 8.451   1.074   1.00 59.00 ? 412 LEU A C   1 
ATOM   625  O O   . LEU A 1 78  ? -14.312 8.525   0.444   1.00 59.57 ? 412 LEU A O   1 
ATOM   626  C CB  . LEU A 1 78  ? -13.074 6.052   1.894   1.00 54.83 ? 412 LEU A CB  1 
ATOM   627  C CG  . LEU A 1 78  ? -12.335 4.728   1.637   1.00 53.84 ? 412 LEU A CG  1 
ATOM   628  C CD1 . LEU A 1 78  ? -12.198 3.910   2.898   1.00 53.90 ? 412 LEU A CD1 1 
ATOM   629  C CD2 . LEU A 1 78  ? -13.007 3.941   0.539   1.00 53.97 ? 412 LEU A CD2 1 
ATOM   630  N N   . LYS A 1 79  ? -12.761 9.481   1.758   1.00 63.24 ? 413 LYS A N   1 
ATOM   631  C CA  . LYS A 1 79  ? -13.501 10.748  1.811   1.00 67.32 ? 413 LYS A CA  1 
ATOM   632  C C   . LYS A 1 79  ? -13.270 11.635  0.602   1.00 69.51 ? 413 LYS A C   1 
ATOM   633  O O   . LYS A 1 79  ? -14.172 12.355  0.184   1.00 69.47 ? 413 LYS A O   1 
ATOM   634  C CB  . LYS A 1 79  ? -13.220 11.531  3.095   1.00 67.62 ? 413 LYS A CB  1 
ATOM   635  C CG  . LYS A 1 79  ? -14.338 11.466  4.140   1.00 68.04 ? 413 LYS A CG  1 
ATOM   636  C CD  . LYS A 1 79  ? -14.498 10.071  4.740   1.00 67.86 ? 413 LYS A CD  1 
ATOM   637  C CE  . LYS A 1 79  ? -15.268 10.125  6.053   1.00 67.92 ? 413 LYS A CE  1 
ATOM   638  N NZ  . LYS A 1 79  ? -14.666 11.073  7.035   1.00 67.10 ? 413 LYS A NZ  1 
ATOM   639  N N   . LYS A 1 80  ? -12.060 11.604  0.051   1.00 73.37 ? 414 LYS A N   1 
ATOM   640  C CA  . LYS A 1 80  ? -11.746 12.402  -1.132  1.00 76.35 ? 414 LYS A CA  1 
ATOM   641  C C   . LYS A 1 80  ? -11.405 11.478  -2.314  1.00 79.12 ? 414 LYS A C   1 
ATOM   642  O O   . LYS A 1 80  ? -10.264 11.041  -2.451  1.00 80.48 ? 414 LYS A O   1 
ATOM   643  C CB  . LYS A 1 80  ? -10.603 13.395  -0.833  1.00 75.95 ? 414 LYS A CB  1 
ATOM   644  C CG  . LYS A 1 80  ? -9.283  12.793  -0.330  1.00 76.01 ? 414 LYS A CG  1 
ATOM   645  C CD  . LYS A 1 80  ? -8.243  13.882  -0.027  1.00 76.23 ? 414 LYS A CD  1 
ATOM   646  C CE  . LYS A 1 80  ? -6.810  13.335  0.007   1.00 76.23 ? 414 LYS A CE  1 
ATOM   647  N NZ  . LYS A 1 80  ? -6.292  12.943  -1.347  1.00 75.82 ? 414 LYS A NZ  1 
ATOM   648  N N   . PRO A 1 81  ? -12.415 11.103  -3.135  1.00 81.36 ? 415 PRO A N   1 
ATOM   649  C CA  . PRO A 1 81  ? -12.193 10.222  -4.292  1.00 83.06 ? 415 PRO A CA  1 
ATOM   650  C C   . PRO A 1 81  ? -12.337 10.885  -5.692  1.00 84.58 ? 415 PRO A C   1 
ATOM   651  O O   . PRO A 1 81  ? -12.236 12.107  -5.823  1.00 84.88 ? 415 PRO A O   1 
ATOM   652  C CB  . PRO A 1 81  ? -13.236 9.133   -4.060  1.00 82.90 ? 415 PRO A CB  1 
ATOM   653  C CG  . PRO A 1 81  ? -14.437 9.926   -3.488  1.00 81.98 ? 415 PRO A CG  1 
ATOM   654  C CD  . PRO A 1 81  ? -13.855 11.189  -2.824  1.00 81.55 ? 415 PRO A CD  1 
ATOM   655  N N   . ILE A 1 82  ? -12.555 10.060  -6.724  1.00 85.93 ? 416 ILE A N   1 
ATOM   656  C CA  . ILE A 1 82  ? -12.717 10.485  -8.133  1.00 87.10 ? 416 ILE A CA  1 
ATOM   657  C C   . ILE A 1 82  ? -11.471 11.104  -8.828  1.00 88.27 ? 416 ILE A C   1 
ATOM   658  O O   . ILE A 1 82  ? -10.669 10.348  -9.392  1.00 89.34 ? 416 ILE A O   1 
ATOM   659  C CB  . ILE A 1 82  ? -14.014 11.339  -8.361  1.00 86.96 ? 416 ILE A CB  1 
ATOM   660  C CG1 . ILE A 1 82  ? -15.252 10.542  -7.914  1.00 86.88 ? 416 ILE A CG1 1 
ATOM   661  C CG2 . ILE A 1 82  ? -14.175 11.682  -9.845  1.00 86.81 ? 416 ILE A CG2 1 
ATOM   662  C CD1 . ILE A 1 82  ? -16.561 11.333  -7.910  1.00 86.46 ? 416 ILE A CD1 1 
ATOM   663  N N   . VAL A 1 83  ? -11.304 12.434  -8.795  1.00 88.38 ? 417 VAL A N   1 
ATOM   664  C CA  . VAL A 1 83  ? -10.151 13.130  -9.424  1.00 88.30 ? 417 VAL A CA  1 
ATOM   665  C C   . VAL A 1 83  ? -10.049 12.831  -10.951 1.00 88.94 ? 417 VAL A C   1 
ATOM   666  O O   . VAL A 1 83  ? -10.879 12.082  -11.489 1.00 89.28 ? 417 VAL A O   1 
ATOM   667  C CB  . VAL A 1 83  ? -8.813  12.811  -8.628  1.00 87.79 ? 417 VAL A CB  1 
ATOM   668  C CG1 . VAL A 1 83  ? -7.865  11.901  -9.416  1.00 87.77 ? 417 VAL A CG1 1 
ATOM   669  C CG2 . VAL A 1 83  ? -8.122  14.100  -8.190  1.00 87.20 ? 417 VAL A CG2 1 
ATOM   670  N N   . PRO A 1 84  ? -9.137  13.511  -11.699 1.00 89.15 ? 418 PRO A N   1 
ATOM   671  C CA  . PRO A 1 84  ? -9.084  13.178  -13.136 1.00 88.09 ? 418 PRO A CA  1 
ATOM   672  C C   . PRO A 1 84  ? -8.570  11.758  -13.407 1.00 86.39 ? 418 PRO A C   1 
ATOM   673  O O   . PRO A 1 84  ? -7.366  11.524  -13.546 1.00 86.14 ? 418 PRO A O   1 
ATOM   674  C CB  . PRO A 1 84  ? -8.158  14.256  -13.718 1.00 88.83 ? 418 PRO A CB  1 
ATOM   675  C CG  . PRO A 1 84  ? -7.292  14.657  -12.549 1.00 89.30 ? 418 PRO A CG  1 
ATOM   676  C CD  . PRO A 1 84  ? -8.299  14.693  -11.411 1.00 89.42 ? 418 PRO A CD  1 
ATOM   677  N N   . THR A 1 85  ? -9.514  10.826  -13.479 1.00 84.53 ? 419 THR A N   1 
ATOM   678  C CA  . THR A 1 85  ? -9.239  9.411   -13.718 1.00 82.96 ? 419 THR A CA  1 
ATOM   679  C C   . THR A 1 85  ? -8.495  9.201   -15.054 1.00 81.22 ? 419 THR A C   1 
ATOM   680  O O   . THR A 1 85  ? -7.658  8.299   -15.186 1.00 80.52 ? 419 THR A O   1 
ATOM   681  C CB  . THR A 1 85  ? -10.574 8.598   -13.654 1.00 83.30 ? 419 THR A CB  1 
ATOM   682  O OG1 . THR A 1 85  ? -11.540 9.171   -14.548 1.00 83.09 ? 419 THR A OG1 1 
ATOM   683  C CG2 . THR A 1 85  ? -11.156 8.635   -12.236 1.00 83.10 ? 419 THR A CG2 1 
ATOM   684  N N   . ASP A 1 86  ? -8.839  10.049  -16.026 1.00 79.01 ? 420 ASP A N   1 
ATOM   685  C CA  . ASP A 1 86  ? -8.274  10.110  -17.387 1.00 75.56 ? 420 ASP A CA  1 
ATOM   686  C C   . ASP A 1 86  ? -7.833  8.846   -18.148 1.00 72.60 ? 420 ASP A C   1 
ATOM   687  O O   . ASP A 1 86  ? -7.153  8.963   -19.179 1.00 72.95 ? 420 ASP A O   1 
ATOM   688  C CB  . ASP A 1 86  ? -7.123  11.122  -17.422 1.00 75.45 ? 420 ASP A CB  1 
ATOM   689  C CG  . ASP A 1 86  ? -5.781  10.477  -17.147 1.00 75.13 ? 420 ASP A CG  1 
ATOM   690  O OD1 . ASP A 1 86  ? -5.535  10.067  -15.993 1.00 74.66 ? 420 ASP A OD1 1 
ATOM   691  O OD2 . ASP A 1 86  ? -4.993  10.346  -18.106 1.00 75.15 ? 420 ASP A OD2 1 
ATOM   692  N N   . GLY A 1 87  ? -8.195  7.659   -17.667 1.00 67.76 ? 421 GLY A N   1 
ATOM   693  C CA  . GLY A 1 87  ? -7.795  6.447   -18.363 1.00 60.46 ? 421 GLY A CA  1 
ATOM   694  C C   . GLY A 1 87  ? -6.483  5.866   -17.871 1.00 55.36 ? 421 GLY A C   1 
ATOM   695  O O   . GLY A 1 87  ? -6.081  4.793   -18.320 1.00 55.89 ? 421 GLY A O   1 
ATOM   696  N N   . LYS A 1 88  ? -5.797  6.588   -16.986 1.00 49.90 ? 422 LYS A N   1 
ATOM   697  C CA  . LYS A 1 88  ? -4.534  6.127   -16.405 1.00 43.48 ? 422 LYS A CA  1 
ATOM   698  C C   . LYS A 1 88  ? -4.885  5.434   -15.101 1.00 38.50 ? 422 LYS A C   1 
ATOM   699  O O   . LYS A 1 88  ? -5.959  5.648   -14.572 1.00 38.91 ? 422 LYS A O   1 
ATOM   700  C CB  . LYS A 1 88  ? -3.609  7.298   -16.120 1.00 44.00 ? 422 LYS A CB  1 
ATOM   701  C CG  . LYS A 1 88  ? -2.870  7.848   -17.319 1.00 44.43 ? 422 LYS A CG  1 
ATOM   702  C CD  . LYS A 1 88  ? -1.931  8.949   -16.852 1.00 45.82 ? 422 LYS A CD  1 
ATOM   703  C CE  . LYS A 1 88  ? -0.837  9.252   -17.855 1.00 46.29 ? 422 LYS A CE  1 
ATOM   704  N NZ  . LYS A 1 88  ? 0.461   9.490   -17.142 1.00 47.30 ? 422 LYS A NZ  1 
ATOM   705  N N   . ARG A 1 89  ? -3.960  4.671   -14.548 1.00 32.70 ? 423 ARG A N   1 
ATOM   706  C CA  . ARG A 1 89  ? -4.223  3.935   -13.329 1.00 28.60 ? 423 ARG A CA  1 
ATOM   707  C C   . ARG A 1 89  ? -4.016  4.600   -11.978 1.00 27.87 ? 423 ARG A C   1 
ATOM   708  O O   . ARG A 1 89  ? -3.039  5.318   -11.767 1.00 28.03 ? 423 ARG A O   1 
ATOM   709  C CB  . ARG A 1 89  ? -3.412  2.650   -13.320 1.00 27.23 ? 423 ARG A CB  1 
ATOM   710  C CG  . ARG A 1 89  ? -3.746  1.691   -14.422 1.00 26.50 ? 423 ARG A CG  1 
ATOM   711  C CD  . ARG A 1 89  ? -2.819  0.506   -14.328 1.00 26.08 ? 423 ARG A CD  1 
ATOM   712  N NE  . ARG A 1 89  ? -2.994  -0.432  -15.428 1.00 26.46 ? 423 ARG A NE  1 
ATOM   713  C CZ  . ARG A 1 89  ? -3.344  -1.704  -15.282 1.00 29.50 ? 423 ARG A CZ  1 
ATOM   714  N NH1 . ARG A 1 89  ? -3.578  -2.206  -14.076 1.00 31.07 ? 423 ARG A NH1 1 
ATOM   715  N NH2 . ARG A 1 89  ? -3.404  -2.499  -16.340 1.00 29.72 ? 423 ARG A NH2 1 
ATOM   716  N N   . VAL A 1 90  ? -4.934  4.311   -11.050 1.00 26.54 ? 424 VAL A N   1 
ATOM   717  C CA  . VAL A 1 90  ? -4.822  4.773   -9.670  1.00 22.91 ? 424 VAL A CA  1 
ATOM   718  C C   . VAL A 1 90  ? -4.478  3.491   -8.924  1.00 21.08 ? 424 VAL A C   1 
ATOM   719  O O   . VAL A 1 90  ? -5.190  2.512   -9.036  1.00 17.89 ? 424 VAL A O   1 
ATOM   720  C CB  . VAL A 1 90  ? -6.116  5.363   -9.108  1.00 23.54 ? 424 VAL A CB  1 
ATOM   721  C CG1 . VAL A 1 90  ? -5.911  5.696   -7.615  1.00 22.13 ? 424 VAL A CG1 1 
ATOM   722  C CG2 . VAL A 1 90  ? -6.483  6.622   -9.876  1.00 20.97 ? 424 VAL A CG2 1 
ATOM   723  N N   . ILE A 1 91  ? -3.322  3.482   -8.262  1.00 19.89 ? 425 ILE A N   1 
ATOM   724  C CA  . ILE A 1 91  ? -2.830  2.332   -7.532  1.00 19.68 ? 425 ILE A CA  1 
ATOM   725  C C   . ILE A 1 91  ? -2.514  2.678   -6.058  1.00 20.00 ? 425 ILE A C   1 
ATOM   726  O O   . ILE A 1 91  ? -2.006  3.761   -5.750  1.00 19.28 ? 425 ILE A O   1 
ATOM   727  C CB  . ILE A 1 91  ? -1.551  1.785   -8.253  1.00 20.48 ? 425 ILE A CB  1 
ATOM   728  C CG1 . ILE A 1 91  ? -1.935  1.253   -9.643  1.00 21.04 ? 425 ILE A CG1 1 
ATOM   729  C CG2 . ILE A 1 91  ? -0.870  0.690   -7.434  1.00 20.28 ? 425 ILE A CG2 1 
ATOM   730  C CD1 . ILE A 1 91  ? -0.775  1.082   -10.608 1.00 20.73 ? 425 ILE A CD1 1 
ATOM   731  N N   . VAL A 1 92  ? -2.837  1.761   -5.156  1.00 18.14 ? 426 VAL A N   1 
ATOM   732  C CA  . VAL A 1 92  ? -2.572  1.961   -3.738  1.00 16.82 ? 426 VAL A CA  1 
ATOM   733  C C   . VAL A 1 92  ? -1.825  0.743   -3.239  1.00 17.18 ? 426 VAL A C   1 
ATOM   734  O O   . VAL A 1 92  ? -2.215  -0.377  -3.523  1.00 16.29 ? 426 VAL A O   1 
ATOM   735  C CB  . VAL A 1 92  ? -3.895  2.119   -2.891  1.00 16.47 ? 426 VAL A CB  1 
ATOM   736  C CG1 . VAL A 1 92  ? -3.549  2.460   -1.444  1.00 14.04 ? 426 VAL A CG1 1 
ATOM   737  C CG2 . VAL A 1 92  ? -4.792  3.178   -3.491  1.00 12.60 ? 426 VAL A CG2 1 
ATOM   738  N N   . VAL A 1 93  ? -0.728  0.969   -2.520  1.00 17.87 ? 427 VAL A N   1 
ATOM   739  C CA  . VAL A 1 93  ? 0.060   -0.111  -1.956  1.00 18.66 ? 427 VAL A CA  1 
ATOM   740  C C   . VAL A 1 93  ? -0.002  0.073   -0.431  1.00 20.26 ? 427 VAL A C   1 
ATOM   741  O O   . VAL A 1 93  ? 0.151   1.192   0.065   1.00 20.48 ? 427 VAL A O   1 
ATOM   742  C CB  . VAL A 1 93  ? 1.544   -0.047  -2.446  1.00 18.23 ? 427 VAL A CB  1 
ATOM   743  C CG1 . VAL A 1 93  ? 2.325   -1.240  -1.922  1.00 14.57 ? 427 VAL A CG1 1 
ATOM   744  C CG2 . VAL A 1 93  ? 1.603   -0.003  -3.971  1.00 17.83 ? 427 VAL A CG2 1 
ATOM   745  N N   . PHE A 1 94  ? -0.225  -1.023  0.296   1.00 21.06 ? 428 PHE A N   1 
ATOM   746  C CA  . PHE A 1 94  ? -0.342  -1.013  1.761   1.00 20.82 ? 428 PHE A CA  1 
ATOM   747  C C   . PHE A 1 94  ? 0.759   -1.836  2.411   1.00 21.94 ? 428 PHE A C   1 
ATOM   748  O O   . PHE A 1 94  ? 1.112   -2.908  1.927   1.00 23.05 ? 428 PHE A O   1 
ATOM   749  C CB  . PHE A 1 94  ? -1.662  -1.653  2.214   1.00 18.26 ? 428 PHE A CB  1 
ATOM   750  C CG  . PHE A 1 94  ? -2.903  -0.939  1.764   1.00 17.72 ? 428 PHE A CG  1 
ATOM   751  C CD1 . PHE A 1 94  ? -3.477  0.066   2.559   1.00 17.78 ? 428 PHE A CD1 1 
ATOM   752  C CD2 . PHE A 1 94  ? -3.539  -1.305  0.577   1.00 17.59 ? 428 PHE A CD2 1 
ATOM   753  C CE1 . PHE A 1 94  ? -4.669  0.691   2.176   1.00 17.45 ? 428 PHE A CE1 1 
ATOM   754  C CE2 . PHE A 1 94  ? -4.744  -0.685  0.173   1.00 18.43 ? 428 PHE A CE2 1 
ATOM   755  C CZ  . PHE A 1 94  ? -5.308  0.310   0.975   1.00 18.41 ? 428 PHE A CZ  1 
ATOM   756  N N   . HIS A 1 95  ? 1.286   -1.356  3.525   1.00 22.41 ? 429 HIS A N   1 
ATOM   757  C CA  . HIS A 1 95  ? 2.304   -2.100  4.258   1.00 23.55 ? 429 HIS A CA  1 
ATOM   758  C C   . HIS A 1 95  ? 2.347   -1.660  5.719   1.00 26.30 ? 429 HIS A C   1 
ATOM   759  O O   . HIS A 1 95  ? 1.949   -0.553  6.078   1.00 25.31 ? 429 HIS A O   1 
ATOM   760  C CB  . HIS A 1 95  ? 3.717   -1.954  3.628   1.00 20.60 ? 429 HIS A CB  1 
ATOM   761  C CG  . HIS A 1 95  ? 4.414   -0.655  3.940   1.00 18.40 ? 429 HIS A CG  1 
ATOM   762  N ND1 . HIS A 1 95  ? 5.157   -0.449  5.088   1.00 16.32 ? 429 HIS A ND1 1 
ATOM   763  C CD2 . HIS A 1 95  ? 4.457   0.514   3.252   1.00 16.94 ? 429 HIS A CD2 1 
ATOM   764  C CE1 . HIS A 1 95  ? 5.623   0.788   5.095   1.00 15.89 ? 429 HIS A CE1 1 
ATOM   765  N NE2 . HIS A 1 95  ? 5.213   1.391   3.992   1.00 16.13 ? 429 HIS A NE2 1 
ATOM   766  N N   . CYS A 1 96  ? 2.873   -2.521  6.561   1.00 31.31 ? 430 CYS A N   1 
ATOM   767  C CA  . CYS A 1 96  ? 3.012   -2.169  7.943   1.00 36.83 ? 430 CYS A CA  1 
ATOM   768  C C   . CYS A 1 96  ? 4.405   -2.575  8.382   1.00 38.39 ? 430 CYS A C   1 
ATOM   769  O O   . CYS A 1 96  ? 5.386   -2.262  7.710   1.00 37.55 ? 430 CYS A O   1 
ATOM   770  C CB  . CYS A 1 96  ? 1.888   -2.769  8.800   1.00 38.36 ? 430 CYS A CB  1 
ATOM   771  S SG  . CYS A 1 96  ? 1.573   -4.500  8.535   1.00 46.72 ? 430 CYS A SG  1 
ATOM   772  N N   . GLU A 1 97  ? 4.491   -3.311  9.472   1.00 43.26 ? 431 GLU A N   1 
ATOM   773  C CA  . GLU A 1 97  ? 5.762   -3.722  10.032  1.00 47.64 ? 431 GLU A CA  1 
ATOM   774  C C   . GLU A 1 97  ? 6.504   -4.752  9.155   1.00 49.47 ? 431 GLU A C   1 
ATOM   775  O O   . GLU A 1 97  ? 7.616   -4.513  8.651   1.00 47.11 ? 431 GLU A O   1 
ATOM   776  C CB  . GLU A 1 97  ? 5.497   -4.249  11.457  1.00 49.83 ? 431 GLU A CB  1 
ATOM   777  C CG  . GLU A 1 97  ? 5.153   -3.143  12.517  1.00 52.40 ? 431 GLU A CG  1 
ATOM   778  C CD  . GLU A 1 97  ? 3.644   -2.740  12.665  1.00 53.53 ? 431 GLU A CD  1 
ATOM   779  O OE1 . GLU A 1 97  ? 2.867   -2.747  11.680  1.00 53.61 ? 431 GLU A OE1 1 
ATOM   780  O OE2 . GLU A 1 97  ? 3.246   -2.368  13.798  1.00 53.92 ? 431 GLU A OE2 1 
ATOM   781  N N   . PHE A 1 98  ? 5.854   -5.894  8.978   1.00 51.80 ? 432 PHE A N   1 
ATOM   782  C CA  . PHE A 1 98  ? 6.374   -6.993  8.178   1.00 54.16 ? 432 PHE A CA  1 
ATOM   783  C C   . PHE A 1 98  ? 5.222   -7.379  7.269   1.00 55.34 ? 432 PHE A C   1 
ATOM   784  O O   . PHE A 1 98  ? 5.100   -8.538  6.856   1.00 56.07 ? 432 PHE A O   1 
ATOM   785  C CB  . PHE A 1 98  ? 6.731   -8.168  9.091   1.00 54.56 ? 432 PHE A CB  1 
ATOM   786  C CG  . PHE A 1 98  ? 7.483   -7.757  10.319  1.00 55.58 ? 432 PHE A CG  1 
ATOM   787  C CD1 . PHE A 1 98  ? 8.817   -7.362  10.233  1.00 55.72 ? 432 PHE A CD1 1 
ATOM   788  C CD2 . PHE A 1 98  ? 6.851   -7.727  11.560  1.00 56.23 ? 432 PHE A CD2 1 
ATOM   789  C CE1 . PHE A 1 98  ? 9.516   -6.937  11.367  1.00 55.65 ? 432 PHE A CE1 1 
ATOM   790  C CE2 . PHE A 1 98  ? 7.544   -7.302  12.699  1.00 56.42 ? 432 PHE A CE2 1 
ATOM   791  C CZ  . PHE A 1 98  ? 8.878   -6.906  12.599  1.00 55.92 ? 432 PHE A CZ  1 
ATOM   792  N N   . SER A 1 99  ? 4.366   -6.391  6.994   1.00 57.01 ? 433 SER A N   1 
ATOM   793  C CA  . SER A 1 99  ? 3.167   -6.548  6.172   1.00 58.97 ? 433 SER A CA  1 
ATOM   794  C C   . SER A 1 99  ? 2.375   -7.818  6.446   1.00 60.07 ? 433 SER A C   1 
ATOM   795  O O   . SER A 1 99  ? 2.008   -8.593  5.549   1.00 59.42 ? 433 SER A O   1 
ATOM   796  C CB  . SER A 1 99  ? 3.479   -6.365  4.701   1.00 59.10 ? 433 SER A CB  1 
ATOM   797  O OG  . SER A 1 99  ? 3.769   -4.997  4.486   1.00 60.45 ? 433 SER A OG  1 
ATOM   798  N N   . SER A 1 100 ? 2.111   -7.992  7.733   1.00 61.17 ? 434 SER A N   1 
ATOM   799  C CA  . SER A 1 100 ? 1.353   -9.106  8.238   1.00 60.43 ? 434 SER A CA  1 
ATOM   800  C C   . SER A 1 100 ? 0.349   -8.549  9.252   1.00 59.06 ? 434 SER A C   1 
ATOM   801  O O   . SER A 1 100 ? 0.687   -7.789  10.186  1.00 58.72 ? 434 SER A O   1 
ATOM   802  C CB  . SER A 1 100 ? 2.291   -10.169 8.808   1.00 62.09 ? 434 SER A CB  1 
ATOM   803  O OG  . SER A 1 100 ? 3.095   -10.714 7.760   1.00 63.75 ? 434 SER A OG  1 
ATOM   804  N N   . GLU A 1 101 ? -0.905  -8.753  8.863   1.00 57.08 ? 435 GLU A N   1 
ATOM   805  C CA  . GLU A 1 101 ? -2.107  -8.354  9.573   1.00 52.97 ? 435 GLU A CA  1 
ATOM   806  C C   . GLU A 1 101 ? -2.627  -6.938  9.428   1.00 48.60 ? 435 GLU A C   1 
ATOM   807  O O   . GLU A 1 101 ? -3.618  -6.748  8.726   1.00 48.09 ? 435 GLU A O   1 
ATOM   808  C CB  . GLU A 1 101 ? -2.112  -8.875  11.009  1.00 54.84 ? 435 GLU A CB  1 
ATOM   809  C CG  . GLU A 1 101 ? -2.560  -10.349 11.060  1.00 57.26 ? 435 GLU A CG  1 
ATOM   810  C CD  . GLU A 1 101 ? -2.432  -11.076 9.701   1.00 58.78 ? 435 GLU A CD  1 
ATOM   811  O OE1 . GLU A 1 101 ? -3.364  -10.972 8.865   1.00 59.17 ? 435 GLU A OE1 1 
ATOM   812  O OE2 . GLU A 1 101 ? -1.391  -11.738 9.462   1.00 59.97 ? 435 GLU A OE2 1 
ATOM   813  N N   . ARG A 1 102 ? -1.969  -5.928  9.979   1.00 43.23 ? 436 ARG A N   1 
ATOM   814  C CA  . ARG A 1 102 ? -2.545  -4.605  9.822   1.00 39.63 ? 436 ARG A CA  1 
ATOM   815  C C   . ARG A 1 102 ? -2.619  -4.177  8.339   1.00 36.36 ? 436 ARG A C   1 
ATOM   816  O O   . ARG A 1 102 ? -3.644  -3.651  7.877   1.00 31.19 ? 436 ARG A O   1 
ATOM   817  C CB  . ARG A 1 102 ? -1.831  -3.573  10.688  1.00 39.93 ? 436 ARG A CB  1 
ATOM   818  C CG  . ARG A 1 102 ? -2.599  -2.265  10.746  1.00 41.66 ? 436 ARG A CG  1 
ATOM   819  C CD  . ARG A 1 102 ? -1.933  -1.249  11.656  1.00 44.07 ? 436 ARG A CD  1 
ATOM   820  N NE  . ARG A 1 102 ? -2.785  -0.923  12.791  1.00 46.19 ? 436 ARG A NE  1 
ATOM   821  C CZ  . ARG A 1 102 ? -2.862  -1.653  13.902  1.00 48.19 ? 436 ARG A CZ  1 
ATOM   822  N NH1 . ARG A 1 102 ? -2.122  -2.757  14.049  1.00 49.22 ? 436 ARG A NH1 1 
ATOM   823  N NH2 . ARG A 1 102 ? -3.749  -1.330  14.835  1.00 48.97 ? 436 ARG A NH2 1 
ATOM   824  N N   . GLY A 1 103 ? -1.536  -4.446  7.601   1.00 35.28 ? 437 GLY A N   1 
ATOM   825  C CA  . GLY A 1 103 ? -1.466  -4.121  6.176   1.00 31.60 ? 437 GLY A CA  1 
ATOM   826  C C   . GLY A 1 103 ? -2.585  -4.790  5.393   1.00 28.17 ? 437 GLY A C   1 
ATOM   827  O O   . GLY A 1 103 ? -3.329  -4.107  4.692   1.00 27.16 ? 437 GLY A O   1 
ATOM   828  N N   . PRO A 1 104 ? -2.713  -6.131  5.462   1.00 26.76 ? 438 PRO A N   1 
ATOM   829  C CA  . PRO A 1 104 ? -3.768  -6.866  4.756   1.00 27.84 ? 438 PRO A CA  1 
ATOM   830  C C   . PRO A 1 104 ? -5.184  -6.450  5.192   1.00 29.57 ? 438 PRO A C   1 
ATOM   831  O O   . PRO A 1 104 ? -6.118  -6.405  4.391   1.00 30.10 ? 438 PRO A O   1 
ATOM   832  C CB  . PRO A 1 104 ? -3.471  -8.311  5.146   1.00 25.60 ? 438 PRO A CB  1 
ATOM   833  C CG  . PRO A 1 104 ? -2.000  -8.316  5.225   1.00 24.95 ? 438 PRO A CG  1 
ATOM   834  C CD  . PRO A 1 104 ? -1.706  -7.070  5.986   1.00 24.89 ? 438 PRO A CD  1 
ATOM   835  N N   . ARG A 1 105 ? -5.317  -6.134  6.471   1.00 32.79 ? 439 ARG A N   1 
ATOM   836  C CA  . ARG A 1 105 ? -6.575  -5.727  7.074   1.00 32.73 ? 439 ARG A CA  1 
ATOM   837  C C   . ARG A 1 105 ? -7.026  -4.402  6.484   1.00 31.37 ? 439 ARG A C   1 
ATOM   838  O O   . ARG A 1 105 ? -8.174  -4.264  6.058   1.00 33.17 ? 439 ARG A O   1 
ATOM   839  C CB  . ARG A 1 105 ? -6.333  -5.560  8.568   1.00 37.21 ? 439 ARG A CB  1 
ATOM   840  C CG  . ARG A 1 105 ? -7.443  -5.999  9.480   1.00 41.77 ? 439 ARG A CG  1 
ATOM   841  C CD  . ARG A 1 105 ? -7.008  -5.823  10.940  1.00 44.37 ? 439 ARG A CD  1 
ATOM   842  N NE  . ARG A 1 105 ? -6.950  -4.414  11.339  1.00 47.08 ? 439 ARG A NE  1 
ATOM   843  C CZ  . ARG A 1 105 ? -6.052  -3.902  12.179  1.00 48.41 ? 439 ARG A CZ  1 
ATOM   844  N NH1 . ARG A 1 105 ? -5.110  -4.687  12.707  1.00 48.27 ? 439 ARG A NH1 1 
ATOM   845  N NH2 . ARG A 1 105 ? -6.146  -2.622  12.552  1.00 49.37 ? 439 ARG A NH2 1 
ATOM   846  N N   . MET A 1 106 ? -6.133  -3.416  6.468   1.00 29.53 ? 440 MET A N   1 
ATOM   847  C CA  . MET A 1 106 ? -6.453  -2.092  5.929   1.00 29.17 ? 440 MET A CA  1 
ATOM   848  C C   . MET A 1 106 ? -6.808  -2.180  4.447   1.00 27.65 ? 440 MET A C   1 
ATOM   849  O O   . MET A 1 106 ? -7.723  -1.498  3.957   1.00 26.19 ? 440 MET A O   1 
ATOM   850  C CB  . MET A 1 106 ? -5.266  -1.159  6.127   1.00 33.10 ? 440 MET A CB  1 
ATOM   851  C CG  . MET A 1 106 ? -5.656  0.226   6.587   1.00 37.38 ? 440 MET A CG  1 
ATOM   852  S SD  . MET A 1 106 ? -6.625  0.121   8.130   1.00 41.49 ? 440 MET A SD  1 
ATOM   853  C CE  . MET A 1 106 ? -5.373  -0.439  9.321   1.00 39.75 ? 440 MET A CE  1 
ATOM   854  N N   . CYS A 1 107 ? -6.098  -3.064  3.748   1.00 26.48 ? 441 CYS A N   1 
ATOM   855  C CA  . CYS A 1 107 ? -6.310  -3.282  2.327   1.00 25.30 ? 441 CYS A CA  1 
ATOM   856  C C   . CYS A 1 107 ? -7.753  -3.771  2.062   1.00 25.15 ? 441 CYS A C   1 
ATOM   857  O O   . CYS A 1 107 ? -8.460  -3.220  1.203   1.00 24.54 ? 441 CYS A O   1 
ATOM   858  C CB  . CYS A 1 107 ? -5.250  -4.264  1.799   1.00 24.84 ? 441 CYS A CB  1 
ATOM   859  S SG  . CYS A 1 107 ? -5.281  -4.515  -0.020  1.00 23.47 ? 441 CYS A SG  1 
ATOM   860  N N   . ARG A 1 108 ? -8.196  -4.766  2.840   1.00 26.50 ? 442 ARG A N   1 
ATOM   861  C CA  . ARG A 1 108 ? -9.550  -5.320  2.740   1.00 26.47 ? 442 ARG A CA  1 
ATOM   862  C C   . ARG A 1 108 ? -10.568 -4.308  3.227   1.00 26.97 ? 442 ARG A C   1 
ATOM   863  O O   . ARG A 1 108 ? -11.696 -4.272  2.739   1.00 29.61 ? 442 ARG A O   1 
ATOM   864  C CB  . ARG A 1 108 ? -9.680  -6.580  3.566   1.00 27.32 ? 442 ARG A CB  1 
ATOM   865  C CG  . ARG A 1 108 ? -8.778  -7.689  3.145   1.00 29.67 ? 442 ARG A CG  1 
ATOM   866  C CD  . ARG A 1 108 ? -9.048  -8.900  3.984   1.00 32.69 ? 442 ARG A CD  1 
ATOM   867  N NE  . ARG A 1 108 ? -8.399  -10.091 3.441   1.00 35.85 ? 442 ARG A NE  1 
ATOM   868  C CZ  . ARG A 1 108 ? -7.494  -10.804 4.103   1.00 38.31 ? 442 ARG A CZ  1 
ATOM   869  N NH1 . ARG A 1 108 ? -7.118  -10.432 5.325   1.00 40.31 ? 442 ARG A NH1 1 
ATOM   870  N NH2 . ARG A 1 108 ? -7.038  -11.940 3.590   1.00 38.61 ? 442 ARG A NH2 1 
ATOM   871  N N   . TYR A 1 109 ? -10.167 -3.457  4.165   1.00 26.83 ? 443 TYR A N   1 
ATOM   872  C CA  . TYR A 1 109 ? -11.073 -2.433  4.659   1.00 27.69 ? 443 TYR A CA  1 
ATOM   873  C C   . TYR A 1 109 ? -11.389 -1.450  3.555   1.00 26.76 ? 443 TYR A C   1 
ATOM   874  O O   . TYR A 1 109 ? -12.559 -1.144  3.321   1.00 28.65 ? 443 TYR A O   1 
ATOM   875  C CB  . TYR A 1 109 ? -10.492 -1.676  5.864   1.00 29.83 ? 443 TYR A CB  1 
ATOM   876  C CG  . TYR A 1 109 ? -11.428 -0.593  6.395   1.00 31.84 ? 443 TYR A CG  1 
ATOM   877  C CD1 . TYR A 1 109 ? -12.529 -0.923  7.194   1.00 31.32 ? 443 TYR A CD1 1 
ATOM   878  C CD2 . TYR A 1 109 ? -11.231 0.758   6.070   1.00 32.64 ? 443 TYR A CD2 1 
ATOM   879  C CE1 . TYR A 1 109 ? -13.411 0.052   7.649   1.00 31.64 ? 443 TYR A CE1 1 
ATOM   880  C CE2 . TYR A 1 109 ? -12.109 1.741   6.524   1.00 33.31 ? 443 TYR A CE2 1 
ATOM   881  C CZ  . TYR A 1 109 ? -13.199 1.373   7.315   1.00 32.92 ? 443 TYR A CZ  1 
ATOM   882  O OH  . TYR A 1 109 ? -14.078 2.329   7.764   1.00 34.06 ? 443 TYR A OH  1 
ATOM   883  N N   . VAL A 1 110 ? -10.351 -0.930  2.896   1.00 25.66 ? 444 VAL A N   1 
ATOM   884  C CA  . VAL A 1 110 ? -10.549 0.034   1.807   1.00 24.74 ? 444 VAL A CA  1 
ATOM   885  C C   . VAL A 1 110 ? -11.454 -0.513  0.688   1.00 25.06 ? 444 VAL A C   1 
ATOM   886  O O   . VAL A 1 110 ? -12.336 0.191   0.181   1.00 24.63 ? 444 VAL A O   1 
ATOM   887  C CB  . VAL A 1 110 ? -9.195  0.497   1.248   1.00 24.61 ? 444 VAL A CB  1 
ATOM   888  C CG1 . VAL A 1 110 ? -9.377  1.426   0.042   1.00 22.99 ? 444 VAL A CG1 1 
ATOM   889  C CG2 . VAL A 1 110 ? -8.426  1.201   2.363   1.00 24.07 ? 444 VAL A CG2 1 
ATOM   890  N N   . ARG A 1 111 ? -11.273 -1.787  0.359   1.00 25.83 ? 445 ARG A N   1 
ATOM   891  C CA  . ARG A 1 111 ? -12.064 -2.425  -0.676  1.00 27.68 ? 445 ARG A CA  1 
ATOM   892  C C   . ARG A 1 111 ? -13.535 -2.514  -0.281  1.00 28.80 ? 445 ARG A C   1 
ATOM   893  O O   . ARG A 1 111 ? -14.406 -2.150  -1.066  1.00 29.01 ? 445 ARG A O   1 
ATOM   894  C CB  . ARG A 1 111 ? -11.498 -3.823  -1.006  1.00 27.22 ? 445 ARG A CB  1 
ATOM   895  C CG  . ARG A 1 111 ? -12.299 -4.621  -2.066  1.00 26.06 ? 445 ARG A CG  1 
ATOM   896  C CD  . ARG A 1 111 ? -12.606 -3.788  -3.308  1.00 25.65 ? 445 ARG A CD  1 
ATOM   897  N NE  . ARG A 1 111 ? -11.411 -3.199  -3.925  1.00 28.02 ? 445 ARG A NE  1 
ATOM   898  C CZ  . ARG A 1 111 ? -10.572 -3.842  -4.751  1.00 29.15 ? 445 ARG A CZ  1 
ATOM   899  N NH1 . ARG A 1 111 ? -10.785 -5.118  -5.076  1.00 28.36 ? 445 ARG A NH1 1 
ATOM   900  N NH2 . ARG A 1 111 ? -9.505  -3.217  -5.259  1.00 27.90 ? 445 ARG A NH2 1 
ATOM   901  N N   . GLU A 1 112 ? -13.810 -2.967  0.942   1.00 30.40 ? 446 GLU A N   1 
ATOM   902  C CA  . GLU A 1 112 ? -15.188 -3.108  1.392   1.00 31.89 ? 446 GLU A CA  1 
ATOM   903  C C   . GLU A 1 112 ? -15.928 -1.801  1.414   1.00 30.91 ? 446 GLU A C   1 
ATOM   904  O O   . GLU A 1 112 ? -17.032 -1.715  0.897   1.00 32.92 ? 446 GLU A O   1 
ATOM   905  C CB  . GLU A 1 112 ? -15.253 -3.787  2.743   1.00 36.23 ? 446 GLU A CB  1 
ATOM   906  C CG  . GLU A 1 112 ? -15.437 -5.288  2.646   1.00 41.68 ? 446 GLU A CG  1 
ATOM   907  C CD  . GLU A 1 112 ? -16.899 -5.696  2.692   1.00 46.18 ? 446 GLU A CD  1 
ATOM   908  O OE1 . GLU A 1 112 ? -17.562 -5.697  1.617   1.00 47.65 ? 446 GLU A OE1 1 
ATOM   909  O OE2 . GLU A 1 112 ? -17.384 -6.000  3.820   1.00 48.74 ? 446 GLU A OE2 1 
ATOM   910  N N   . ARG A 1 113 ? -15.291 -0.766  1.939   1.00 30.59 ? 447 ARG A N   1 
ATOM   911  C CA  . ARG A 1 113 ? -15.893 0.567   1.981   1.00 31.13 ? 447 ARG A CA  1 
ATOM   912  C C   . ARG A 1 113 ? -16.098 1.145   0.583   1.00 31.48 ? 447 ARG A C   1 
ATOM   913  O O   . ARG A 1 113 ? -17.058 1.886   0.344   1.00 31.69 ? 447 ARG A O   1 
ATOM   914  C CB  . ARG A 1 113 ? -15.011 1.520   2.788   1.00 30.86 ? 447 ARG A CB  1 
ATOM   915  C CG  . ARG A 1 113 ? -15.107 1.347   4.291   1.00 33.28 ? 447 ARG A CG  1 
ATOM   916  C CD  . ARG A 1 113 ? -16.470 1.825   4.870   1.00 33.35 ? 447 ARG A CD  1 
ATOM   917  N NE  . ARG A 1 113 ? -16.741 3.245   4.620   1.00 31.93 ? 447 ARG A NE  1 
ATOM   918  C CZ  . ARG A 1 113 ? -17.743 3.687   3.866   1.00 32.46 ? 447 ARG A CZ  1 
ATOM   919  N NH1 . ARG A 1 113 ? -18.576 2.816   3.289   1.00 32.11 ? 447 ARG A NH1 1 
ATOM   920  N NH2 . ARG A 1 113 ? -17.904 4.996   3.674   1.00 31.90 ? 447 ARG A NH2 1 
ATOM   921  N N   . ASP A 1 114 ? -15.170 0.831   -0.325  1.00 32.07 ? 448 ASP A N   1 
ATOM   922  C CA  . ASP A 1 114 ? -15.222 1.307   -1.707  1.00 31.47 ? 448 ASP A CA  1 
ATOM   923  C C   . ASP A 1 114 ? -16.385 0.624   -2.404  1.00 31.09 ? 448 ASP A C   1 
ATOM   924  O O   . ASP A 1 114 ? -17.136 1.251   -3.154  1.00 31.27 ? 448 ASP A O   1 
ATOM   925  C CB  . ASP A 1 114 ? -13.917 0.947   -2.428  1.00 33.13 ? 448 ASP A CB  1 
ATOM   926  C CG  . ASP A 1 114 ? -13.567 1.916   -3.566  1.00 32.42 ? 448 ASP A CG  1 
ATOM   927  O OD1 . ASP A 1 114 ? -14.394 2.775   -3.928  1.00 32.73 ? 448 ASP A OD1 1 
ATOM   928  O OD2 . ASP A 1 114 ? -12.439 1.813   -4.093  1.00 31.91 ? 448 ASP A OD2 1 
ATOM   929  N N   . ARG A 1 115 ? -16.500 -0.673  -2.177  1.00 31.37 ? 449 ARG A N   1 
ATOM   930  C CA  . ARG A 1 115 ? -17.570 -1.469  -2.752  1.00 33.39 ? 449 ARG A CA  1 
ATOM   931  C C   . ARG A 1 115 ? -18.907 -0.870  -2.334  1.00 36.19 ? 449 ARG A C   1 
ATOM   932  O O   . ARG A 1 115 ? -19.760 -0.579  -3.180  1.00 36.69 ? 449 ARG A O   1 
ATOM   933  C CB  . ARG A 1 115 ? -17.496 -2.906  -2.229  1.00 31.18 ? 449 ARG A CB  1 
ATOM   934  C CG  . ARG A 1 115 ? -16.449 -3.796  -2.883  1.00 29.90 ? 449 ARG A CG  1 
ATOM   935  C CD  . ARG A 1 115 ? -16.826 -4.142  -4.323  1.00 28.40 ? 449 ARG A CD  1 
ATOM   936  N NE  . ARG A 1 115 ? -15.887 -5.090  -4.919  1.00 26.36 ? 449 ARG A NE  1 
ATOM   937  C CZ  . ARG A 1 115 ? -15.426 -5.016  -6.164  1.00 25.06 ? 449 ARG A CZ  1 
ATOM   938  N NH1 . ARG A 1 115 ? -15.801 -4.036  -6.984  1.00 22.89 ? 449 ARG A NH1 1 
ATOM   939  N NH2 . ARG A 1 115 ? -14.581 -5.941  -6.592  1.00 26.02 ? 449 ARG A NH2 1 
ATOM   940  N N   . LEU A 1 116 ? -19.044 -0.643  -1.026  1.00 39.70 ? 450 LEU A N   1 
ATOM   941  C CA  . LEU A 1 116 ? -20.266 -0.104  -0.435  1.00 42.21 ? 450 LEU A CA  1 
ATOM   942  C C   . LEU A 1 116 ? -20.754 1.171   -1.083  1.00 42.50 ? 450 LEU A C   1 
ATOM   943  O O   . LEU A 1 116 ? -21.935 1.270   -1.421  1.00 44.71 ? 450 LEU A O   1 
ATOM   944  C CB  . LEU A 1 116 ? -20.104 0.159   1.063   1.00 43.71 ? 450 LEU A CB  1 
ATOM   945  C CG  . LEU A 1 116 ? -19.734 -0.951  2.048   1.00 45.41 ? 450 LEU A CG  1 
ATOM   946  C CD1 . LEU A 1 116 ? -20.002 -0.363  3.438   1.00 46.07 ? 450 LEU A CD1 1 
ATOM   947  C CD2 . LEU A 1 116 ? -20.509 -2.274  1.809   1.00 44.74 ? 450 LEU A CD2 1 
ATOM   948  N N   . GLY A 1 117 ? -19.853 2.145   -1.241  1.00 41.55 ? 451 GLY A N   1 
ATOM   949  C CA  . GLY A 1 117 ? -20.214 3.425   -1.832  1.00 38.34 ? 451 GLY A CA  1 
ATOM   950  C C   . GLY A 1 117 ? -20.213 3.479   -3.349  1.00 37.66 ? 451 GLY A C   1 
ATOM   951  O O   . GLY A 1 117 ? -20.096 4.558   -3.933  1.00 36.85 ? 451 GLY A O   1 
ATOM   952  N N   . ASN A 1 118 ? -20.377 2.326   -3.990  1.00 37.21 ? 452 ASN A N   1 
ATOM   953  C CA  . ASN A 1 118 ? -20.362 2.245   -5.452  1.00 38.83 ? 452 ASN A CA  1 
ATOM   954  C C   . ASN A 1 118 ? -21.297 1.176   -5.985  1.00 40.35 ? 452 ASN A C   1 
ATOM   955  O O   . ASN A 1 118 ? -21.629 0.213   -5.279  1.00 41.85 ? 452 ASN A O   1 
ATOM   956  C CB  . ASN A 1 118 ? -18.955 1.877   -5.953  1.00 36.52 ? 452 ASN A CB  1 
ATOM   957  C CG  . ASN A 1 118 ? -18.076 3.072   -6.154  1.00 35.15 ? 452 ASN A CG  1 
ATOM   958  O OD1 . ASN A 1 118 ? -18.286 3.864   -7.081  1.00 34.72 ? 452 ASN A OD1 1 
ATOM   959  N ND2 . ASN A 1 118 ? -17.084 3.228   -5.283  1.00 31.76 ? 452 ASN A ND2 1 
ATOM   960  N N   . GLU A 1 119 ? -21.664 1.316   -7.255  1.00 40.91 ? 453 GLU A N   1 
ATOM   961  C CA  . GLU A 1 119 ? -22.499 0.333   -7.919  1.00 41.63 ? 453 GLU A CA  1 
ATOM   962  C C   . GLU A 1 119 ? -21.546 -0.705  -8.525  1.00 40.07 ? 453 GLU A C   1 
ATOM   963  O O   . GLU A 1 119 ? -20.678 -0.344  -9.333  1.00 40.94 ? 453 GLU A O   1 
ATOM   964  C CB  . GLU A 1 119 ? -23.297 1.009   -9.015  1.00 45.49 ? 453 GLU A CB  1 
ATOM   965  C CG  . GLU A 1 119 ? -24.258 0.068   -9.709  1.00 51.14 ? 453 GLU A CG  1 
ATOM   966  C CD  . GLU A 1 119 ? -25.069 0.746   -10.805 1.00 54.79 ? 453 GLU A CD  1 
ATOM   967  O OE1 . GLU A 1 119 ? -24.863 1.968   -11.070 1.00 55.62 ? 453 GLU A OE1 1 
ATOM   968  O OE2 . GLU A 1 119 ? -25.922 0.037   -11.398 1.00 57.08 ? 453 GLU A OE2 1 
ATOM   969  N N   . TYR A 1 120 ? -21.727 -1.980  -8.171  1.00 36.45 ? 454 TYR A N   1 
ATOM   970  C CA  . TYR A 1 120 ? -20.855 -3.064  -8.648  1.00 34.92 ? 454 TYR A CA  1 
ATOM   971  C C   . TYR A 1 120 ? -20.587 -3.043  -10.175 1.00 36.02 ? 454 TYR A C   1 
ATOM   972  O O   . TYR A 1 120 ? -21.520 -2.898  -10.961 1.00 38.08 ? 454 TYR A O   1 
ATOM   973  C CB  . TYR A 1 120 ? -21.428 -4.421  -8.219  1.00 30.70 ? 454 TYR A CB  1 
ATOM   974  C CG  . TYR A 1 120 ? -20.417 -5.543  -8.158  1.00 29.15 ? 454 TYR A CG  1 
ATOM   975  C CD1 . TYR A 1 120 ? -19.582 -5.683  -7.062  1.00 28.93 ? 454 TYR A CD1 1 
ATOM   976  C CD2 . TYR A 1 120 ? -20.270 -6.441  -9.212  1.00 28.73 ? 454 TYR A CD2 1 
ATOM   977  C CE1 . TYR A 1 120 ? -18.613 -6.685  -7.013  1.00 28.78 ? 454 TYR A CE1 1 
ATOM   978  C CE2 . TYR A 1 120 ? -19.299 -7.446  -9.178  1.00 29.40 ? 454 TYR A CE2 1 
ATOM   979  C CZ  . TYR A 1 120 ? -18.470 -7.561  -8.074  1.00 29.21 ? 454 TYR A CZ  1 
ATOM   980  O OH  . TYR A 1 120 ? -17.480 -8.526  -8.044  1.00 29.59 ? 454 TYR A OH  1 
ATOM   981  N N   . PRO A 1 121 ? -19.311 -3.172  -10.609 1.00 35.17 ? 455 PRO A N   1 
ATOM   982  C CA  . PRO A 1 121 ? -18.076 -3.349  -9.843  1.00 33.86 ? 455 PRO A CA  1 
ATOM   983  C C   . PRO A 1 121 ? -17.183 -2.094  -9.782  1.00 33.79 ? 455 PRO A C   1 
ATOM   984  O O   . PRO A 1 121 ? -15.969 -2.214  -9.586  1.00 34.51 ? 455 PRO A O   1 
ATOM   985  C CB  . PRO A 1 121 ? -17.388 -4.459  -10.616 1.00 32.97 ? 455 PRO A CB  1 
ATOM   986  C CG  . PRO A 1 121 ? -17.622 -4.016  -12.011 1.00 33.18 ? 455 PRO A CG  1 
ATOM   987  C CD  . PRO A 1 121 ? -19.055 -3.490  -12.029 1.00 34.00 ? 455 PRO A CD  1 
ATOM   988  N N   . LYS A 1 122 ? -17.769 -0.908  -9.934  1.00 32.37 ? 456 LYS A N   1 
ATOM   989  C CA  . LYS A 1 122 ? -16.989 0.338   -9.910  1.00 31.35 ? 456 LYS A CA  1 
ATOM   990  C C   . LYS A 1 122 ? -16.285 0.487   -8.559  1.00 30.09 ? 456 LYS A C   1 
ATOM   991  O O   . LYS A 1 122 ? -16.830 0.091   -7.541  1.00 31.59 ? 456 LYS A O   1 
ATOM   992  C CB  . LYS A 1 122 ? -17.914 1.538   -10.125 1.00 33.31 ? 456 LYS A CB  1 
ATOM   993  C CG  . LYS A 1 122 ? -18.654 1.492   -11.465 0.00 99.99 ? 456 LYS A CG  1 
ATOM   994  C CD  . LYS A 1 122 ? -19.580 2.691   -11.680 0.00 99.99 ? 456 LYS A CD  1 
ATOM   995  C CE  . LYS A 1 122 ? -20.319 2.643   -13.019 0.00 99.99 ? 456 LYS A CE  1 
ATOM   996  N NZ  . LYS A 1 122 ? -21.210 3.794   -13.226 0.00 99.99 ? 456 LYS A NZ  1 
ATOM   997  N N   . LEU A 1 123 ? -15.085 1.062   -8.599  1.00 27.54 ? 457 LEU A N   1 
ATOM   998  C CA  . LEU A 1 123 ? -14.279 1.287   -7.413  1.00 23.82 ? 457 LEU A CA  1 
ATOM   999  C C   . LEU A 1 123 ? -13.464 2.517   -7.660  1.00 25.72 ? 457 LEU A C   1 
ATOM   1000 O O   . LEU A 1 123 ? -13.119 2.796   -8.797  1.00 28.80 ? 457 LEU A O   1 
ATOM   1001 C CB  . LEU A 1 123 ? -13.323 0.135   -7.207  1.00 20.92 ? 457 LEU A CB  1 
ATOM   1002 C CG  . LEU A 1 123 ? -13.958 -1.199  -6.861  1.00 20.84 ? 457 LEU A CG  1 
ATOM   1003 C CD1 . LEU A 1 123 ? -12.911 -2.255  -6.835  1.00 20.10 ? 457 LEU A CD1 1 
ATOM   1004 C CD2 . LEU A 1 123 ? -14.651 -1.102  -5.507  1.00 20.48 ? 457 LEU A CD2 1 
ATOM   1005 N N   . HIS A 1 124 ? -13.185 3.289   -6.622  1.00 26.43 ? 458 HIS A N   1 
ATOM   1006 C CA  . HIS A 1 124 ? -12.356 4.467   -6.799  1.00 28.17 ? 458 HIS A CA  1 
ATOM   1007 C C   . HIS A 1 124 ? -10.905 3.970   -6.725  1.00 25.40 ? 458 HIS A C   1 
ATOM   1008 O O   . HIS A 1 124 ? -9.992  4.562   -7.282  1.00 24.58 ? 458 HIS A O   1 
ATOM   1009 C CB  . HIS A 1 124 ? -12.667 5.545   -5.729  1.00 33.27 ? 458 HIS A CB  1 
ATOM   1010 C CG  . HIS A 1 124 ? -13.998 6.233   -5.926  1.00 40.06 ? 458 HIS A CG  1 
ATOM   1011 N ND1 . HIS A 1 124 ? -14.999 6.226   -4.969  1.00 42.08 ? 458 HIS A ND1 1 
ATOM   1012 C CD2 . HIS A 1 124 ? -14.501 6.926   -6.981  1.00 41.18 ? 458 HIS A CD2 1 
ATOM   1013 C CE1 . HIS A 1 124 ? -16.056 6.877   -5.426  1.00 41.99 ? 458 HIS A CE1 1 
ATOM   1014 N NE2 . HIS A 1 124 ? -15.779 7.311   -6.644  1.00 42.83 ? 458 HIS A NE2 1 
ATOM   1015 N N   . TYR A 1 125 ? -10.722 2.813   -6.116  1.00 22.98 ? 459 TYR A N   1 
ATOM   1016 C CA  . TYR A 1 125 ? -9.400  2.230   -5.969  1.00 21.71 ? 459 TYR A CA  1 
ATOM   1017 C C   . TYR A 1 125 ? -9.485  0.798   -6.415  1.00 18.59 ? 459 TYR A C   1 
ATOM   1018 O O   . TYR A 1 125 ? -9.437  -0.105  -5.616  1.00 17.18 ? 459 TYR A O   1 
ATOM   1019 C CB  . TYR A 1 125 ? -8.955  2.325   -4.511  1.00 24.79 ? 459 TYR A CB  1 
ATOM   1020 C CG  . TYR A 1 125 ? -8.983  3.741   -4.017  1.00 27.00 ? 459 TYR A CG  1 
ATOM   1021 C CD1 . TYR A 1 125 ? -8.041  4.659   -4.460  1.00 28.68 ? 459 TYR A CD1 1 
ATOM   1022 C CD2 . TYR A 1 125 ? -9.996  4.188   -3.159  1.00 27.88 ? 459 TYR A CD2 1 
ATOM   1023 C CE1 . TYR A 1 125 ? -8.102  5.995   -4.063  1.00 31.26 ? 459 TYR A CE1 1 
ATOM   1024 C CE2 . TYR A 1 125 ? -10.075 5.518   -2.760  1.00 29.03 ? 459 TYR A CE2 1 
ATOM   1025 C CZ  . TYR A 1 125 ? -9.124  6.420   -3.214  1.00 31.09 ? 459 TYR A CZ  1 
ATOM   1026 O OH  . TYR A 1 125 ? -9.179  7.739   -2.812  1.00 33.10 ? 459 TYR A OH  1 
ATOM   1027 N N   . PRO A 1 126 ? -9.591  0.574   -7.731  1.00 18.83 ? 460 PRO A N   1 
ATOM   1028 C CA  . PRO A 1 126 ? -9.698  -0.779  -8.274  1.00 16.90 ? 460 PRO A CA  1 
ATOM   1029 C C   . PRO A 1 126 ? -8.445  -1.640  -8.232  1.00 19.35 ? 460 PRO A C   1 
ATOM   1030 O O   . PRO A 1 126 ? -8.508  -2.839  -8.449  1.00 19.74 ? 460 PRO A O   1 
ATOM   1031 C CB  . PRO A 1 126 ? -10.180 -0.522  -9.698  1.00 16.19 ? 460 PRO A CB  1 
ATOM   1032 C CG  . PRO A 1 126 ? -9.527  0.758   -10.058 1.00 14.84 ? 460 PRO A CG  1 
ATOM   1033 C CD  . PRO A 1 126 ? -9.614  1.591   -8.808  1.00 17.56 ? 460 PRO A CD  1 
ATOM   1034 N N   . GLU A 1 127 ? -7.324  -1.074  -7.821  1.00 20.59 ? 461 GLU A N   1 
ATOM   1035 C CA  . GLU A 1 127 ? -6.088  -1.837  -7.818  1.00 19.53 ? 461 GLU A CA  1 
ATOM   1036 C C   . GLU A 1 127 ? -5.323  -1.570  -6.534  1.00 18.66 ? 461 GLU A C   1 
ATOM   1037 O O   . GLU A 1 127 ? -4.836  -0.464  -6.310  1.00 16.18 ? 461 GLU A O   1 
ATOM   1038 C CB  . GLU A 1 127 ? -5.263  -1.429  -9.050  1.00 21.89 ? 461 GLU A CB  1 
ATOM   1039 C CG  . GLU A 1 127 ? -4.097  -2.334  -9.437  1.00 21.62 ? 461 GLU A CG  1 
ATOM   1040 C CD  . GLU A 1 127 ? -3.441  -1.901  -10.755 1.00 22.89 ? 461 GLU A CD  1 
ATOM   1041 O OE1 . GLU A 1 127 ? -3.971  -0.991  -11.437 1.00 21.97 ? 461 GLU A OE1 1 
ATOM   1042 O OE2 . GLU A 1 127 ? -2.378  -2.449  -11.095 1.00 22.50 ? 461 GLU A OE2 1 
ATOM   1043 N N   . LEU A 1 128 ? -5.196  -2.608  -5.711  1.00 19.00 ? 462 LEU A N   1 
ATOM   1044 C CA  . LEU A 1 128 ? -4.528  -2.501  -4.424  1.00 18.32 ? 462 LEU A CA  1 
ATOM   1045 C C   . LEU A 1 128 ? -3.489  -3.606  -4.268  1.00 18.98 ? 462 LEU A C   1 
ATOM   1046 O O   . LEU A 1 128 ? -3.711  -4.724  -4.716  1.00 20.44 ? 462 LEU A O   1 
ATOM   1047 C CB  . LEU A 1 128 ? -5.577  -2.608  -3.297  1.00 15.48 ? 462 LEU A CB  1 
ATOM   1048 C CG  . LEU A 1 128 ? -6.908  -1.876  -3.423  1.00 13.94 ? 462 LEU A CG  1 
ATOM   1049 C CD1 . LEU A 1 128 ? -7.891  -2.466  -2.433  1.00 14.53 ? 462 LEU A CD1 1 
ATOM   1050 C CD2 . LEU A 1 128 ? -6.744  -0.376  -3.232  1.00 11.41 ? 462 LEU A CD2 1 
ATOM   1051 N N   . TYR A 1 129 ? -2.375  -3.305  -3.608  1.00 19.64 ? 463 TYR A N   1 
ATOM   1052 C CA  . TYR A 1 129 ? -1.315  -4.290  -3.397  1.00 20.55 ? 463 TYR A CA  1 
ATOM   1053 C C   . TYR A 1 129 ? -0.820  -4.170  -1.970  1.00 20.36 ? 463 TYR A C   1 
ATOM   1054 O O   . TYR A 1 129 ? -0.957  -3.127  -1.344  1.00 21.18 ? 463 TYR A O   1 
ATOM   1055 C CB  . TYR A 1 129 ? -0.101  -4.007  -4.303  1.00 21.00 ? 463 TYR A CB  1 
ATOM   1056 C CG  . TYR A 1 129 ? -0.358  -3.987  -5.798  1.00 22.06 ? 463 TYR A CG  1 
ATOM   1057 C CD1 . TYR A 1 129 ? -0.286  -5.166  -6.554  1.00 22.66 ? 463 TYR A CD1 1 
ATOM   1058 C CD2 . TYR A 1 129 ? -0.638  -2.798  -6.459  1.00 21.03 ? 463 TYR A CD2 1 
ATOM   1059 C CE1 . TYR A 1 129 ? -0.486  -5.158  -7.930  1.00 22.77 ? 463 TYR A CE1 1 
ATOM   1060 C CE2 . TYR A 1 129 ? -0.845  -2.778  -7.842  1.00 22.65 ? 463 TYR A CE2 1 
ATOM   1061 C CZ  . TYR A 1 129 ? -0.767  -3.961  -8.567  1.00 22.95 ? 463 TYR A CZ  1 
ATOM   1062 O OH  . TYR A 1 129 ? -0.965  -3.953  -9.925  1.00 22.79 ? 463 TYR A OH  1 
ATOM   1063 N N   . VAL A 1 130 ? -0.206  -5.229  -1.475  1.00 21.39 ? 464 VAL A N   1 
ATOM   1064 C CA  . VAL A 1 130 ? 0.375   -5.213  -0.149  1.00 21.99 ? 464 VAL A CA  1 
ATOM   1065 C C   . VAL A 1 130 ? 1.854   -5.429  -0.429  1.00 22.05 ? 464 VAL A C   1 
ATOM   1066 O O   . VAL A 1 130 ? 2.213   -6.278  -1.233  1.00 23.96 ? 464 VAL A O   1 
ATOM   1067 C CB  . VAL A 1 130 ? -0.134  -6.389  0.746   1.00 20.69 ? 464 VAL A CB  1 
ATOM   1068 C CG1 . VAL A 1 130 ? 0.547   -6.342  2.108   1.00 19.68 ? 464 VAL A CG1 1 
ATOM   1069 C CG2 . VAL A 1 130 ? -1.639  -6.328  0.921   1.00 19.27 ? 464 VAL A CG2 1 
ATOM   1070 N N   . LEU A 1 131 ? 2.709   -4.638  0.190   1.00 22.14 ? 465 LEU A N   1 
ATOM   1071 C CA  . LEU A 1 131 ? 4.135   -4.794  0.001   1.00 23.03 ? 465 LEU A CA  1 
ATOM   1072 C C   . LEU A 1 131 ? 4.658   -5.957  0.829   1.00 24.06 ? 465 LEU A C   1 
ATOM   1073 O O   . LEU A 1 131 ? 4.761   -5.887  2.054   1.00 24.03 ? 465 LEU A O   1 
ATOM   1074 C CB  . LEU A 1 131 ? 4.860   -3.505  0.369   1.00 22.92 ? 465 LEU A CB  1 
ATOM   1075 C CG  . LEU A 1 131 ? 6.388   -3.480  0.287   1.00 23.53 ? 465 LEU A CG  1 
ATOM   1076 C CD1 . LEU A 1 131 ? 6.904   -3.784  -1.118  1.00 22.81 ? 465 LEU A CD1 1 
ATOM   1077 C CD2 . LEU A 1 131 ? 6.833   -2.107  0.730   1.00 22.94 ? 465 LEU A CD2 1 
ATOM   1078 N N   . LYS A 1 132 ? 5.014   -7.038  0.156   1.00 25.54 ? 466 LYS A N   1 
ATOM   1079 C CA  . LYS A 1 132 ? 5.529   -8.198  0.848   1.00 25.10 ? 466 LYS A CA  1 
ATOM   1080 C C   . LYS A 1 132 ? 6.822   -7.882  1.610   1.00 26.04 ? 466 LYS A C   1 
ATOM   1081 O O   . LYS A 1 132 ? 7.765   -7.299  1.054   1.00 24.97 ? 466 LYS A O   1 
ATOM   1082 C CB  . LYS A 1 132 ? 5.735   -9.349  -0.127  1.00 26.16 ? 466 LYS A CB  1 
ATOM   1083 C CG  . LYS A 1 132 ? 5.990   -10.621 0.577   1.00 28.58 ? 466 LYS A CG  1 
ATOM   1084 C CD  . LYS A 1 132 ? 5.834   -11.814 -0.301  1.00 32.38 ? 466 LYS A CD  1 
ATOM   1085 C CE  . LYS A 1 132 ? 6.260   -13.072 0.469   1.00 35.15 ? 466 LYS A CE  1 
ATOM   1086 N NZ  . LYS A 1 132 ? 6.404   -14.304 -0.398  1.00 37.98 ? 466 LYS A NZ  1 
ATOM   1087 N N   . GLY A 1 133 ? 6.822   -8.228  2.906   1.00 26.74 ? 467 GLY A N   1 
ATOM   1088 C CA  . GLY A 1 133 ? 7.970   -8.002  3.781   1.00 23.25 ? 467 GLY A CA  1 
ATOM   1089 C C   . GLY A 1 133 ? 7.910   -6.691  4.532   1.00 22.53 ? 467 GLY A C   1 
ATOM   1090 O O   . GLY A 1 133 ? 8.755   -6.420  5.382   1.00 21.81 ? 467 GLY A O   1 
ATOM   1091 N N   . GLY A 1 134 ? 6.940   -5.861  4.181   1.00 22.69 ? 468 GLY A N   1 
ATOM   1092 C CA  . GLY A 1 134 ? 6.793   -4.576  4.830   1.00 25.26 ? 468 GLY A CA  1 
ATOM   1093 C C   . GLY A 1 134 ? 7.960   -3.630  4.676   1.00 27.35 ? 468 GLY A C   1 
ATOM   1094 O O   . GLY A 1 134 ? 8.736   -3.714  3.731   1.00 29.45 ? 468 GLY A O   1 
ATOM   1095 N N   . TYR A 1 135 ? 8.100   -2.718  5.624   1.00 27.10 ? 469 TYR A N   1 
ATOM   1096 C CA  . TYR A 1 135 ? 9.163   -1.750  5.558   1.00 26.62 ? 469 TYR A CA  1 
ATOM   1097 C C   . TYR A 1 135 ? 10.534  -2.298  5.944   1.00 28.89 ? 469 TYR A C   1 
ATOM   1098 O O   . TYR A 1 135 ? 11.555  -1.791  5.498   1.00 30.59 ? 469 TYR A O   1 
ATOM   1099 C CB  . TYR A 1 135 ? 8.808   -0.539  6.397   1.00 25.50 ? 469 TYR A CB  1 
ATOM   1100 C CG  . TYR A 1 135 ? 9.817   0.560   6.273   1.00 25.57 ? 469 TYR A CG  1 
ATOM   1101 C CD1 . TYR A 1 135 ? 9.783   1.450   5.211   1.00 24.50 ? 469 TYR A CD1 1 
ATOM   1102 C CD2 . TYR A 1 135 ? 10.832  0.714   7.238   1.00 26.35 ? 469 TYR A CD2 1 
ATOM   1103 C CE1 . TYR A 1 135 ? 10.753  2.467   5.111   1.00 25.38 ? 469 TYR A CE1 1 
ATOM   1104 C CE2 . TYR A 1 135 ? 11.794  1.721   7.143   1.00 23.79 ? 469 TYR A CE2 1 
ATOM   1105 C CZ  . TYR A 1 135 ? 11.749  2.591   6.093   1.00 23.32 ? 469 TYR A CZ  1 
ATOM   1106 O OH  . TYR A 1 135 ? 12.664  3.617   6.057   1.00 23.14 ? 469 TYR A OH  1 
ATOM   1107 N N   . LYS A 1 136 ? 10.566  -3.332  6.767   1.00 31.78 ? 470 LYS A N   1 
ATOM   1108 C CA  . LYS A 1 136 ? 11.821  -3.955  7.212   1.00 33.41 ? 470 LYS A CA  1 
ATOM   1109 C C   . LYS A 1 136 ? 12.614  -4.455  6.002   1.00 33.57 ? 470 LYS A C   1 
ATOM   1110 O O   . LYS A 1 136 ? 13.779  -4.081  5.808   1.00 33.43 ? 470 LYS A O   1 
ATOM   1111 C CB  . LYS A 1 136 ? 11.520  -5.139  8.136   1.00 33.86 ? 470 LYS A CB  1 
ATOM   1112 C CG  . LYS A 1 136 ? 12.750  -5.624  8.907   0.00 99.99 ? 470 LYS A CG  1 
ATOM   1113 C CD  . LYS A 1 136 ? 12.449  -6.805  9.833   0.00 99.99 ? 470 LYS A CD  1 
ATOM   1114 C CE  . LYS A 1 136 ? 13.679  -7.290  10.603  0.00 99.99 ? 470 LYS A CE  1 
ATOM   1115 N NZ  . LYS A 1 136 ? 13.391  -8.423  11.493  0.00 99.99 ? 470 LYS A NZ  1 
ATOM   1116 N N   . GLU A 1 137 ? 12.001  -5.299  5.168   1.00 34.74 ? 471 GLU A N   1 
ATOM   1117 C CA  . GLU A 1 137 ? 12.634  -5.853  3.970   1.00 36.27 ? 471 GLU A CA  1 
ATOM   1118 C C   . GLU A 1 137 ? 12.993  -4.747  2.988   1.00 34.26 ? 471 GLU A C   1 
ATOM   1119 O O   . GLU A 1 137 ? 14.142  -4.659  2.544   1.00 33.78 ? 471 GLU A O   1 
ATOM   1120 C CB  . GLU A 1 137 ? 11.722  -6.874  3.274   1.00 38.91 ? 471 GLU A CB  1 
ATOM   1121 C CG  . GLU A 1 137 ? 11.656  -8.241  3.950   1.00 44.29 ? 471 GLU A CG  1 
ATOM   1122 C CD  . GLU A 1 137 ? 13.029  -8.908  4.081   1.00 47.89 ? 471 GLU A CD  1 
ATOM   1123 O OE1 . GLU A 1 137 ? 13.802  -8.909  3.089   1.00 50.33 ? 471 GLU A OE1 1 
ATOM   1124 O OE2 . GLU A 1 137 ? 13.340  -9.429  5.178   1.00 49.87 ? 471 GLU A OE2 1 
ATOM   1125 N N   . PHE A 1 138 ? 12.029  -3.885  2.685   1.00 31.13 ? 472 PHE A N   1 
ATOM   1126 C CA  . PHE A 1 138 ? 12.271  -2.794  1.754   1.00 30.28 ? 472 PHE A CA  1 
ATOM   1127 C C   . PHE A 1 138 ? 13.455  -1.954  2.175   1.00 31.66 ? 472 PHE A C   1 
ATOM   1128 O O   . PHE A 1 138 ? 14.261  -1.575  1.338   1.00 32.38 ? 472 PHE A O   1 
ATOM   1129 C CB  . PHE A 1 138 ? 11.046  -1.889  1.606   1.00 27.68 ? 472 PHE A CB  1 
ATOM   1130 C CG  . PHE A 1 138 ? 11.204  -0.813  0.553   1.00 24.55 ? 472 PHE A CG  1 
ATOM   1131 C CD1 . PHE A 1 138 ? 10.886  -1.078  -0.780  1.00 24.09 ? 472 PHE A CD1 1 
ATOM   1132 C CD2 . PHE A 1 138 ? 11.636  0.467   0.895   1.00 23.73 ? 472 PHE A CD2 1 
ATOM   1133 C CE1 . PHE A 1 138 ? 10.993  -0.071  -1.766  1.00 22.77 ? 472 PHE A CE1 1 
ATOM   1134 C CE2 . PHE A 1 138 ? 11.750  1.484   -0.075  1.00 22.78 ? 472 PHE A CE2 1 
ATOM   1135 C CZ  . PHE A 1 138 ? 11.424  1.210   -1.413  1.00 22.83 ? 472 PHE A CZ  1 
ATOM   1136 N N   . PHE A 1 139 ? 13.544  -1.634  3.464   1.00 33.16 ? 473 PHE A N   1 
ATOM   1137 C CA  . PHE A 1 139 ? 14.646  -0.815  3.985   1.00 33.61 ? 473 PHE A CA  1 
ATOM   1138 C C   . PHE A 1 139 ? 16.029  -1.467  3.767   1.00 34.36 ? 473 PHE A C   1 
ATOM   1139 O O   . PHE A 1 139 ? 16.959  -0.828  3.266   1.00 33.50 ? 473 PHE A O   1 
ATOM   1140 C CB  . PHE A 1 139 ? 14.438  -0.487  5.475   1.00 30.86 ? 473 PHE A CB  1 
ATOM   1141 C CG  . PHE A 1 139 ? 15.564  0.325   6.074   1.00 30.64 ? 473 PHE A CG  1 
ATOM   1142 C CD1 . PHE A 1 139 ? 15.675  1.692   5.807   1.00 29.17 ? 473 PHE A CD1 1 
ATOM   1143 C CD2 . PHE A 1 139 ? 16.543  -0.287  6.867   1.00 30.46 ? 473 PHE A CD2 1 
ATOM   1144 C CE1 . PHE A 1 139 ? 16.744  2.431   6.308   1.00 28.78 ? 473 PHE A CE1 1 
ATOM   1145 C CE2 . PHE A 1 139 ? 17.618  0.452   7.374   1.00 29.30 ? 473 PHE A CE2 1 
ATOM   1146 C CZ  . PHE A 1 139 ? 17.714  1.813   7.088   1.00 28.54 ? 473 PHE A CZ  1 
ATOM   1147 N N   . MET A 1 140 ? 16.166  -2.724  4.174   1.00 35.83 ? 474 MET A N   1 
ATOM   1148 C CA  . MET A 1 140 ? 17.415  -3.442  3.999   1.00 38.94 ? 474 MET A CA  1 
ATOM   1149 C C   . MET A 1 140 ? 17.873  -3.507  2.525   1.00 37.72 ? 474 MET A C   1 
ATOM   1150 O O   . MET A 1 140 ? 19.075  -3.395  2.239   1.00 37.12 ? 474 MET A O   1 
ATOM   1151 C CB  . MET A 1 140 ? 17.270  -4.850  4.550   1.00 43.07 ? 474 MET A CB  1 
ATOM   1152 C CG  . MET A 1 140 ? 16.952  -4.887  6.028   1.00 49.28 ? 474 MET A CG  1 
ATOM   1153 S SD  . MET A 1 140 ? 16.780  -6.605  6.654   1.00 56.56 ? 474 MET A SD  1 
ATOM   1154 C CE  . MET A 1 140 ? 18.035  -6.565  8.031   1.00 53.86 ? 474 MET A CE  1 
ATOM   1155 N N   . LYS A 1 141 ? 16.917  -3.661  1.605   1.00 34.97 ? 475 LYS A N   1 
ATOM   1156 C CA  . LYS A 1 141 ? 17.201  -3.760  0.173   1.00 33.30 ? 475 LYS A CA  1 
ATOM   1157 C C   . LYS A 1 141 ? 17.204  -2.440  -0.596  1.00 34.20 ? 475 LYS A C   1 
ATOM   1158 O O   . LYS A 1 141 ? 17.952  -2.271  -1.554  1.00 36.78 ? 475 LYS A O   1 
ATOM   1159 C CB  . LYS A 1 141 ? 16.184  -4.681  -0.507  1.00 30.85 ? 475 LYS A CB  1 
ATOM   1160 C CG  . LYS A 1 141 ? 16.217  -6.113  -0.061  1.00 29.19 ? 475 LYS A CG  1 
ATOM   1161 C CD  . LYS A 1 141 ? 15.140  -6.886  -0.782  1.00 28.99 ? 475 LYS A CD  1 
ATOM   1162 C CE  . LYS A 1 141 ? 15.316  -8.377  -0.562  1.00 29.03 ? 475 LYS A CE  1 
ATOM   1163 N NZ  . LYS A 1 141 ? 14.345  -9.176  -1.367  1.00 30.15 ? 475 LYS A NZ  1 
ATOM   1164 N N   . CYS A 1 142 ? 16.377  -1.501  -0.179  1.00 33.70 ? 476 CYS A N   1 
ATOM   1165 C CA  . CYS A 1 142 ? 16.257  -0.246  -0.893  1.00 32.39 ? 476 CYS A CA  1 
ATOM   1166 C C   . CYS A 1 142 ? 16.315  0.956   0.007   1.00 33.17 ? 476 CYS A C   1 
ATOM   1167 O O   . CYS A 1 142 ? 15.479  1.874   -0.105  1.00 33.49 ? 476 CYS A O   1 
ATOM   1168 C CB  . CYS A 1 142 ? 14.944  -0.218  -1.678  1.00 31.01 ? 476 CYS A CB  1 
ATOM   1169 S SG  . CYS A 1 142 ? 14.713  -1.662  -2.698  1.00 30.83 ? 476 CYS A SG  1 
ATOM   1170 N N   . GLN A 1 143 ? 17.366  1.012   0.815   1.00 33.71 ? 477 GLN A N   1 
ATOM   1171 C CA  . GLN A 1 143 ? 17.538  2.114   1.733   1.00 35.31 ? 477 GLN A CA  1 
ATOM   1172 C C   . GLN A 1 143 ? 17.496  3.492   1.079   1.00 35.30 ? 477 GLN A C   1 
ATOM   1173 O O   . GLN A 1 143 ? 16.960  4.431   1.655   1.00 36.47 ? 477 GLN A O   1 
ATOM   1174 C CB  . GLN A 1 143 ? 18.817  1.941   2.530   1.00 37.41 ? 477 GLN A CB  1 
ATOM   1175 C CG  . GLN A 1 143 ? 19.108  3.118   3.407   1.00 40.45 ? 477 GLN A CG  1 
ATOM   1176 C CD  . GLN A 1 143 ? 20.297  2.896   4.295   1.00 42.70 ? 477 GLN A CD  1 
ATOM   1177 O OE1 . GLN A 1 143 ? 21.154  3.768   4.399   1.00 45.04 ? 477 GLN A OE1 1 
ATOM   1178 N NE2 . GLN A 1 143 ? 20.367  1.726   4.939   1.00 43.71 ? 477 GLN A NE2 1 
ATOM   1179 N N   . SER A 1 144 ? 18.010  3.613   -0.142  1.00 36.15 ? 478 SER A N   1 
ATOM   1180 C CA  . SER A 1 144 ? 18.016  4.907   -0.834  1.00 35.06 ? 478 SER A CA  1 
ATOM   1181 C C   . SER A 1 144 ? 16.629  5.414   -1.235  1.00 34.43 ? 478 SER A C   1 
ATOM   1182 O O   . SER A 1 144 ? 16.471  6.583   -1.593  1.00 33.80 ? 478 SER A O   1 
ATOM   1183 C CB  . SER A 1 144 ? 18.954  4.864   -2.053  1.00 35.41 ? 478 SER A CB  1 
ATOM   1184 O OG  . SER A 1 144 ? 18.830  3.640   -2.763  1.00 36.52 ? 478 SER A OG  1 
ATOM   1185 N N   . TYR A 1 145 ? 15.614  4.554   -1.171  1.00 34.51 ? 479 TYR A N   1 
ATOM   1186 C CA  . TYR A 1 145 ? 14.267  4.998   -1.547  1.00 35.54 ? 479 TYR A CA  1 
ATOM   1187 C C   . TYR A 1 145 ? 13.421  5.414   -0.321  1.00 34.21 ? 479 TYR A C   1 
ATOM   1188 O O   . TYR A 1 145 ? 12.249  5.810   -0.440  1.00 32.68 ? 479 TYR A O   1 
ATOM   1189 C CB  . TYR A 1 145 ? 13.547  3.915   -2.353  1.00 37.53 ? 479 TYR A CB  1 
ATOM   1190 C CG  . TYR A 1 145 ? 14.315  3.354   -3.527  1.00 38.97 ? 479 TYR A CG  1 
ATOM   1191 C CD1 . TYR A 1 145 ? 15.419  2.535   -3.321  1.00 40.40 ? 479 TYR A CD1 1 
ATOM   1192 C CD2 . TYR A 1 145 ? 13.881  3.563   -4.844  1.00 40.25 ? 479 TYR A CD2 1 
ATOM   1193 C CE1 . TYR A 1 145 ? 16.075  1.913   -4.376  1.00 42.47 ? 479 TYR A CE1 1 
ATOM   1194 C CE2 . TYR A 1 145 ? 14.526  2.948   -5.922  1.00 41.53 ? 479 TYR A CE2 1 
ATOM   1195 C CZ  . TYR A 1 145 ? 15.629  2.115   -5.675  1.00 43.33 ? 479 TYR A CZ  1 
ATOM   1196 O OH  . TYR A 1 145 ? 16.286  1.449   -6.700  1.00 44.76 ? 479 TYR A OH  1 
ATOM   1197 N N   . CYS A 1 146 ? 14.053  5.362   0.843   1.00 32.27 ? 480 CYS A N   1 
ATOM   1198 C CA  . CYS A 1 146 ? 13.412  5.690   2.103   1.00 30.58 ? 480 CYS A CA  1 
ATOM   1199 C C   . CYS A 1 146 ? 13.713  7.113   2.531   1.00 31.69 ? 480 CYS A C   1 
ATOM   1200 O O   . CYS A 1 146 ? 14.784  7.643   2.248   1.00 30.90 ? 480 CYS A O   1 
ATOM   1201 C CB  . CYS A 1 146 ? 13.874  4.698   3.168   1.00 26.74 ? 480 CYS A CB  1 
ATOM   1202 S SG  . CYS A 1 146 ? 13.546  2.985   2.761   1.00 25.98 ? 480 CYS A SG  1 
ATOM   1203 N N   . GLU A 1 147 ? 12.771  7.715   3.250   1.00 34.83 ? 481 GLU A N   1 
ATOM   1204 C CA  . GLU A 1 147 ? 12.894  9.075   3.754   1.00 37.93 ? 481 GLU A CA  1 
ATOM   1205 C C   . GLU A 1 147 ? 12.459  9.219   5.233   1.00 37.21 ? 481 GLU A C   1 
ATOM   1206 O O   . GLU A 1 147 ? 11.289  9.014   5.566   1.00 37.55 ? 481 GLU A O   1 
ATOM   1207 C CB  . GLU A 1 147 ? 12.065  10.019  2.893   1.00 40.77 ? 481 GLU A CB  1 
ATOM   1208 C CG  . GLU A 1 147 ? 12.236  11.482  3.279   1.00 45.93 ? 481 GLU A CG  1 
ATOM   1209 C CD  . GLU A 1 147 ? 11.174  12.398  2.679   1.00 50.31 ? 481 GLU A CD  1 
ATOM   1210 O OE1 . GLU A 1 147 ? 10.782  12.193  1.492   1.00 52.84 ? 481 GLU A OE1 1 
ATOM   1211 O OE2 . GLU A 1 147 ? 10.733  13.332  3.401   1.00 52.15 ? 481 GLU A OE2 1 
ATOM   1212 N N   . PRO A 1 148 ? 13.414  9.451   6.151   1.00 36.38 ? 482 PRO A N   1 
ATOM   1213 C CA  . PRO A 1 148 ? 14.858  9.571   5.916   1.00 35.47 ? 482 PRO A CA  1 
ATOM   1214 C C   . PRO A 1 148 ? 15.355  8.152   5.701   1.00 34.74 ? 482 PRO A C   1 
ATOM   1215 O O   . PRO A 1 148 ? 14.616  7.203   5.988   1.00 34.73 ? 482 PRO A O   1 
ATOM   1216 C CB  . PRO A 1 148 ? 15.383  10.169  7.238   1.00 35.45 ? 482 PRO A CB  1 
ATOM   1217 C CG  . PRO A 1 148 ? 14.394  9.703   8.259   1.00 36.48 ? 482 PRO A CG  1 
ATOM   1218 C CD  . PRO A 1 148 ? 13.068  9.882   7.519   1.00 36.57 ? 482 PRO A CD  1 
ATOM   1219 N N   . PRO A 1 149 ? 16.584  7.979   5.158   1.00 33.96 ? 483 PRO A N   1 
ATOM   1220 C CA  . PRO A 1 149 ? 17.138  6.634   4.916   1.00 32.82 ? 483 PRO A CA  1 
ATOM   1221 C C   . PRO A 1 149 ? 17.496  5.912   6.201   1.00 33.66 ? 483 PRO A C   1 
ATOM   1222 O O   . PRO A 1 149 ? 18.628  5.453   6.382   1.00 33.68 ? 483 PRO A O   1 
ATOM   1223 C CB  . PRO A 1 149 ? 18.365  6.919   4.066   1.00 32.35 ? 483 PRO A CB  1 
ATOM   1224 C CG  . PRO A 1 149 ? 18.769  8.296   4.483   1.00 32.01 ? 483 PRO A CG  1 
ATOM   1225 C CD  . PRO A 1 149 ? 17.461  9.025   4.598   1.00 31.35 ? 483 PRO A CD  1 
ATOM   1226 N N   . SER A 1 150 ? 16.493  5.757   7.061   1.00 33.68 ? 484 SER A N   1 
ATOM   1227 C CA  . SER A 1 150 ? 16.666  5.127   8.354   1.00 31.03 ? 484 SER A CA  1 
ATOM   1228 C C   . SER A 1 150 ? 15.469  4.274   8.696   1.00 28.71 ? 484 SER A C   1 
ATOM   1229 O O   . SER A 1 150 ? 14.437  4.325   8.047   1.00 28.71 ? 484 SER A O   1 
ATOM   1230 C CB  . SER A 1 150 ? 16.884  6.196   9.427   1.00 31.73 ? 484 SER A CB  1 
ATOM   1231 O OG  . SER A 1 150 ? 17.293  5.604   10.654  1.00 34.18 ? 484 SER A OG  1 
ATOM   1232 N N   . TYR A 1 151 ? 15.633  3.466   9.719   1.00 27.29 ? 485 TYR A N   1 
ATOM   1233 C CA  . TYR A 1 151 ? 14.590  2.582   10.159  1.00 27.28 ? 485 TYR A CA  1 
ATOM   1234 C C   . TYR A 1 151 ? 14.507  2.732   11.678  1.00 29.26 ? 485 TYR A C   1 
ATOM   1235 O O   . TYR A 1 151 ? 15.502  2.525   12.391  1.00 28.23 ? 485 TYR A O   1 
ATOM   1236 C CB  . TYR A 1 151 ? 14.973  1.165   9.777   1.00 25.12 ? 485 TYR A CB  1 
ATOM   1237 C CG  . TYR A 1 151 ? 14.091  0.067   10.323  1.00 25.24 ? 485 TYR A CG  1 
ATOM   1238 C CD1 . TYR A 1 151 ? 12.711  0.208   10.424  1.00 24.38 ? 485 TYR A CD1 1 
ATOM   1239 C CD2 . TYR A 1 151 ? 14.643  -1.152  10.655  1.00 25.82 ? 485 TYR A CD2 1 
ATOM   1240 C CE1 . TYR A 1 151 ? 11.927  -0.844  10.834  1.00 23.28 ? 485 TYR A CE1 1 
ATOM   1241 C CE2 . TYR A 1 151 ? 13.868  -2.209  11.065  1.00 24.97 ? 485 TYR A CE2 1 
ATOM   1242 C CZ  . TYR A 1 151 ? 12.517  -2.057  11.147  1.00 25.25 ? 485 TYR A CZ  1 
ATOM   1243 O OH  . TYR A 1 151 ? 11.782  -3.169  11.498  1.00 26.66 ? 485 TYR A OH  1 
ATOM   1244 N N   . ARG A 1 152 ? 13.335  3.134   12.161  1.00 29.58 ? 486 ARG A N   1 
ATOM   1245 C CA  . ARG A 1 152 ? 13.116  3.320   13.590  1.00 28.66 ? 486 ARG A CA  1 
ATOM   1246 C C   . ARG A 1 152 ? 11.951  2.460   14.067  1.00 29.12 ? 486 ARG A C   1 
ATOM   1247 O O   . ARG A 1 152 ? 10.802  2.909   14.047  1.00 31.10 ? 486 ARG A O   1 
ATOM   1248 C CB  . ARG A 1 152 ? 12.837  4.792   13.885  1.00 26.55 ? 486 ARG A CB  1 
ATOM   1249 C CG  . ARG A 1 152 ? 12.850  5.107   15.361  1.00 25.15 ? 486 ARG A CG  1 
ATOM   1250 C CD  . ARG A 1 152 ? 12.976  6.583   15.597  1.00 23.55 ? 486 ARG A CD  1 
ATOM   1251 N NE  . ARG A 1 152 ? 11.743  7.316   15.359  1.00 20.27 ? 486 ARG A NE  1 
ATOM   1252 C CZ  . ARG A 1 152 ? 11.668  8.629   15.456  1.00 18.94 ? 486 ARG A CZ  1 
ATOM   1253 N NH1 . ARG A 1 152 ? 12.752  9.313   15.771  1.00 19.71 ? 486 ARG A NH1 1 
ATOM   1254 N NH2 . ARG A 1 152 ? 10.510  9.251   15.294  1.00 18.36 ? 486 ARG A NH2 1 
ATOM   1255 N N   . PRO A 1 153 ? 12.209  1.183   14.413  1.00 27.89 ? 487 PRO A N   1 
ATOM   1256 C CA  . PRO A 1 153 ? 11.136  0.300   14.883  1.00 29.45 ? 487 PRO A CA  1 
ATOM   1257 C C   . PRO A 1 153 ? 10.649  0.596   16.336  1.00 32.72 ? 487 PRO A C   1 
ATOM   1258 O O   . PRO A 1 153 ? 11.329  1.281   17.121  1.00 32.05 ? 487 PRO A O   1 
ATOM   1259 C CB  . PRO A 1 153 ? 11.782  -1.075  14.792  1.00 27.34 ? 487 PRO A CB  1 
ATOM   1260 C CG  . PRO A 1 153 ? 13.187  -0.788  15.114  1.00 26.92 ? 487 PRO A CG  1 
ATOM   1261 C CD  . PRO A 1 153 ? 13.483  0.456   14.328  1.00 27.11 ? 487 PRO A CD  1 
ATOM   1262 N N   . MET A 1 154 ? 9.452   0.107   16.672  1.00 35.39 ? 488 MET A N   1 
ATOM   1263 C CA  . MET A 1 154 ? 8.902   0.288   18.023  1.00 37.63 ? 488 MET A CA  1 
ATOM   1264 C C   . MET A 1 154 ? 9.557   -0.728  18.940  1.00 37.81 ? 488 MET A C   1 
ATOM   1265 O O   . MET A 1 154 ? 10.045  -1.766  18.470  1.00 38.21 ? 488 MET A O   1 
ATOM   1266 C CB  . MET A 1 154 ? 7.392   0.032   18.057  1.00 38.02 ? 488 MET A CB  1 
ATOM   1267 C CG  . MET A 1 154 ? 6.545   0.930   17.179  1.00 39.41 ? 488 MET A CG  1 
ATOM   1268 S SD  . MET A 1 154 ? 6.759   2.695   17.458  1.00 41.24 ? 488 MET A SD  1 
ATOM   1269 C CE  . MET A 1 154 ? 5.419   3.021   18.696  1.00 40.70 ? 488 MET A CE  1 
ATOM   1270 N N   . HIS A 1 155 ? 9.542   -0.454  20.245  1.00 37.22 ? 489 HIS A N   1 
ATOM   1271 C CA  . HIS A 1 155 ? 10.129  -1.380  21.212  1.00 37.63 ? 489 HIS A CA  1 
ATOM   1272 C C   . HIS A 1 155 ? 9.133   -2.458  21.531  1.00 38.24 ? 489 HIS A C   1 
ATOM   1273 O O   . HIS A 1 155 ? 7.947   -2.317  21.260  1.00 37.10 ? 489 HIS A O   1 
ATOM   1274 C CB  . HIS A 1 155 ? 10.545  -0.664  22.485  1.00 37.24 ? 489 HIS A CB  1 
ATOM   1275 C CG  . HIS A 1 155 ? 11.578  0.394   22.264  1.00 37.60 ? 489 HIS A CG  1 
ATOM   1276 N ND1 . HIS A 1 155 ? 12.868  0.286   22.737  1.00 38.62 ? 489 HIS A ND1 1 
ATOM   1277 C CD2 . HIS A 1 155 ? 11.515  1.579   21.610  1.00 37.96 ? 489 HIS A CD2 1 
ATOM   1278 C CE1 . HIS A 1 155 ? 13.558  1.357   22.387  1.00 37.90 ? 489 HIS A CE1 1 
ATOM   1279 N NE2 . HIS A 1 155 ? 12.760  2.156   21.702  1.00 38.45 ? 489 HIS A NE2 1 
ATOM   1280 N N   . HIS A 1 156 ? 9.630   -3.589  22.005  1.00 41.63 ? 490 HIS A N   1 
ATOM   1281 C CA  . HIS A 1 156 ? 8.750   -4.685  22.351  1.00 44.69 ? 490 HIS A CA  1 
ATOM   1282 C C   . HIS A 1 156 ? 9.182   -5.165  23.707  1.00 46.80 ? 490 HIS A C   1 
ATOM   1283 O O   . HIS A 1 156 ? 10.323  -4.923  24.127  1.00 46.17 ? 490 HIS A O   1 
ATOM   1284 C CB  . HIS A 1 156 ? 8.847   -5.805  21.322  1.00 46.32 ? 490 HIS A CB  1 
ATOM   1285 C CG  . HIS A 1 156 ? 8.583   -5.345  19.928  1.00 48.34 ? 490 HIS A CG  1 
ATOM   1286 N ND1 . HIS A 1 156 ? 7.311   -5.247  19.407  1.00 49.73 ? 490 HIS A ND1 1 
ATOM   1287 C CD2 . HIS A 1 156 ? 9.418   -4.870  18.974  1.00 49.01 ? 490 HIS A CD2 1 
ATOM   1288 C CE1 . HIS A 1 156 ? 7.370   -4.722  18.195  1.00 50.11 ? 490 HIS A CE1 1 
ATOM   1289 N NE2 . HIS A 1 156 ? 8.638   -4.486  17.909  1.00 50.55 ? 490 HIS A NE2 1 
ATOM   1290 N N   . GLU A 1 157 ? 8.260   -5.817  24.400  1.00 49.95 ? 491 GLU A N   1 
ATOM   1291 C CA  . GLU A 1 157 ? 8.529   -6.311  25.738  1.00 53.28 ? 491 GLU A CA  1 
ATOM   1292 C C   . GLU A 1 157 ? 9.376   -7.577  25.772  1.00 56.90 ? 491 GLU A C   1 
ATOM   1293 O O   . GLU A 1 157 ? 9.040   -8.579  25.134  1.00 57.10 ? 491 GLU A O   1 
ATOM   1294 C CB  . GLU A 1 157 ? 7.218   -6.551  26.490  1.00 51.41 ? 491 GLU A CB  1 
ATOM   1295 C CG  . GLU A 1 157 ? 6.351   -5.313  26.709  1.00 49.12 ? 491 GLU A CG  1 
ATOM   1296 C CD  . GLU A 1 157 ? 6.945   -4.275  27.657  1.00 47.63 ? 491 GLU A CD  1 
ATOM   1297 O OE1 . GLU A 1 157 ? 8.009   -4.498  28.277  1.00 47.40 ? 491 GLU A OE1 1 
ATOM   1298 O OE2 . GLU A 1 157 ? 6.325   -3.209  27.777  1.00 47.21 ? 491 GLU A OE2 1 
ATOM   1299 N N   . ASP A 1 158 ? 10.499  -7.495  26.481  1.00 61.40 ? 492 ASP A N   1 
ATOM   1300 C CA  . ASP A 1 158 ? 11.383  -8.644  26.654  1.00 66.31 ? 492 ASP A CA  1 
ATOM   1301 C C   . ASP A 1 158 ? 10.831  -9.528  27.768  1.00 68.62 ? 492 ASP A C   1 
ATOM   1302 O O   . ASP A 1 158 ? 11.314  -10.645 27.980  1.00 69.17 ? 492 ASP A O   1 
ATOM   1303 C CB  . ASP A 1 158 ? 12.826  -8.213  26.958  1.00 67.33 ? 492 ASP A CB  1 
ATOM   1304 C CG  . ASP A 1 158 ? 12.917  -7.135  28.021  1.00 68.12 ? 492 ASP A CG  1 
ATOM   1305 O OD1 . ASP A 1 158 ? 12.403  -6.018  27.783  1.00 68.55 ? 492 ASP A OD1 1 
ATOM   1306 O OD2 . ASP A 1 158 ? 13.537  -7.389  29.078  1.00 68.82 ? 492 ASP A OD2 1 
ATOM   1307 N N   . PHE A 1 159 ? 9.841   -9.001  28.493  1.00 72.64 ? 493 PHE A N   1 
ATOM   1308 C CA  . PHE A 1 159 ? 9.171   -9.728  29.573  1.00 76.31 ? 493 PHE A CA  1 
ATOM   1309 C C   . PHE A 1 159 ? 8.235   -10.762 28.939  1.00 80.06 ? 493 PHE A C   1 
ATOM   1310 O O   . PHE A 1 159 ? 7.346   -10.452 28.131  1.00 80.60 ? 493 PHE A O   1 
ATOM   1311 C CB  . PHE A 1 159 ? 8.440   -8.773  30.570  1.00 74.16 ? 493 PHE A CB  1 
ATOM   1312 C CG  . PHE A 1 159 ? 6.921   -8.751  30.449  1.00 72.41 ? 493 PHE A CG  1 
ATOM   1313 C CD1 . PHE A 1 159 ? 6.133   -9.718  31.078  1.00 71.93 ? 493 PHE A CD1 1 
ATOM   1314 C CD2 . PHE A 1 159 ? 6.282   -7.762  29.703  1.00 71.47 ? 493 PHE A CD2 1 
ATOM   1315 C CE1 . PHE A 1 159 ? 4.735   -9.701  30.958  1.00 71.56 ? 493 PHE A CE1 1 
ATOM   1316 C CE2 . PHE A 1 159 ? 4.885   -7.736  29.579  1.00 70.75 ? 493 PHE A CE2 1 
ATOM   1317 C CZ  . PHE A 1 159 ? 4.113   -8.706  30.204  1.00 71.00 ? 493 PHE A CZ  1 
ATOM   1318 N N   . LYS A 1 160 ? 8.576   -12.013 29.207  1.00 84.14 ? 494 LYS A N   1 
ATOM   1319 C CA  . LYS A 1 160 ? 7.855   -13.185 28.738  1.00 87.86 ? 494 LYS A CA  1 
ATOM   1320 C C   . LYS A 1 160 ? 8.550   -14.287 29.550  1.00 90.74 ? 494 LYS A C   1 
ATOM   1321 O O   . LYS A 1 160 ? 8.753   -15.416 29.091  1.00 91.51 ? 494 LYS A O   1 
ATOM   1322 C CB  . LYS A 1 160 ? 8.050   -13.371 27.221  1.00 87.47 ? 494 LYS A CB  1 
ATOM   1323 C CG  . LYS A 1 160 ? 6.768   -13.238 26.384  1.00 87.07 ? 494 LYS A CG  1 
ATOM   1324 C CD  . LYS A 1 160 ? 5.936   -14.515 26.446  1.00 86.73 ? 494 LYS A CD  1 
ATOM   1325 C CE  . LYS A 1 160 ? 6.699   -15.678 25.822  1.00 86.55 ? 494 LYS A CE  1 
ATOM   1326 N NZ  . LYS A 1 160 ? 6.072   -16.997 26.091  1.00 86.77 ? 494 LYS A NZ  1 
ATOM   1327 N N   . GLU A 1 161 ? 8.947   -13.887 30.761  1.00 93.51 ? 495 GLU A N   1 
ATOM   1328 C CA  . GLU A 1 161 ? 9.631   -14.724 31.746  1.00 95.44 ? 495 GLU A CA  1 
ATOM   1329 C C   . GLU A 1 161 ? 8.962   -14.501 33.120  1.00 96.51 ? 495 GLU A C   1 
ATOM   1330 O O   . GLU A 1 161 ? 9.148   -15.291 34.050  1.00 96.69 ? 495 GLU A O   1 
ATOM   1331 C CB  . GLU A 1 161 ? 11.131  -14.376 31.787  1.00 95.55 ? 495 GLU A CB  1 
ATOM   1332 C CG  . GLU A 1 161 ? 11.456  -12.874 31.829  1.00 96.36 ? 495 GLU A CG  1 
ATOM   1333 C CD  . GLU A 1 161 ? 12.902  -12.559 31.441  1.00 96.97 ? 495 GLU A CD  1 
ATOM   1334 O OE1 . GLU A 1 161 ? 13.831  -13.184 32.002  1.00 97.42 ? 495 GLU A OE1 1 
ATOM   1335 O OE2 . GLU A 1 161 ? 13.111  -11.681 30.572  1.00 96.95 ? 495 GLU A OE2 1 
HETATM 1336 O O   . HOH B 2 .   ? 6.276   3.779   4.168   1.00 25.61 ? 4   HOH A O   1 
HETATM 1337 O O   . HOH B 2 .   ? 10.963  3.451   10.432  1.00 16.42 ? 5   HOH A O   1 
HETATM 1338 O O   . HOH B 2 .   ? -17.914 -2.216  -6.766  1.00 30.57 ? 6   HOH A O   1 
HETATM 1339 O O   . HOH B 2 .   ? 3.609   6.210   17.879  1.00 25.68 ? 7   HOH A O   1 
HETATM 1340 O O   . HOH B 2 .   ? -7.297  -4.857  -5.977  1.00 17.07 ? 8   HOH A O   1 
HETATM 1341 O O   . HOH B 2 .   ? -1.950  10.856  9.430   1.00 59.06 ? 9   HOH A O   1 
HETATM 1342 O O   . HOH B 2 .   ? -5.730  1.135   -11.470 1.00 17.20 ? 10  HOH A O   1 
HETATM 1343 O O   . HOH B 2 .   ? -6.370  1.427   -7.005  1.00 17.84 ? 11  HOH A O   1 
HETATM 1344 O O   . HOH B 2 .   ? 1.495   8.103   -1.148  1.00 29.32 ? 12  HOH A O   1 
HETATM 1345 O O   . HOH B 2 .   ? -20.095 -2.207  -5.108  1.00 30.23 ? 13  HOH A O   1 
HETATM 1346 O O   . HOH B 2 .   ? 3.571   -3.261  27.125  1.00 23.55 ? 14  HOH A O   1 
HETATM 1347 O O   . HOH B 2 .   ? 9.622   -5.215  1.519   1.00 29.20 ? 15  HOH A O   1 
HETATM 1348 O O   . HOH B 2 .   ? -11.004 -0.351  -3.401  1.00 26.47 ? 17  HOH A O   1 
HETATM 1349 O O   . HOH B 2 .   ? 2.090   10.161  11.055  1.00 25.94 ? 18  HOH A O   1 
HETATM 1350 O O   . HOH B 2 .   ? -4.770  -6.833  -3.234  1.00 21.34 ? 19  HOH A O   1 
HETATM 1351 O O   . HOH B 2 .   ? -8.555  -5.475  -0.857  1.00 33.44 ? 20  HOH A O   1 
HETATM 1352 O O   . HOH B 2 .   ? -7.365  -6.355  -3.216  1.00 23.65 ? 21  HOH A O   1 
HETATM 1353 O O   . HOH B 2 .   ? 12.968  4.930   19.095  1.00 47.29 ? 22  HOH A O   1 
HETATM 1354 O O   . HOH B 2 .   ? -18.319 -10.777 -8.780  1.00 23.54 ? 23  HOH A O   1 
HETATM 1355 O O   . HOH B 2 .   ? -10.407 -7.630  -0.088  1.00 33.88 ? 24  HOH A O   1 
HETATM 1356 O O   . HOH B 2 .   ? 5.592   -6.589  23.496  1.00 61.41 ? 26  HOH A O   1 
HETATM 1357 O O   . HOH B 2 .   ? 11.838  -10.168 -2.678  1.00 35.17 ? 28  HOH A O   1 
HETATM 1358 O O   . HOH B 2 .   ? -10.316 3.474   13.845  1.00 47.84 ? 29  HOH A O   1 
HETATM 1359 O O   . HOH B 2 .   ? -7.419  1.330   -13.247 1.00 28.80 ? 30  HOH A O   1 
HETATM 1360 O O   . HOH B 2 .   ? -14.076 1.566   -11.569 1.00 31.68 ? 32  HOH A O   1 
HETATM 1361 O O   . HOH B 2 .   ? 13.720  0.135   -12.137 1.00 42.63 ? 33  HOH A O   1 
HETATM 1362 O O   . HOH B 2 .   ? 1.515   10.825  6.474   1.00 29.88 ? 34  HOH A O   1 
HETATM 1363 O O   . HOH B 2 .   ? -5.207  2.583   -17.732 1.00 42.86 ? 35  HOH A O   1 
HETATM 1364 O O   . HOH B 2 .   ? -10.400 -5.599  7.315   1.00 40.87 ? 36  HOH A O   1 
HETATM 1365 O O   . HOH B 2 .   ? -11.025 2.008   -13.584 1.00 42.62 ? 37  HOH A O   1 
HETATM 1366 O O   . HOH B 2 .   ? -13.706 5.614   -10.147 1.00 50.31 ? 38  HOH A O   1 
HETATM 1367 O O   . HOH B 2 .   ? 0.251   -11.072 4.975   1.00 55.06 ? 39  HOH A O   1 
HETATM 1368 O O   . HOH B 2 .   ? -7.690  3.875   -12.091 1.00 39.64 ? 40  HOH A O   1 
HETATM 1369 O O   . HOH B 2 .   ? 9.963   -9.341  0.565   1.00 41.28 ? 43  HOH A O   1 
HETATM 1370 O O   . HOH B 2 .   ? -6.426  -13.119 -5.783  1.00 67.99 ? 45  HOH A O   1 
HETATM 1371 O O   . HOH B 2 .   ? 5.789   2.070   -18.374 1.00 39.38 ? 47  HOH A O   1 
HETATM 1372 O O   . HOH B 2 .   ? 8.961   -2.804  11.754  1.00 42.86 ? 49  HOH A O   1 
HETATM 1373 O O   . HOH B 2 .   ? 9.324   -11.250 2.472   1.00 53.20 ? 50  HOH A O   1 
HETATM 1374 O O   . HOH B 2 .   ? -14.510 -7.410  -3.402  1.00 44.34 ? 51  HOH A O   1 
HETATM 1375 O O   . HOH B 2 .   ? 8.857   -3.899  -12.163 1.00 41.85 ? 52  HOH A O   1 
HETATM 1376 O O   . HOH B 2 .   ? 0.097   -11.987 -4.758  1.00 36.78 ? 53  HOH A O   1 
HETATM 1377 O O   . HOH B 2 .   ? -8.355  -8.740  -3.922  1.00 45.06 ? 55  HOH A O   1 
HETATM 1378 O O   . HOH B 2 .   ? -12.670 -6.551  0.867   1.00 37.57 ? 56  HOH A O   1 
HETATM 1379 O O   . HOH B 2 .   ? 8.954   -10.483 -2.026  1.00 40.08 ? 57  HOH A O   1 
HETATM 1380 O O   . HOH B 2 .   ? 7.557   -2.087  15.534  1.00 55.62 ? 60  HOH A O   1 
HETATM 1381 O O   . HOH B 2 .   ? 14.800  10.863  18.225  1.00 48.12 ? 65  HOH A O   1 
HETATM 1382 O O   . HOH B 2 .   ? 0.409   -3.469  15.351  1.00 68.77 ? 66  HOH A O   1 
HETATM 1383 O O   . HOH B 2 .   ? 0.429   -2.998  18.168  1.00 49.55 ? 67  HOH A O   1 
HETATM 1384 O O   . HOH B 2 .   ? -2.336  7.401   13.815  1.00 65.37 ? 71  HOH A O   1 
HETATM 1385 O O   . HOH B 2 .   ? -9.744  5.366   -10.132 1.00 44.16 ? 73  HOH A O   1 
HETATM 1386 O O   . HOH B 2 .   ? 1.986   11.793  8.922   1.00 33.97 ? 78  HOH A O   1 
HETATM 1387 O O   . HOH B 2 .   ? 6.144   -5.357  -12.465 1.00 36.26 ? 80  HOH A O   1 
HETATM 1388 O O   . HOH B 2 .   ? -24.273 -3.346  -11.048 1.00 46.70 ? 81  HOH A O   1 
HETATM 1389 O O   . HOH B 2 .   ? 6.015   11.727  2.514   1.00 48.08 ? 82  HOH A O   1 
HETATM 1390 O O   . HOH B 2 .   ? -15.154 -4.703  5.742   1.00 55.08 ? 84  HOH A O   1 
HETATM 1391 O O   . HOH B 2 .   ? 2.660   -12.985 3.154   1.00 38.98 ? 85  HOH A O   1 
HETATM 1392 O O   . HOH B 2 .   ? 5.814   -8.602  -7.129  1.00 36.30 ? 87  HOH A O   1 
HETATM 1393 O O   . HOH B 2 .   ? 16.296  8.842   -13.979 1.00 41.27 ? 96  HOH A O   1 
HETATM 1394 O O   . HOH B 2 .   ? 9.813   8.179   -6.380  1.00 63.52 ? 102 HOH A O   1 
HETATM 1395 O O   . HOH B 2 .   ? 11.742  8.339   -4.108  1.00 65.52 ? 103 HOH A O   1 
HETATM 1396 O O   . HOH B 2 .   ? 6.034   7.766   -3.855  1.00 54.71 ? 104 HOH A O   1 
HETATM 1397 O O   . HOH B 2 .   ? 2.983   7.692   -3.313  1.00 45.09 ? 105 HOH A O   1 
HETATM 1398 O O   . HOH B 2 .   ? 18.676  9.687   -2.748  1.00 80.05 ? 106 HOH A O   1 
HETATM 1399 O O   . HOH B 2 .   ? -3.359  12.726  -8.840  1.00 59.84 ? 107 HOH A O   1 
HETATM 1400 O O   . HOH B 2 .   ? 19.117  1.065   -2.473  1.00 54.95 ? 113 HOH A O   1 
HETATM 1401 O O   . HOH B 2 .   ? 21.664  3.370   -4.761  1.00 66.82 ? 114 HOH A O   1 
HETATM 1402 O O   . HOH B 2 .   ? 19.977  5.682   12.656  1.00 54.75 ? 115 HOH A O   1 
HETATM 1403 O O   . HOH B 2 .   ? 8.846   0.000   11.809  1.00 32.34 ? 116 HOH A O   1 
HETATM 1404 O O   . HOH B 2 .   ? 10.558  -4.385  15.757  1.00 40.49 ? 117 HOH A O   1 
HETATM 1405 O O   . HOH B 2 .   ? 6.613   4.341   -11.927 1.00 7.01  ? 901 HOH A O   1 
HETATM 1406 O O   . HOH B 2 .   ? 4.547   8.406   -7.938  1.00 32.31 ? 902 HOH A O   1 
HETATM 1407 O O   . HOH B 2 .   ? 5.923   15.195  -11.440 1.00 25.46 ? 905 HOH A O   1 
HETATM 1408 O O   . HOH B 2 .   ? 5.711   10.667  -12.610 1.00 22.96 ? 906 HOH A O   1 
HETATM 1409 O O   . HOH B 2 .   ? 8.384   8.316   -10.326 1.00 24.12 ? 907 HOH A O   1 
HETATM 1410 O O   . HOH B 2 .   ? 8.521   12.137  -14.956 1.00 25.62 ? 908 HOH A O   1 
HETATM 1411 O O   . HOH B 2 .   ? 9.114   9.782   -14.085 1.00 24.31 ? 909 HOH A O   1 
HETATM 1412 O O   . HOH B 2 .   ? 11.588  9.617   -12.501 1.00 23.30 ? 910 HOH A O   1 
HETATM 1413 O O   . HOH B 2 .   ? 5.270   6.241   -11.527 1.00 30.70 ? 911 HOH A O   1 
HETATM 1414 O O   . HOH B 2 .   ? 2.248   9.509   -10.904 1.00 36.24 ? 913 HOH A O   1 
HETATM 1415 O O   . HOH B 2 .   ? 6.084   7.023   -8.972  1.00 34.67 ? 915 HOH A O   1 
HETATM 1416 O O   . HOH B 2 .   ? 7.250   11.940  -8.676  1.00 35.61 ? 916 HOH A O   1 
HETATM 1417 O O   . HOH B 2 .   ? 9.200   10.008  -9.476  1.00 30.33 ? 917 HOH A O   1 
# 
